data_3HGK
#
_entry.id   3HGK
#
_cell.length_a   61.070
_cell.length_b   104.470
_cell.length_c   298.860
_cell.angle_alpha   90.00
_cell.angle_beta   90.00
_cell.angle_gamma   90.00
#
_symmetry.space_group_name_H-M   'P 21 21 21'
#
loop_
_entity.id
_entity.type
_entity.pdbx_description
1 polymer 'Protein kinase'
2 polymer 'Effector protein hopAB2'
#
loop_
_entity_poly.entity_id
_entity_poly.type
_entity_poly.pdbx_seq_one_letter_code
_entity_poly.pdbx_strand_id
1 'polypeptide(L)'
;MGSKYSKATNSINDALSSSYLVPFESYRVPLVDLEEATNNFDHKFLIGHGVFGKVYKGVLRDGAKVALKRRTPESSQGIE
EFETEIETLSFCRHPHLVSLIGFCDERNEMILIYKYMENGNLKRHLYGSDLPTMSMSWEQRLEICIGAARGLHYLHTRAI
IHRDVKSINILLDENFVPKITDFGISKKGTELGQTHL(SEP)(TPO)VVKGTLGYIDPEYFIKGRLTEKSDVYSFGVVLF
EVLCARSAIVQSLPREMVNLAEWAVESHNNGQLEQIVDPNLADKIRPESLRKFGDTAVKCLALSSEDRPSMGDVLWKLEY
ALRLQESVIHHHHHH
;
A,B,C,D
2 'polypeptide(L)'
;PRRGAVAHANSIVQQLVSEGADISHTRNMLRNAMNGDAVAFSRVEQNIFRQHFPNMPMHGISRDSELAIELRGALRRAVH
QQAAS
;
E,F,G,H
#
# COMPACT_ATOMS: atom_id res chain seq x y z
N LEU A 31 4.57 -3.44 -48.21
CA LEU A 31 5.07 -2.04 -48.37
C LEU A 31 6.38 -2.01 -49.22
N VAL A 32 7.44 -2.59 -48.64
CA VAL A 32 8.78 -2.71 -49.25
C VAL A 32 8.94 -4.18 -49.65
N ASP A 33 7.89 -4.96 -49.37
CA ASP A 33 7.96 -6.42 -49.47
C ASP A 33 7.05 -6.97 -50.54
N LEU A 34 7.35 -8.18 -51.01
CA LEU A 34 6.46 -8.86 -51.93
C LEU A 34 6.64 -10.39 -51.89
N GLU A 35 7.03 -10.91 -50.73
CA GLU A 35 6.99 -12.36 -50.49
C GLU A 35 5.62 -12.62 -49.86
N GLU A 36 4.57 -12.28 -50.62
CA GLU A 36 3.21 -12.17 -50.08
C GLU A 36 2.21 -13.13 -50.74
N ALA A 37 1.90 -14.22 -50.04
CA ALA A 37 0.94 -15.22 -50.52
C ALA A 37 -0.50 -14.69 -50.35
N THR A 38 -1.45 -15.31 -51.03
CA THR A 38 -2.85 -14.90 -50.96
C THR A 38 -3.88 -16.04 -50.83
N ASN A 39 -4.86 -15.81 -49.94
CA ASN A 39 -5.96 -16.74 -49.64
C ASN A 39 -5.87 -18.21 -50.10
N ASN A 40 -5.61 -19.08 -49.13
CA ASN A 40 -5.58 -20.52 -49.36
C ASN A 40 -6.99 -21.14 -49.28
N PHE A 41 -7.17 -22.09 -48.38
CA PHE A 41 -8.42 -22.83 -48.25
C PHE A 41 -9.27 -22.32 -47.08
N ASP A 42 -10.28 -23.10 -46.70
CA ASP A 42 -11.08 -22.85 -45.49
C ASP A 42 -10.47 -23.66 -44.34
N HIS A 43 -10.55 -23.07 -43.14
CA HIS A 43 -9.81 -23.55 -41.97
C HIS A 43 -10.14 -24.94 -41.38
N LYS A 44 -9.11 -25.78 -41.38
CA LYS A 44 -9.12 -27.10 -40.74
C LYS A 44 -8.57 -26.91 -39.31
N PHE A 45 -9.49 -26.65 -38.38
CA PHE A 45 -9.14 -26.37 -36.98
C PHE A 45 -7.96 -27.23 -36.53
N LEU A 46 -6.83 -26.58 -36.24
CA LEU A 46 -5.61 -27.32 -35.83
C LEU A 46 -4.62 -26.58 -34.91
N ILE A 47 -3.62 -27.31 -34.50
CA ILE A 47 -2.58 -26.97 -33.50
C ILE A 47 -2.86 -25.92 -32.41
N GLY A 48 -2.61 -24.69 -32.75
CA GLY A 48 -2.48 -23.67 -31.71
C GLY A 48 -3.56 -22.64 -31.49
N HIS A 49 -3.19 -21.73 -30.51
CA HIS A 49 -4.02 -20.59 -30.19
C HIS A 49 -3.06 -19.51 -29.70
N GLY A 50 -3.34 -18.22 -30.00
CA GLY A 50 -2.38 -17.16 -29.68
C GLY A 50 -2.97 -15.93 -28.99
N VAL A 51 -2.05 -15.08 -28.47
CA VAL A 51 -2.44 -13.87 -27.73
C VAL A 51 -3.49 -13.08 -28.54
N PHE A 52 -3.07 -12.54 -29.67
CA PHE A 52 -3.98 -11.96 -30.64
C PHE A 52 -3.89 -12.79 -31.93
N GLY A 53 -4.81 -13.74 -32.05
CA GLY A 53 -4.86 -14.62 -33.22
C GLY A 53 -4.97 -16.10 -32.93
N LYS A 54 -5.09 -16.88 -34.01
CA LYS A 54 -5.17 -18.33 -33.94
C LYS A 54 -4.01 -18.89 -34.76
N VAL A 55 -3.89 -20.22 -34.80
CA VAL A 55 -2.84 -20.85 -35.60
C VAL A 55 -3.38 -22.12 -36.22
N TYR A 56 -3.09 -22.32 -37.50
CA TYR A 56 -3.57 -23.50 -38.22
C TYR A 56 -2.49 -24.19 -39.04
N LYS A 57 -2.58 -25.52 -39.11
CA LYS A 57 -1.67 -26.32 -39.93
C LYS A 57 -2.33 -26.49 -41.30
N GLY A 58 -1.73 -25.86 -42.31
CA GLY A 58 -2.25 -25.89 -43.67
C GLY A 58 -1.24 -26.30 -44.72
N VAL A 59 -1.51 -27.43 -45.38
CA VAL A 59 -0.64 -27.93 -46.45
C VAL A 59 -0.86 -27.05 -47.71
N LEU A 60 0.23 -26.63 -48.33
CA LEU A 60 0.20 -25.72 -49.49
C LEU A 60 0.03 -26.46 -50.81
N ARG A 61 -0.01 -25.69 -51.91
CA ARG A 61 -0.16 -26.25 -53.24
C ARG A 61 1.05 -27.06 -53.67
N ASP A 62 2.23 -26.67 -53.20
CA ASP A 62 3.49 -27.34 -53.56
C ASP A 62 3.87 -28.53 -52.65
N GLY A 63 2.98 -28.84 -51.70
CA GLY A 63 3.20 -29.95 -50.76
C GLY A 63 3.85 -29.57 -49.43
N ALA A 64 4.21 -28.29 -49.30
CA ALA A 64 4.94 -27.79 -48.13
C ALA A 64 4.11 -27.69 -46.86
N LYS A 65 4.69 -28.18 -45.76
CA LYS A 65 4.05 -28.08 -44.45
C LYS A 65 4.31 -26.69 -43.88
N VAL A 66 3.23 -25.92 -43.76
CA VAL A 66 3.34 -24.52 -43.37
C VAL A 66 2.44 -24.16 -42.18
N ALA A 67 2.92 -23.26 -41.34
CA ALA A 67 2.19 -22.80 -40.15
C ALA A 67 1.54 -21.44 -40.42
N LEU A 68 0.30 -21.27 -39.97
CA LEU A 68 -0.46 -20.04 -40.22
C LEU A 68 -0.99 -19.37 -38.95
N LYS A 69 -0.50 -18.18 -38.68
CA LYS A 69 -0.85 -17.43 -37.48
C LYS A 69 -1.87 -16.31 -37.77
N ARG A 70 -3.10 -16.71 -38.11
CA ARG A 70 -4.20 -15.78 -38.40
C ARG A 70 -4.50 -14.84 -37.23
N ARG A 71 -4.48 -13.54 -37.47
CA ARG A 71 -4.64 -12.56 -36.40
C ARG A 71 -5.90 -11.69 -36.51
N THR A 72 -6.97 -12.29 -37.02
CA THR A 72 -8.28 -11.62 -37.15
C THR A 72 -9.10 -11.61 -35.84
N PRO A 73 -8.87 -12.60 -34.95
CA PRO A 73 -9.49 -12.53 -33.63
C PRO A 73 -8.92 -11.35 -32.82
N GLU A 74 -9.80 -10.44 -32.42
CA GLU A 74 -9.45 -9.29 -31.58
C GLU A 74 -8.30 -8.47 -32.15
N SER A 75 -8.59 -7.67 -33.18
CA SER A 75 -7.56 -6.78 -33.74
C SER A 75 -7.31 -5.61 -32.76
N SER A 76 -7.04 -5.98 -31.50
CA SER A 76 -6.74 -5.03 -30.42
C SER A 76 -5.26 -4.62 -30.55
N GLN A 77 -5.03 -3.67 -31.48
CA GLN A 77 -3.69 -3.23 -31.88
C GLN A 77 -2.82 -4.39 -32.41
N GLY A 78 -3.48 -5.46 -32.84
CA GLY A 78 -2.79 -6.60 -33.42
C GLY A 78 -2.14 -6.26 -34.75
N ILE A 79 -2.11 -4.96 -35.07
CA ILE A 79 -1.53 -4.48 -36.32
C ILE A 79 -0.05 -4.14 -36.18
N GLU A 80 0.31 -3.35 -35.17
CA GLU A 80 1.71 -2.95 -35.01
C GLU A 80 2.61 -4.16 -34.78
N GLU A 81 2.13 -5.11 -33.97
CA GLU A 81 2.84 -6.36 -33.73
C GLU A 81 3.05 -7.08 -35.06
N PHE A 82 1.96 -7.23 -35.82
CA PHE A 82 1.96 -7.94 -37.10
C PHE A 82 3.02 -7.39 -38.02
N GLU A 83 3.10 -6.07 -38.07
CA GLU A 83 4.05 -5.37 -38.91
C GLU A 83 5.48 -5.57 -38.45
N THR A 84 5.75 -5.27 -37.18
CA THR A 84 7.08 -5.46 -36.62
C THR A 84 7.57 -6.89 -36.89
N GLU A 85 6.65 -7.84 -36.88
CA GLU A 85 7.02 -9.24 -37.14
C GLU A 85 7.28 -9.50 -38.62
N ILE A 86 6.85 -8.58 -39.47
CA ILE A 86 7.15 -8.68 -40.91
C ILE A 86 8.51 -8.07 -41.21
N GLU A 87 8.74 -6.84 -40.74
CA GLU A 87 10.00 -6.17 -40.97
C GLU A 87 11.16 -6.85 -40.22
N THR A 88 11.02 -7.03 -38.90
CA THR A 88 12.07 -7.67 -38.09
C THR A 88 12.37 -9.09 -38.54
N LEU A 89 11.37 -9.78 -39.10
CA LEU A 89 11.57 -11.16 -39.49
C LEU A 89 11.78 -11.40 -41.00
N SER A 90 11.55 -10.39 -41.84
CA SER A 90 11.82 -10.53 -43.28
C SER A 90 13.32 -10.60 -43.59
N PHE A 91 14.13 -10.56 -42.51
CA PHE A 91 15.58 -10.76 -42.56
C PHE A 91 15.87 -12.25 -42.31
N CYS A 92 14.84 -13.09 -42.45
CA CYS A 92 14.86 -14.51 -42.05
C CYS A 92 16.09 -15.27 -42.50
N ARG A 93 17.23 -14.98 -41.88
CA ARG A 93 18.43 -15.68 -42.29
C ARG A 93 19.17 -16.30 -41.11
N HIS A 94 18.57 -17.37 -40.57
CA HIS A 94 19.19 -18.10 -39.48
C HIS A 94 18.63 -19.51 -39.26
N PRO A 95 19.47 -20.42 -38.72
CA PRO A 95 18.95 -21.75 -38.41
C PRO A 95 18.41 -21.87 -36.96
N HIS A 96 18.45 -20.78 -36.19
CA HIS A 96 17.93 -20.82 -34.81
C HIS A 96 16.81 -19.81 -34.57
N LEU A 97 16.12 -19.46 -35.65
CA LEU A 97 14.95 -18.57 -35.61
C LEU A 97 13.88 -19.19 -36.50
N VAL A 98 12.61 -19.05 -36.11
CA VAL A 98 11.53 -19.55 -36.97
C VAL A 98 11.51 -18.68 -38.22
N SER A 99 11.54 -19.34 -39.38
CA SER A 99 11.61 -18.66 -40.66
C SER A 99 10.23 -18.40 -41.27
N LEU A 100 9.95 -17.13 -41.57
CA LEU A 100 8.67 -16.70 -42.15
C LEU A 100 8.65 -16.83 -43.67
N ILE A 101 7.61 -17.49 -44.20
CA ILE A 101 7.48 -17.67 -45.65
C ILE A 101 6.76 -16.47 -46.29
N GLY A 102 5.56 -16.17 -45.81
CA GLY A 102 4.77 -15.08 -46.37
C GLY A 102 3.81 -14.40 -45.42
N PHE A 103 3.00 -13.49 -45.98
CA PHE A 103 1.99 -12.79 -45.22
C PHE A 103 0.75 -12.50 -46.06
N CYS A 104 -0.24 -11.85 -45.45
CA CYS A 104 -1.45 -11.45 -46.17
C CYS A 104 -2.16 -10.34 -45.41
N ASP A 105 -2.38 -9.22 -46.09
CA ASP A 105 -3.11 -8.08 -45.51
C ASP A 105 -4.42 -7.88 -46.28
N GLU A 106 -4.73 -8.87 -47.11
CA GLU A 106 -5.88 -8.82 -48.02
C GLU A 106 -7.24 -9.02 -47.34
N ARG A 107 -8.11 -8.03 -47.48
CA ARG A 107 -9.47 -8.06 -46.92
C ARG A 107 -9.49 -8.09 -45.39
N ASN A 108 -8.83 -7.10 -44.79
CA ASN A 108 -8.76 -6.89 -43.34
C ASN A 108 -8.00 -7.93 -42.52
N GLU A 109 -7.95 -9.15 -43.04
CA GLU A 109 -7.21 -10.27 -42.43
C GLU A 109 -5.73 -9.93 -42.36
N MET A 110 -5.01 -10.57 -41.44
CA MET A 110 -3.57 -10.41 -41.40
C MET A 110 -2.84 -11.64 -40.91
N ILE A 111 -2.81 -12.66 -41.77
CA ILE A 111 -2.17 -13.93 -41.43
C ILE A 111 -0.65 -13.88 -41.67
N LEU A 112 0.08 -14.79 -41.02
CA LEU A 112 1.54 -14.92 -41.17
C LEU A 112 1.88 -16.39 -41.42
N ILE A 113 2.84 -16.65 -42.29
CA ILE A 113 3.17 -18.02 -42.73
C ILE A 113 4.60 -18.43 -42.35
N TYR A 114 4.73 -19.62 -41.76
CA TYR A 114 6.02 -20.15 -41.29
C TYR A 114 6.19 -21.64 -41.60
N LYS A 115 7.41 -22.15 -41.45
CA LYS A 115 7.65 -23.59 -41.51
C LYS A 115 6.98 -24.27 -40.32
N TYR A 116 6.16 -25.29 -40.59
CA TYR A 116 5.56 -26.05 -39.51
C TYR A 116 6.67 -26.71 -38.70
N MET A 117 6.53 -26.65 -37.37
CA MET A 117 7.54 -27.19 -36.49
C MET A 117 7.04 -28.48 -35.86
N GLU A 118 7.62 -29.59 -36.33
CA GLU A 118 7.20 -30.94 -35.94
C GLU A 118 7.02 -31.17 -34.44
N ASN A 119 7.93 -30.62 -33.64
CA ASN A 119 7.97 -30.91 -32.20
C ASN A 119 7.30 -29.91 -31.26
N GLY A 120 6.68 -28.87 -31.81
CA GLY A 120 6.08 -27.82 -30.99
C GLY A 120 7.16 -27.09 -30.22
N ASN A 121 6.77 -26.39 -29.16
CA ASN A 121 7.75 -25.61 -28.39
C ASN A 121 8.59 -26.47 -27.45
N LEU A 122 9.55 -25.84 -26.77
CA LEU A 122 10.48 -26.54 -25.88
C LEU A 122 9.81 -26.99 -24.59
N LYS A 123 8.90 -26.16 -24.07
CA LYS A 123 8.15 -26.42 -22.84
C LYS A 123 7.41 -27.77 -22.90
N ARG A 124 6.76 -28.04 -24.04
CA ARG A 124 6.04 -29.30 -24.28
C ARG A 124 6.95 -30.55 -24.16
N HIS A 125 8.24 -30.32 -23.96
CA HIS A 125 9.23 -31.39 -23.78
C HIS A 125 9.88 -31.31 -22.39
N LEU A 126 9.43 -30.30 -21.62
CA LEU A 126 10.01 -30.08 -20.29
C LEU A 126 8.96 -30.25 -19.16
N TYR A 127 7.80 -29.91 -19.36
CA TYR A 127 6.68 -30.46 -18.61
C TYR A 127 5.40 -30.61 -19.42
N GLY A 128 4.59 -29.64 -19.50
CA GLY A 128 3.25 -29.51 -20.13
C GLY A 128 2.30 -30.65 -19.78
N SER A 129 2.33 -31.86 -20.50
CA SER A 129 1.45 -33.03 -20.38
C SER A 129 1.62 -33.91 -21.61
N ASP A 130 1.79 -35.21 -21.37
CA ASP A 130 2.00 -36.22 -22.42
C ASP A 130 3.40 -36.17 -23.07
N LEU A 131 3.48 -36.67 -24.31
CA LEU A 131 4.74 -36.87 -25.05
C LEU A 131 5.45 -38.14 -24.58
N PRO A 132 5.19 -39.29 -25.25
CA PRO A 132 5.81 -40.57 -24.91
C PRO A 132 7.34 -40.58 -25.09
N THR A 133 7.95 -41.77 -24.95
CA THR A 133 9.41 -41.94 -25.01
C THR A 133 10.11 -41.13 -23.93
N MET A 134 9.44 -41.05 -22.77
CA MET A 134 9.93 -40.32 -21.60
C MET A 134 10.38 -38.90 -21.98
N SER A 135 11.54 -38.49 -21.45
CA SER A 135 11.99 -37.11 -21.61
C SER A 135 13.25 -36.97 -22.46
N MET A 136 13.78 -35.74 -22.41
CA MET A 136 14.95 -35.33 -23.16
C MET A 136 16.20 -35.71 -22.37
N SER A 137 17.33 -35.88 -23.04
CA SER A 137 18.58 -36.16 -22.31
C SER A 137 19.13 -34.85 -21.74
N TRP A 138 20.34 -34.90 -21.19
CA TRP A 138 21.01 -33.67 -20.73
C TRP A 138 21.66 -33.04 -21.94
N GLU A 139 22.24 -33.89 -22.79
CA GLU A 139 22.82 -33.45 -24.04
C GLU A 139 21.73 -32.74 -24.84
N GLN A 140 20.75 -33.51 -25.31
CA GLN A 140 19.63 -32.93 -26.05
C GLN A 140 19.15 -31.62 -25.42
N ARG A 141 19.22 -31.54 -24.09
CA ARG A 141 18.84 -30.32 -23.39
C ARG A 141 19.86 -29.20 -23.65
N LEU A 142 21.14 -29.58 -23.68
CA LEU A 142 22.22 -28.62 -23.89
C LEU A 142 22.35 -28.14 -25.35
N GLU A 143 22.16 -29.06 -26.29
CA GLU A 143 22.12 -28.72 -27.70
C GLU A 143 21.10 -27.62 -27.87
N ILE A 144 19.97 -27.79 -27.20
CA ILE A 144 18.84 -26.89 -27.32
C ILE A 144 19.03 -25.63 -26.49
N CYS A 145 19.93 -25.67 -25.50
CA CYS A 145 20.26 -24.48 -24.72
C CYS A 145 21.24 -23.60 -25.47
N ILE A 146 22.27 -24.24 -26.03
CA ILE A 146 23.27 -23.58 -26.86
C ILE A 146 22.60 -23.07 -28.15
N GLY A 147 21.88 -23.95 -28.85
CA GLY A 147 21.13 -23.58 -30.03
C GLY A 147 20.36 -22.29 -29.80
N ALA A 148 19.41 -22.31 -28.88
CA ALA A 148 18.67 -21.11 -28.52
C ALA A 148 19.54 -19.87 -28.29
N ALA A 149 20.77 -20.08 -27.81
CA ALA A 149 21.64 -18.94 -27.44
C ALA A 149 22.14 -18.17 -28.65
N ARG A 150 22.59 -18.91 -29.66
CA ARG A 150 23.02 -18.31 -30.90
C ARG A 150 21.84 -17.49 -31.39
N GLY A 151 20.65 -18.08 -31.27
CA GLY A 151 19.40 -17.44 -31.62
C GLY A 151 19.36 -16.01 -31.13
N LEU A 152 19.45 -15.83 -29.81
CA LEU A 152 19.45 -14.47 -29.22
C LEU A 152 20.68 -13.66 -29.57
N HIS A 153 21.84 -14.26 -29.36
CA HIS A 153 23.13 -13.61 -29.62
C HIS A 153 23.07 -12.90 -30.96
N TYR A 154 22.72 -13.67 -32.00
CA TYR A 154 22.44 -13.15 -33.31
C TYR A 154 21.59 -11.87 -33.21
N LEU A 155 20.36 -11.99 -32.73
CA LEU A 155 19.48 -10.82 -32.60
C LEU A 155 20.09 -9.66 -31.80
N HIS A 156 20.99 -9.96 -30.88
CA HIS A 156 21.64 -8.89 -30.12
C HIS A 156 22.77 -8.28 -30.96
N THR A 157 23.28 -9.08 -31.90
CA THR A 157 24.27 -8.61 -32.86
C THR A 157 23.61 -7.62 -33.79
N ARG A 158 22.34 -7.85 -34.10
CA ARG A 158 21.58 -6.99 -35.00
C ARG A 158 20.68 -6.00 -34.26
N ALA A 159 21.19 -5.39 -33.19
CA ALA A 159 20.45 -4.39 -32.40
C ALA A 159 19.01 -4.79 -31.95
N ILE A 160 18.61 -6.04 -32.23
CA ILE A 160 17.28 -6.57 -31.88
C ILE A 160 17.19 -7.15 -30.45
N ILE A 161 16.29 -6.56 -29.66
CA ILE A 161 15.88 -7.10 -28.36
C ILE A 161 14.62 -7.93 -28.65
N HIS A 162 14.56 -9.16 -28.15
CA HIS A 162 13.36 -9.98 -28.34
C HIS A 162 12.26 -9.69 -27.32
N ARG A 163 12.65 -9.22 -26.14
CA ARG A 163 11.73 -8.85 -25.05
C ARG A 163 10.78 -9.94 -24.53
N ASP A 164 10.59 -11.00 -25.31
CA ASP A 164 9.70 -12.07 -24.93
C ASP A 164 10.34 -13.41 -25.22
N VAL A 165 11.45 -13.67 -24.53
CA VAL A 165 12.17 -14.95 -24.60
C VAL A 165 11.60 -15.91 -23.57
N LYS A 166 11.11 -17.06 -24.04
CA LYS A 166 10.50 -18.06 -23.17
C LYS A 166 10.38 -19.43 -23.84
N SER A 167 10.34 -20.47 -23.00
CA SER A 167 10.19 -21.88 -23.45
C SER A 167 9.16 -22.12 -24.58
N ILE A 168 8.04 -21.41 -24.54
CA ILE A 168 6.98 -21.53 -25.55
C ILE A 168 7.40 -20.92 -26.90
N ASN A 169 8.25 -19.90 -26.83
CA ASN A 169 8.68 -19.22 -28.03
C ASN A 169 9.88 -19.93 -28.72
N ILE A 170 10.28 -21.10 -28.23
CA ILE A 170 11.46 -21.79 -28.79
C ILE A 170 11.15 -23.11 -29.51
N LEU A 171 10.21 -23.07 -30.45
CA LEU A 171 9.84 -24.23 -31.29
C LEU A 171 11.02 -25.14 -31.69
N LEU A 172 10.71 -26.41 -31.94
CA LEU A 172 11.72 -27.36 -32.44
C LEU A 172 11.22 -28.02 -33.72
N ASP A 173 12.14 -28.45 -34.57
CA ASP A 173 11.78 -29.13 -35.81
C ASP A 173 12.11 -30.62 -35.79
N GLU A 174 12.09 -31.24 -36.95
CA GLU A 174 12.27 -32.67 -37.12
C GLU A 174 13.48 -33.32 -36.38
N ASN A 175 14.65 -32.69 -36.38
CA ASN A 175 15.78 -33.20 -35.56
C ASN A 175 16.02 -32.39 -34.28
N PHE A 176 14.93 -31.87 -33.71
CA PHE A 176 14.96 -31.09 -32.45
C PHE A 176 15.93 -29.90 -32.48
N VAL A 177 15.84 -29.13 -33.56
CA VAL A 177 16.65 -27.93 -33.67
C VAL A 177 15.80 -26.72 -33.27
N PRO A 178 16.26 -25.98 -32.25
CA PRO A 178 15.61 -24.78 -31.70
C PRO A 178 15.46 -23.62 -32.69
N LYS A 179 14.30 -22.96 -32.64
CA LYS A 179 14.01 -21.80 -33.48
C LYS A 179 13.17 -20.78 -32.69
N ILE A 180 13.67 -19.54 -32.56
CA ILE A 180 12.94 -18.50 -31.81
C ILE A 180 11.69 -18.03 -32.57
N THR A 181 10.71 -17.48 -31.84
CA THR A 181 9.49 -17.03 -32.50
C THR A 181 8.78 -15.90 -31.77
N ASP A 182 7.61 -15.54 -32.27
CA ASP A 182 6.82 -14.40 -31.79
C ASP A 182 7.69 -13.21 -31.41
N PHE A 183 8.06 -12.45 -32.44
CA PHE A 183 8.87 -11.27 -32.29
C PHE A 183 8.00 -10.05 -32.05
N GLY A 184 6.72 -10.15 -32.42
CA GLY A 184 5.74 -9.09 -32.21
C GLY A 184 6.02 -8.03 -31.15
N ILE A 185 6.54 -8.45 -30.00
CA ILE A 185 6.88 -7.52 -28.91
C ILE A 185 8.27 -6.88 -29.07
N SER A 186 9.09 -7.44 -29.96
CA SER A 186 10.50 -7.03 -30.11
C SER A 186 10.74 -5.56 -30.48
N LYS A 187 11.97 -5.13 -30.25
CA LYS A 187 12.40 -3.76 -30.50
C LYS A 187 13.77 -3.77 -31.22
N LYS A 188 14.07 -2.72 -31.98
CA LYS A 188 15.37 -2.58 -32.64
C LYS A 188 16.12 -1.33 -32.15
N GLY A 189 17.46 -1.40 -32.13
CA GLY A 189 18.30 -0.30 -31.67
C GLY A 189 19.10 0.43 -32.75
N THR A 190 19.57 1.63 -32.41
CA THR A 190 20.32 2.50 -33.34
C THR A 190 21.81 2.19 -33.36
N GLU A 191 22.45 2.38 -32.20
CA GLU A 191 23.89 2.21 -32.01
C GLU A 191 24.43 0.79 -32.32
N LEU A 192 23.53 -0.11 -32.73
CA LEU A 192 23.87 -1.50 -33.09
C LEU A 192 24.60 -2.26 -31.96
N GLY A 193 23.82 -2.68 -30.95
CA GLY A 193 24.36 -3.42 -29.82
C GLY A 193 24.27 -2.65 -28.51
N GLN A 194 25.06 -1.57 -28.42
CA GLN A 194 25.19 -0.77 -27.19
C GLN A 194 24.01 0.14 -26.87
N THR A 195 22.87 -0.10 -27.52
CA THR A 195 21.67 0.69 -27.25
C THR A 195 21.12 0.42 -25.85
N HIS A 196 20.92 1.50 -25.09
CA HIS A 196 20.30 1.42 -23.76
C HIS A 196 19.00 2.25 -23.74
N LEU A 197 18.15 1.98 -24.74
CA LEU A 197 16.88 2.68 -25.00
C LEU A 197 15.78 2.42 -23.97
N SEP A 198 14.73 3.26 -23.96
CA SEP A 198 13.58 3.04 -23.06
CB SEP A 198 13.75 3.84 -21.76
OG SEP A 198 13.01 5.05 -21.83
C SEP A 198 12.18 3.30 -23.69
O SEP A 198 11.89 4.38 -24.24
P SEP A 198 13.68 6.24 -20.94
O1P SEP A 198 12.99 6.31 -19.48
O2P SEP A 198 15.28 5.95 -20.74
O3P SEP A 198 13.44 7.66 -21.67
N TPO A 199 11.32 2.28 -23.54
CA TPO A 199 9.94 2.25 -24.05
CB TPO A 199 9.91 1.45 -25.37
CG2 TPO A 199 10.45 0.01 -25.20
OG1 TPO A 199 8.54 1.46 -25.82
P TPO A 199 8.07 1.05 -27.32
O1P TPO A 199 8.33 -0.44 -27.46
O2P TPO A 199 6.59 1.42 -27.35
O3P TPO A 199 8.93 1.92 -28.19
C TPO A 199 8.97 1.66 -23.00
O TPO A 199 9.36 1.46 -21.84
N VAL A 200 7.74 1.36 -23.41
CA VAL A 200 6.74 0.71 -22.54
C VAL A 200 7.16 -0.73 -22.18
N VAL A 201 6.83 -1.14 -20.95
CA VAL A 201 7.22 -2.45 -20.42
C VAL A 201 6.38 -3.57 -21.02
N LYS A 202 7.04 -4.63 -21.49
CA LYS A 202 6.34 -5.76 -22.12
C LYS A 202 7.06 -7.10 -21.98
N GLY A 203 6.28 -8.18 -21.89
CA GLY A 203 6.82 -9.52 -21.82
C GLY A 203 6.03 -10.42 -20.90
N THR A 204 6.50 -11.65 -20.72
CA THR A 204 5.79 -12.63 -19.90
C THR A 204 6.18 -12.51 -18.42
N LEU A 205 5.15 -12.30 -17.61
CA LEU A 205 5.26 -11.91 -16.19
C LEU A 205 6.34 -12.57 -15.33
N GLY A 206 6.73 -13.80 -15.66
CA GLY A 206 7.76 -14.47 -14.90
C GLY A 206 9.16 -14.27 -15.45
N TYR A 207 9.25 -14.04 -16.75
CA TYR A 207 10.52 -13.91 -17.44
C TYR A 207 11.02 -12.48 -17.48
N ILE A 208 10.11 -11.53 -17.41
CA ILE A 208 10.47 -10.13 -17.46
C ILE A 208 11.64 -9.83 -16.55
N ASP A 209 12.54 -8.99 -17.05
CA ASP A 209 13.61 -8.45 -16.26
C ASP A 209 12.95 -7.61 -15.17
N PRO A 210 13.26 -7.89 -13.89
CA PRO A 210 12.70 -7.06 -12.84
C PRO A 210 13.20 -5.61 -12.94
N GLU A 211 14.51 -5.44 -13.18
CA GLU A 211 15.10 -4.12 -13.36
C GLU A 211 14.32 -3.38 -14.44
N TYR A 212 14.21 -4.00 -15.61
CA TYR A 212 13.42 -3.44 -16.72
C TYR A 212 12.04 -3.00 -16.22
N PHE A 213 11.38 -3.89 -15.49
CA PHE A 213 10.06 -3.65 -14.94
C PHE A 213 10.06 -2.42 -14.02
N ILE A 214 10.91 -2.44 -12.99
CA ILE A 214 10.92 -1.39 -11.97
C ILE A 214 11.41 -0.02 -12.45
N LYS A 215 12.30 -0.03 -13.45
CA LYS A 215 12.91 1.19 -13.95
C LYS A 215 12.32 1.66 -15.30
N GLY A 216 12.21 0.74 -16.25
CA GLY A 216 11.68 1.07 -17.57
C GLY A 216 12.74 1.06 -18.67
N ARG A 217 14.00 1.27 -18.25
CA ARG A 217 15.13 1.26 -19.17
C ARG A 217 15.35 -0.16 -19.68
N LEU A 218 15.20 -0.31 -21.00
CA LEU A 218 15.31 -1.61 -21.66
C LEU A 218 16.66 -1.80 -22.32
N THR A 219 17.35 -2.88 -22.00
CA THR A 219 18.60 -3.20 -22.70
C THR A 219 18.53 -4.61 -23.31
N GLU A 220 19.62 -5.02 -23.96
CA GLU A 220 19.70 -6.33 -24.59
C GLU A 220 19.85 -7.42 -23.55
N LYS A 221 20.28 -7.04 -22.35
CA LYS A 221 20.52 -7.97 -21.23
C LYS A 221 19.22 -8.48 -20.62
N SER A 222 18.20 -7.64 -20.67
CA SER A 222 16.86 -8.02 -20.21
C SER A 222 16.44 -9.32 -20.85
N ASP A 223 17.00 -9.59 -22.03
CA ASP A 223 16.84 -10.86 -22.70
C ASP A 223 17.72 -11.93 -22.11
N VAL A 224 18.91 -11.52 -21.64
CA VAL A 224 19.85 -12.44 -20.99
C VAL A 224 19.19 -12.99 -19.74
N TYR A 225 18.63 -12.07 -18.92
CA TYR A 225 17.85 -12.48 -17.76
C TYR A 225 16.82 -13.54 -18.19
N SER A 226 15.91 -13.16 -19.09
CA SER A 226 14.91 -14.07 -19.57
C SER A 226 15.51 -15.41 -19.99
N PHE A 227 16.76 -15.39 -20.44
CA PHE A 227 17.37 -16.64 -20.91
C PHE A 227 17.73 -17.47 -19.70
N GLY A 228 18.35 -16.83 -18.70
CA GLY A 228 18.71 -17.50 -17.45
C GLY A 228 17.52 -18.26 -16.91
N VAL A 229 16.35 -17.63 -16.99
CA VAL A 229 15.11 -18.26 -16.60
C VAL A 229 14.86 -19.53 -17.41
N VAL A 230 14.88 -19.44 -18.74
CA VAL A 230 14.69 -20.64 -19.56
C VAL A 230 15.74 -21.67 -19.16
N LEU A 231 16.99 -21.21 -19.04
CA LEU A 231 18.12 -22.10 -18.71
C LEU A 231 17.74 -23.10 -17.64
N PHE A 232 17.28 -22.60 -16.48
CA PHE A 232 16.88 -23.47 -15.37
C PHE A 232 15.65 -24.22 -15.78
N GLU A 233 14.69 -23.50 -16.34
CA GLU A 233 13.46 -24.11 -16.84
C GLU A 233 13.75 -25.36 -17.68
N VAL A 234 15.02 -25.54 -18.06
CA VAL A 234 15.46 -26.72 -18.79
C VAL A 234 16.07 -27.71 -17.80
N LEU A 235 16.96 -27.18 -16.95
CA LEU A 235 17.60 -27.94 -15.89
C LEU A 235 16.55 -28.60 -15.02
N CYS A 236 15.51 -27.81 -14.54
CA CYS A 236 14.57 -28.23 -13.51
C CYS A 236 13.37 -28.96 -14.08
N ALA A 237 12.92 -28.49 -15.21
CA ALA A 237 11.73 -29.03 -15.87
C ALA A 237 10.51 -28.41 -15.18
N ARG A 238 10.80 -27.50 -14.26
CA ARG A 238 9.76 -26.71 -13.60
C ARG A 238 9.32 -25.71 -14.66
N SER A 239 8.76 -26.27 -15.73
CA SER A 239 8.19 -25.54 -16.85
C SER A 239 7.05 -24.67 -16.30
N ALA A 240 7.25 -24.24 -15.07
CA ALA A 240 6.33 -23.38 -14.35
C ALA A 240 6.92 -22.00 -14.22
N ILE A 241 8.26 -21.92 -14.17
CA ILE A 241 9.00 -20.66 -13.91
C ILE A 241 8.43 -19.85 -12.74
N VAL A 242 7.17 -19.44 -12.90
CA VAL A 242 6.37 -18.86 -11.84
C VAL A 242 5.16 -19.80 -11.63
N GLN A 243 5.18 -20.55 -10.52
CA GLN A 243 4.08 -21.41 -10.11
C GLN A 243 3.57 -20.94 -8.75
N SER A 244 2.27 -20.64 -8.70
CA SER A 244 1.64 -20.10 -7.50
C SER A 244 0.99 -21.16 -6.60
N LEU A 245 1.72 -22.23 -6.26
CA LEU A 245 1.20 -23.26 -5.35
C LEU A 245 2.15 -23.75 -4.21
N PRO A 246 3.42 -24.13 -4.51
CA PRO A 246 4.43 -24.29 -3.43
C PRO A 246 4.67 -23.00 -2.59
N ARG A 247 5.72 -22.93 -1.76
CA ARG A 247 5.88 -21.76 -0.87
C ARG A 247 6.36 -20.43 -1.49
N GLU A 248 7.30 -19.78 -0.80
CA GLU A 248 7.91 -18.56 -1.27
C GLU A 248 9.07 -19.00 -2.16
N MET A 249 8.94 -20.23 -2.63
CA MET A 249 9.85 -20.82 -3.59
C MET A 249 9.19 -20.77 -4.97
N VAL A 250 8.32 -19.78 -5.15
CA VAL A 250 7.47 -19.67 -6.32
C VAL A 250 8.19 -19.26 -7.61
N ASN A 251 9.07 -18.27 -7.54
CA ASN A 251 9.79 -17.82 -8.74
C ASN A 251 11.07 -18.62 -8.95
N LEU A 252 11.01 -19.59 -9.85
CA LEU A 252 12.16 -20.43 -10.14
C LEU A 252 13.46 -19.63 -10.30
N ALA A 253 13.31 -18.35 -10.68
CA ALA A 253 14.44 -17.45 -10.84
C ALA A 253 14.97 -17.09 -9.47
N GLU A 254 14.07 -16.60 -8.62
CA GLU A 254 14.39 -16.28 -7.24
C GLU A 254 14.89 -17.54 -6.53
N TRP A 255 14.39 -18.68 -6.99
CA TRP A 255 14.61 -19.94 -6.29
C TRP A 255 15.96 -20.58 -6.58
N ALA A 256 16.14 -21.12 -7.78
CA ALA A 256 17.40 -21.77 -8.13
C ALA A 256 18.60 -20.86 -7.82
N VAL A 257 18.37 -19.54 -7.86
CA VAL A 257 19.36 -18.58 -7.41
C VAL A 257 19.70 -18.81 -5.95
N GLU A 258 18.72 -18.71 -5.05
CA GLU A 258 18.99 -18.91 -3.62
C GLU A 258 19.66 -20.25 -3.33
N SER A 259 19.46 -21.22 -4.21
CA SER A 259 20.11 -22.53 -4.11
C SER A 259 21.57 -22.47 -4.60
N HIS A 260 21.76 -22.27 -5.90
CA HIS A 260 23.09 -22.31 -6.50
C HIS A 260 23.89 -21.03 -6.35
N ASN A 261 23.24 -19.93 -5.96
CA ASN A 261 23.98 -18.73 -5.70
C ASN A 261 24.67 -18.84 -4.35
N ASN A 262 24.01 -19.51 -3.41
CA ASN A 262 24.54 -19.63 -2.06
C ASN A 262 24.07 -20.87 -1.29
N GLY A 263 22.79 -20.83 -0.90
CA GLY A 263 22.23 -21.79 0.04
C GLY A 263 22.50 -23.29 -0.13
N GLN A 264 22.91 -23.80 -1.26
CA GLN A 264 23.21 -25.25 -1.40
C GLN A 264 23.74 -25.81 -2.73
N LEU A 265 23.93 -24.99 -3.75
CA LEU A 265 24.32 -25.52 -5.08
C LEU A 265 23.39 -26.72 -5.40
N GLU A 266 22.13 -26.61 -4.96
CA GLU A 266 21.20 -27.74 -4.96
C GLU A 266 21.14 -28.53 -6.26
N GLN A 267 21.26 -29.85 -6.12
CA GLN A 267 21.14 -30.78 -7.24
C GLN A 267 19.75 -31.39 -7.14
N ILE A 268 18.99 -30.89 -6.17
CA ILE A 268 17.68 -31.41 -5.83
C ILE A 268 16.58 -30.77 -6.70
N VAL A 269 16.90 -29.64 -7.33
CA VAL A 269 15.94 -28.87 -8.16
C VAL A 269 15.44 -29.56 -9.47
N ASP A 270 16.20 -30.53 -9.97
CA ASP A 270 15.91 -31.15 -11.28
C ASP A 270 15.01 -32.40 -11.26
N PRO A 271 14.64 -32.89 -12.45
CA PRO A 271 13.66 -33.97 -12.54
C PRO A 271 14.25 -35.32 -12.25
N ASN A 272 13.74 -36.32 -12.95
CA ASN A 272 14.35 -37.64 -13.01
C ASN A 272 15.45 -37.56 -14.08
N LEU A 273 16.23 -36.48 -13.99
CA LEU A 273 17.36 -36.29 -14.89
C LEU A 273 18.47 -37.26 -14.45
N ALA A 274 18.29 -37.82 -13.25
CA ALA A 274 19.18 -38.85 -12.67
C ALA A 274 20.60 -38.37 -12.35
N ASP A 275 21.53 -39.32 -12.31
CA ASP A 275 22.95 -39.03 -12.13
C ASP A 275 23.60 -38.84 -13.50
N LYS A 276 22.81 -38.38 -14.47
CA LYS A 276 23.26 -38.22 -15.87
C LYS A 276 24.21 -37.03 -16.04
N ILE A 277 23.91 -35.92 -15.36
CA ILE A 277 24.76 -34.72 -15.44
C ILE A 277 26.04 -34.89 -14.64
N ARG A 278 27.16 -34.54 -15.27
CA ARG A 278 28.45 -34.57 -14.60
C ARG A 278 28.45 -33.52 -13.49
N PRO A 279 29.19 -33.77 -12.39
CA PRO A 279 29.27 -32.79 -11.31
C PRO A 279 29.86 -31.45 -11.73
N GLU A 280 30.69 -31.47 -12.77
CA GLU A 280 31.36 -30.25 -13.18
C GLU A 280 30.54 -29.42 -14.17
N SER A 281 29.99 -30.07 -15.19
CA SER A 281 29.18 -29.37 -16.18
C SER A 281 27.99 -28.69 -15.49
N LEU A 282 27.39 -29.39 -14.53
CA LEU A 282 26.27 -28.87 -13.78
C LEU A 282 26.64 -27.61 -12.98
N ARG A 283 27.86 -27.57 -12.43
CA ARG A 283 28.27 -26.41 -11.64
C ARG A 283 28.51 -25.19 -12.53
N LYS A 284 28.76 -25.44 -13.81
CA LYS A 284 28.93 -24.39 -14.81
C LYS A 284 27.53 -23.97 -15.31
N PHE A 285 26.81 -24.93 -15.87
CA PHE A 285 25.49 -24.69 -16.45
C PHE A 285 24.63 -23.78 -15.60
N GLY A 286 24.74 -23.96 -14.29
CA GLY A 286 23.99 -23.14 -13.37
C GLY A 286 24.73 -21.87 -13.07
N ASP A 287 26.04 -21.99 -12.81
CA ASP A 287 26.84 -20.82 -12.46
C ASP A 287 26.56 -19.67 -13.41
N THR A 288 26.29 -20.03 -14.66
CA THR A 288 25.96 -19.10 -15.72
C THR A 288 24.51 -18.65 -15.59
N ALA A 289 23.59 -19.62 -15.59
CA ALA A 289 22.16 -19.33 -15.47
C ALA A 289 21.88 -18.35 -14.32
N VAL A 290 22.66 -18.47 -13.24
CA VAL A 290 22.63 -17.54 -12.10
C VAL A 290 23.22 -16.18 -12.49
N LYS A 291 24.30 -16.23 -13.28
CA LYS A 291 24.97 -15.03 -13.77
C LYS A 291 24.02 -14.23 -14.65
N CYS A 292 23.13 -14.94 -15.34
CA CYS A 292 22.13 -14.31 -16.20
C CYS A 292 21.08 -13.53 -15.41
N LEU A 293 20.84 -13.95 -14.17
CA LEU A 293 19.74 -13.42 -13.38
C LEU A 293 20.16 -12.35 -12.37
N ALA A 294 21.40 -11.87 -12.48
CA ALA A 294 21.90 -10.81 -11.58
C ALA A 294 20.89 -9.67 -11.45
N LEU A 295 20.83 -9.09 -10.25
CA LEU A 295 19.86 -8.02 -9.97
C LEU A 295 19.91 -6.87 -10.95
N SER A 296 21.12 -6.47 -11.35
CA SER A 296 21.27 -5.46 -12.38
C SER A 296 21.79 -6.07 -13.68
N SER A 297 21.33 -5.53 -14.81
CA SER A 297 21.83 -5.94 -16.13
C SER A 297 23.34 -5.78 -16.17
N GLU A 298 23.80 -4.73 -15.50
CA GLU A 298 25.21 -4.43 -15.33
C GLU A 298 26.07 -5.69 -15.22
N ASP A 299 25.70 -6.58 -14.30
CA ASP A 299 26.51 -7.76 -13.98
C ASP A 299 26.14 -9.01 -14.77
N ARG A 300 25.31 -8.85 -15.81
CA ARG A 300 24.95 -9.99 -16.64
C ARG A 300 25.99 -10.17 -17.74
N PRO A 301 26.05 -11.37 -18.34
CA PRO A 301 26.96 -11.58 -19.45
C PRO A 301 26.23 -11.37 -20.78
N SER A 302 26.91 -10.79 -21.77
CA SER A 302 26.32 -10.64 -23.10
C SER A 302 26.05 -12.03 -23.64
N MET A 303 25.00 -12.17 -24.45
CA MET A 303 24.64 -13.48 -24.99
C MET A 303 25.80 -14.15 -25.72
N GLY A 304 26.93 -13.44 -25.81
CA GLY A 304 28.15 -14.00 -26.39
C GLY A 304 28.80 -14.99 -25.43
N ASP A 305 29.17 -14.50 -24.25
CA ASP A 305 29.76 -15.35 -23.21
C ASP A 305 28.84 -16.54 -22.97
N VAL A 306 27.60 -16.24 -22.61
CA VAL A 306 26.58 -17.25 -22.32
C VAL A 306 26.53 -18.37 -23.34
N LEU A 307 26.83 -18.05 -24.61
CA LEU A 307 26.80 -19.02 -25.71
C LEU A 307 28.09 -19.84 -25.74
N TRP A 308 29.16 -19.25 -25.23
CA TRP A 308 30.43 -19.93 -25.11
C TRP A 308 30.41 -20.87 -23.90
N LYS A 309 30.03 -20.32 -22.74
CA LYS A 309 29.92 -21.08 -21.49
C LYS A 309 29.04 -22.31 -21.66
N LEU A 310 27.91 -22.12 -22.33
CA LEU A 310 26.98 -23.20 -22.63
C LEU A 310 27.68 -24.37 -23.31
N GLU A 311 28.27 -24.09 -24.48
CA GLU A 311 29.01 -25.11 -25.21
C GLU A 311 30.04 -25.76 -24.26
N TYR A 312 30.79 -24.90 -23.57
CA TYR A 312 31.85 -25.34 -22.66
C TYR A 312 31.39 -26.42 -21.67
N ALA A 313 30.17 -26.27 -21.17
CA ALA A 313 29.60 -27.24 -20.23
C ALA A 313 29.17 -28.51 -20.93
N LEU A 314 28.61 -28.40 -22.14
CA LEU A 314 28.30 -29.57 -22.95
C LEU A 314 29.59 -30.31 -23.23
N ARG A 315 30.68 -29.54 -23.32
CA ARG A 315 32.02 -30.08 -23.51
C ARG A 315 32.47 -30.77 -22.22
N LEU A 316 32.36 -30.04 -21.11
CA LEU A 316 32.70 -30.52 -19.76
C LEU A 316 32.06 -31.85 -19.42
N GLN A 317 31.01 -32.20 -20.14
CA GLN A 317 30.16 -33.32 -19.79
C GLN A 317 30.63 -34.63 -20.41
N GLU A 318 31.02 -34.58 -21.68
CA GLU A 318 31.49 -35.76 -22.40
C GLU A 318 33.02 -35.79 -22.46
N VAL B 32 23.39 6.22 47.07
CA VAL B 32 22.68 4.99 47.56
C VAL B 32 21.67 4.48 46.51
N ASP B 33 22.15 3.73 45.52
CA ASP B 33 21.26 3.07 44.55
C ASP B 33 21.73 1.66 44.14
N LEU B 34 20.76 0.83 43.71
CA LEU B 34 21.03 -0.58 43.37
C LEU B 34 20.25 -1.06 42.12
N GLU B 35 19.10 -0.44 41.87
CA GLU B 35 18.27 -0.74 40.70
C GLU B 35 18.91 -0.14 39.43
N GLU B 36 20.18 -0.47 39.22
CA GLU B 36 21.02 0.10 38.17
C GLU B 36 21.38 -1.00 37.16
N ALA B 37 20.49 -1.22 36.21
CA ALA B 37 20.75 -2.18 35.14
C ALA B 37 21.97 -1.70 34.36
N THR B 38 22.72 -2.64 33.76
CA THR B 38 23.93 -2.25 33.04
C THR B 38 24.04 -2.77 31.59
N ASN B 39 24.33 -1.84 30.68
CA ASN B 39 24.54 -2.05 29.24
C ASN B 39 24.06 -3.36 28.61
N ASN B 40 22.94 -3.25 27.90
CA ASN B 40 22.33 -4.37 27.21
C ASN B 40 23.05 -4.70 25.90
N PHE B 41 22.32 -4.57 24.79
CA PHE B 41 22.79 -5.00 23.47
C PHE B 41 23.34 -3.83 22.63
N ASP B 42 23.15 -3.94 21.32
CA ASP B 42 23.41 -2.87 20.36
C ASP B 42 22.09 -2.33 19.79
N HIS B 43 22.05 -1.01 19.64
CA HIS B 43 20.86 -0.25 19.25
C HIS B 43 20.09 -0.67 17.98
N LYS B 44 19.02 -1.44 18.22
CA LYS B 44 18.05 -1.82 17.17
C LYS B 44 17.12 -0.62 16.91
N PHE B 45 17.53 0.20 15.95
CA PHE B 45 16.84 1.45 15.63
C PHE B 45 15.31 1.29 15.65
N LEU B 46 14.64 2.14 16.45
CA LEU B 46 13.17 2.10 16.59
C LEU B 46 12.48 3.28 17.31
N ILE B 47 11.15 3.16 17.34
CA ILE B 47 10.13 4.00 18.03
C ILE B 47 10.21 5.48 18.40
N GLY B 48 11.14 5.91 19.26
CA GLY B 48 10.96 7.23 19.86
C GLY B 48 12.01 8.29 19.67
N HIS B 49 11.68 9.50 20.12
CA HIS B 49 12.59 10.63 20.11
C HIS B 49 12.03 11.74 21.01
N GLY B 50 12.90 12.53 21.63
CA GLY B 50 12.44 13.59 22.54
C GLY B 50 13.48 14.68 22.78
N VAL B 51 13.10 15.66 23.64
CA VAL B 51 13.93 16.85 23.93
C VAL B 51 15.46 16.62 23.92
N PHE B 52 15.99 16.09 25.02
CA PHE B 52 17.42 15.71 25.09
C PHE B 52 17.55 14.19 25.17
N GLY B 53 16.93 13.48 24.23
CA GLY B 53 17.03 12.03 24.20
C GLY B 53 16.28 11.31 23.08
N LYS B 54 16.85 10.20 22.66
CA LYS B 54 16.22 9.28 21.71
C LYS B 54 15.52 8.22 22.56
N VAL B 55 14.87 7.22 21.96
CA VAL B 55 14.16 6.18 22.73
C VAL B 55 13.99 4.89 21.96
N TYR B 56 14.65 3.82 22.41
CA TYR B 56 14.58 2.55 21.70
C TYR B 56 13.80 1.48 22.46
N LYS B 57 12.92 0.78 21.75
CA LYS B 57 12.27 -0.42 22.27
C LYS B 57 13.38 -1.47 22.46
N GLY B 58 13.04 -2.62 23.02
CA GLY B 58 14.04 -3.66 23.22
C GLY B 58 13.61 -4.73 24.19
N VAL B 59 14.27 -5.88 24.08
CA VAL B 59 13.99 -7.02 24.95
C VAL B 59 15.23 -7.34 25.78
N LEU B 60 15.03 -7.54 27.09
CA LEU B 60 16.11 -7.92 28.00
C LEU B 60 16.30 -9.44 27.93
N ARG B 61 16.98 -10.00 28.91
CA ARG B 61 17.21 -11.44 28.92
C ARG B 61 15.97 -12.21 29.41
N ASP B 62 15.19 -11.58 30.29
CA ASP B 62 13.98 -12.20 30.85
C ASP B 62 12.75 -12.14 29.93
N GLY B 63 12.97 -11.66 28.70
CA GLY B 63 11.92 -11.53 27.70
C GLY B 63 11.06 -10.30 27.90
N ALA B 64 11.59 -9.35 28.68
CA ALA B 64 10.83 -8.16 29.09
C ALA B 64 10.89 -7.00 28.10
N LYS B 65 9.73 -6.67 27.53
CA LYS B 65 9.58 -5.56 26.58
C LYS B 65 9.76 -4.22 27.29
N VAL B 66 10.95 -3.65 27.16
CA VAL B 66 11.29 -2.43 27.86
C VAL B 66 11.59 -1.28 26.87
N ALA B 67 11.19 -0.07 27.24
CA ALA B 67 11.47 1.10 26.42
C ALA B 67 12.63 1.90 27.03
N LEU B 68 13.65 2.20 26.22
CA LEU B 68 14.87 2.86 26.71
C LEU B 68 15.02 4.30 26.23
N LYS B 69 15.14 5.24 27.17
CA LYS B 69 15.29 6.64 26.82
C LYS B 69 16.74 7.08 26.89
N ARG B 70 17.43 7.04 25.74
CA ARG B 70 18.85 7.43 25.60
C ARG B 70 19.09 8.95 25.56
N ARG B 71 19.93 9.46 26.46
CA ARG B 71 20.10 10.91 26.57
C ARG B 71 21.56 11.35 26.38
N THR B 72 22.20 10.80 25.35
CA THR B 72 23.59 11.15 25.01
C THR B 72 23.71 12.28 23.95
N PRO B 73 22.66 12.47 23.11
CA PRO B 73 22.76 13.56 22.13
C PRO B 73 22.69 14.88 22.88
N GLU B 74 23.60 15.80 22.53
CA GLU B 74 23.73 17.10 23.22
C GLU B 74 23.47 16.99 24.71
N SER B 75 24.53 16.72 25.46
CA SER B 75 24.47 16.65 26.92
C SER B 75 24.18 18.06 27.46
N SER B 76 23.10 18.64 26.96
CA SER B 76 22.65 19.98 27.35
C SER B 76 21.65 19.88 28.51
N GLN B 77 22.19 20.05 29.72
CA GLN B 77 21.49 19.93 31.02
C GLN B 77 20.54 18.74 31.20
N GLY B 78 20.84 17.66 30.46
CA GLY B 78 20.08 16.43 30.57
C GLY B 78 20.53 15.56 31.73
N ILE B 79 21.49 16.05 32.51
CA ILE B 79 22.03 15.33 33.66
C ILE B 79 21.14 15.60 34.88
N GLU B 80 20.87 16.88 35.14
CA GLU B 80 20.03 17.29 36.28
C GLU B 80 18.63 16.73 36.16
N GLU B 81 18.08 16.78 34.94
CA GLU B 81 16.76 16.21 34.65
C GLU B 81 16.80 14.69 34.74
N PHE B 82 17.96 14.11 34.42
CA PHE B 82 18.18 12.67 34.52
C PHE B 82 18.12 12.24 35.97
N GLU B 83 18.70 13.08 36.82
CA GLU B 83 18.72 12.85 38.25
C GLU B 83 17.34 13.15 38.84
N THR B 84 16.75 14.27 38.44
CA THR B 84 15.41 14.66 38.93
C THR B 84 14.38 13.60 38.56
N GLU B 85 14.52 13.00 37.38
CA GLU B 85 13.61 11.95 36.97
C GLU B 85 13.90 10.60 37.66
N ILE B 86 15.05 10.49 38.32
CA ILE B 86 15.36 9.28 39.09
C ILE B 86 14.80 9.39 40.51
N GLU B 87 15.27 10.37 41.29
CA GLU B 87 14.79 10.52 42.66
C GLU B 87 13.26 10.55 42.64
N THR B 88 12.69 11.59 42.07
CA THR B 88 11.25 11.76 41.95
C THR B 88 10.52 10.51 41.45
N LEU B 89 11.19 9.71 40.63
CA LEU B 89 10.56 8.51 40.11
C LEU B 89 11.05 7.16 40.70
N SER B 90 12.26 7.13 41.29
CA SER B 90 12.71 5.91 42.00
C SER B 90 11.81 5.76 43.23
N PHE B 91 10.98 6.78 43.38
CA PHE B 91 9.89 6.84 44.33
C PHE B 91 8.71 6.03 43.74
N CYS B 92 9.06 5.22 42.73
CA CYS B 92 8.14 4.43 41.90
C CYS B 92 7.04 3.62 42.60
N ARG B 93 5.84 4.20 42.67
CA ARG B 93 4.69 3.42 43.08
C ARG B 93 3.32 3.98 42.70
N HIS B 94 2.85 3.54 41.55
CA HIS B 94 1.53 3.92 41.08
C HIS B 94 1.15 3.22 39.79
N PRO B 95 -0.15 2.98 39.58
CA PRO B 95 -0.73 2.51 38.32
C PRO B 95 -0.96 3.68 37.35
N HIS B 96 -0.90 4.92 37.86
CA HIS B 96 -1.05 6.09 37.01
C HIS B 96 0.20 6.92 36.97
N LEU B 97 1.32 6.20 36.98
CA LEU B 97 2.63 6.79 36.86
C LEU B 97 3.52 5.75 36.22
N VAL B 98 4.34 6.21 35.29
CA VAL B 98 5.25 5.34 34.53
C VAL B 98 6.34 4.79 35.45
N SER B 99 6.38 3.47 35.53
CA SER B 99 7.31 2.78 36.41
C SER B 99 8.74 2.70 35.85
N LEU B 100 9.69 3.33 36.56
CA LEU B 100 11.12 3.37 36.20
C LEU B 100 11.85 2.08 36.60
N ILE B 101 12.09 1.19 35.64
CA ILE B 101 12.72 -0.10 35.92
C ILE B 101 14.21 0.00 36.29
N GLY B 102 14.94 0.95 35.69
CA GLY B 102 16.36 1.07 35.98
C GLY B 102 17.07 2.31 35.45
N PHE B 103 18.41 2.28 35.50
CA PHE B 103 19.25 3.37 35.02
C PHE B 103 20.68 2.94 34.75
N CYS B 104 21.34 3.65 33.84
CA CYS B 104 22.76 3.47 33.60
C CYS B 104 23.47 4.82 33.53
N ASP B 105 24.31 5.08 34.53
CA ASP B 105 25.10 6.32 34.63
C ASP B 105 26.53 6.08 34.12
N GLU B 106 26.77 4.84 33.69
CA GLU B 106 28.09 4.34 33.30
C GLU B 106 28.50 4.66 31.84
N ARG B 107 29.77 5.07 31.70
CA ARG B 107 30.38 5.42 30.41
C ARG B 107 29.83 6.72 29.79
N ASN B 108 29.60 7.71 30.65
CA ASN B 108 29.05 9.02 30.25
C ASN B 108 27.66 8.98 29.59
N GLU B 109 27.13 7.77 29.45
CA GLU B 109 25.78 7.55 28.95
C GLU B 109 24.81 7.87 30.07
N MET B 110 23.53 8.05 29.75
CA MET B 110 22.51 8.19 30.78
C MET B 110 21.10 7.81 30.33
N ILE B 111 20.87 6.51 30.35
CA ILE B 111 19.65 5.89 29.85
C ILE B 111 18.70 5.45 30.99
N LEU B 112 17.42 5.78 30.81
CA LEU B 112 16.37 5.45 31.78
C LEU B 112 15.44 4.43 31.18
N ILE B 113 15.16 3.38 31.94
CA ILE B 113 14.41 2.21 31.47
C ILE B 113 12.97 2.22 32.01
N TYR B 114 12.04 1.63 31.27
CA TYR B 114 10.61 1.63 31.61
C TYR B 114 9.92 0.44 30.97
N LYS B 115 8.70 0.13 31.40
CA LYS B 115 7.90 -0.92 30.75
C LYS B 115 7.48 -0.39 29.38
N TYR B 116 7.39 -1.27 28.40
CA TYR B 116 6.93 -0.85 27.08
C TYR B 116 5.43 -0.51 27.05
N MET B 117 5.12 0.69 26.55
CA MET B 117 3.74 1.15 26.44
C MET B 117 3.15 0.83 25.07
N GLU B 118 2.42 -0.28 25.01
CA GLU B 118 1.83 -0.80 23.78
C GLU B 118 1.03 0.21 22.96
N ASN B 119 0.64 1.32 23.58
CA ASN B 119 -0.18 2.34 22.91
C ASN B 119 0.40 3.77 22.88
N GLY B 120 1.72 3.88 23.02
CA GLY B 120 2.37 5.19 22.97
C GLY B 120 1.61 6.21 23.76
N ASN B 121 1.58 7.45 23.30
CA ASN B 121 0.92 8.49 24.09
C ASN B 121 -0.57 8.69 23.77
N LEU B 122 -1.14 9.74 24.35
CA LEU B 122 -2.56 10.04 24.17
C LEU B 122 -2.78 10.82 22.89
N LYS B 123 -1.96 11.84 22.67
CA LYS B 123 -2.02 12.66 21.46
C LYS B 123 -2.16 11.75 20.25
N ARG B 124 -1.25 10.77 20.20
CA ARG B 124 -1.22 9.71 19.20
C ARG B 124 -2.61 9.15 18.83
N HIS B 125 -3.59 9.31 19.72
CA HIS B 125 -4.93 8.75 19.52
C HIS B 125 -6.02 9.79 19.21
N LEU B 126 -5.73 11.05 19.57
CA LEU B 126 -6.65 12.17 19.43
C LEU B 126 -6.59 12.83 18.03
N TYR B 127 -5.37 13.09 17.57
CA TYR B 127 -5.13 13.42 16.18
C TYR B 127 -3.84 12.82 15.62
N GLY B 128 -2.69 13.35 16.07
CA GLY B 128 -1.37 12.94 15.57
C GLY B 128 -1.33 12.57 14.10
N SER B 129 -1.49 11.28 13.84
CA SER B 129 -1.53 10.73 12.49
C SER B 129 -1.84 9.23 12.50
N ASP B 130 -2.82 8.85 11.67
CA ASP B 130 -3.23 7.45 11.44
C ASP B 130 -3.99 6.79 12.60
N LEU B 131 -3.74 5.49 12.80
CA LEU B 131 -4.44 4.68 13.79
C LEU B 131 -5.85 4.28 13.29
N PRO B 132 -5.97 3.05 12.73
CA PRO B 132 -7.25 2.50 12.25
C PRO B 132 -8.22 2.19 13.39
N THR B 133 -9.23 1.36 13.12
CA THR B 133 -10.31 1.05 14.09
C THR B 133 -11.07 2.34 14.46
N MET B 134 -10.72 3.41 13.75
CA MET B 134 -11.18 4.76 14.01
C MET B 134 -10.67 5.28 15.39
N SER B 135 -11.40 6.20 16.01
CA SER B 135 -10.94 6.82 17.24
C SER B 135 -11.46 6.16 18.51
N MET B 136 -11.41 6.90 19.62
CA MET B 136 -11.84 6.44 20.95
C MET B 136 -13.29 6.78 21.28
N SER B 137 -13.96 5.91 22.04
CA SER B 137 -15.30 6.20 22.55
C SER B 137 -15.22 7.22 23.70
N TRP B 138 -16.21 8.10 23.79
CA TRP B 138 -16.26 9.13 24.83
C TRP B 138 -15.84 8.56 26.19
N GLU B 139 -16.45 7.43 26.56
CA GLU B 139 -16.13 6.73 27.81
C GLU B 139 -14.62 6.59 27.97
N GLN B 140 -14.03 5.77 27.11
CA GLN B 140 -12.63 5.46 27.17
C GLN B 140 -11.73 6.69 27.23
N ARG B 141 -12.20 7.80 26.66
CA ARG B 141 -11.48 9.07 26.80
C ARG B 141 -11.49 9.45 28.27
N LEU B 142 -12.67 9.33 28.87
CA LEU B 142 -12.93 9.71 30.24
C LEU B 142 -12.23 8.81 31.24
N GLU B 143 -12.20 7.50 30.96
CA GLU B 143 -11.42 6.57 31.74
C GLU B 143 -10.02 7.14 31.89
N ILE B 144 -9.43 7.50 30.74
CA ILE B 144 -8.07 8.01 30.66
C ILE B 144 -7.92 9.38 31.32
N CYS B 145 -8.90 10.25 31.08
CA CYS B 145 -8.95 11.54 31.76
C CYS B 145 -8.87 11.36 33.27
N ILE B 146 -9.72 10.47 33.80
CA ILE B 146 -9.78 10.18 35.24
C ILE B 146 -8.47 9.57 35.71
N GLY B 147 -8.04 8.50 35.05
CA GLY B 147 -6.80 7.84 35.40
C GLY B 147 -5.70 8.86 35.56
N ALA B 148 -5.38 9.57 34.47
CA ALA B 148 -4.36 10.61 34.49
C ALA B 148 -4.55 11.56 35.67
N ALA B 149 -5.83 11.88 35.95
CA ALA B 149 -6.22 12.79 37.01
C ALA B 149 -5.78 12.25 38.37
N ARG B 150 -6.04 10.98 38.61
CA ARG B 150 -5.65 10.37 39.86
C ARG B 150 -4.14 10.61 40.01
N GLY B 151 -3.35 9.96 39.16
CA GLY B 151 -1.90 10.10 39.21
C GLY B 151 -1.38 11.51 39.44
N LEU B 152 -2.05 12.49 38.85
CA LEU B 152 -1.61 13.88 38.95
C LEU B 152 -1.95 14.48 40.31
N HIS B 153 -3.10 14.09 40.85
CA HIS B 153 -3.49 14.46 42.21
C HIS B 153 -2.44 13.88 43.17
N TYR B 154 -2.29 12.56 43.11
CA TYR B 154 -1.33 11.82 43.90
C TYR B 154 0.01 12.54 44.05
N LEU B 155 0.45 13.19 42.98
CA LEU B 155 1.70 13.93 42.99
C LEU B 155 1.62 15.23 43.80
N HIS B 156 0.45 15.87 43.76
CA HIS B 156 0.25 17.08 44.54
C HIS B 156 0.09 16.72 46.01
N THR B 157 -0.41 15.50 46.23
CA THR B 157 -0.60 14.90 47.55
C THR B 157 0.77 14.56 48.12
N ARG B 158 1.79 14.72 47.30
CA ARG B 158 3.16 14.42 47.68
C ARG B 158 4.07 15.64 47.47
N ALA B 159 3.45 16.81 47.37
CA ALA B 159 4.14 18.11 47.21
C ALA B 159 4.83 18.27 45.85
N ILE B 160 4.61 17.30 44.98
CA ILE B 160 5.26 17.25 43.67
C ILE B 160 4.43 17.95 42.56
N ILE B 161 5.10 18.79 41.79
CA ILE B 161 4.50 19.54 40.67
C ILE B 161 5.17 19.03 39.39
N HIS B 162 4.39 18.44 38.50
CA HIS B 162 4.93 17.82 37.28
C HIS B 162 5.53 18.85 36.33
N ARG B 163 4.90 20.02 36.24
CA ARG B 163 5.35 21.15 35.42
C ARG B 163 5.19 21.01 33.90
N ASP B 164 5.10 19.78 33.42
CA ASP B 164 5.05 19.50 31.99
C ASP B 164 3.96 18.49 31.66
N VAL B 165 2.73 18.88 31.97
CA VAL B 165 1.59 18.02 31.72
C VAL B 165 1.03 18.31 30.33
N LYS B 166 0.91 17.25 29.53
CA LYS B 166 0.32 17.31 28.18
C LYS B 166 0.03 15.91 27.61
N SER B 167 -0.89 15.85 26.65
CA SER B 167 -1.25 14.61 25.96
C SER B 167 -0.06 13.67 25.71
N ILE B 168 1.05 14.22 25.22
CA ILE B 168 2.25 13.42 24.86
C ILE B 168 2.89 12.74 26.06
N ASN B 169 2.81 13.38 27.21
CA ASN B 169 3.40 12.83 28.42
C ASN B 169 2.56 11.73 29.09
N ILE B 170 1.36 11.50 28.57
CA ILE B 170 0.52 10.43 29.10
C ILE B 170 0.56 9.23 28.17
N LEU B 171 1.40 8.26 28.50
CA LEU B 171 1.41 7.01 27.77
C LEU B 171 0.19 6.16 28.15
N LEU B 172 0.05 5.02 27.47
CA LEU B 172 -1.06 4.11 27.69
C LEU B 172 -0.55 2.70 27.41
N ASP B 173 -0.95 1.75 28.25
CA ASP B 173 -0.42 0.40 28.13
C ASP B 173 -1.38 -0.57 27.45
N GLU B 174 -1.07 -1.86 27.55
CA GLU B 174 -1.84 -2.95 26.96
C GLU B 174 -3.36 -2.89 27.18
N ASN B 175 -3.79 -2.09 28.15
CA ASN B 175 -5.20 -1.95 28.44
C ASN B 175 -5.61 -0.50 28.59
N PHE B 176 -4.91 0.38 27.89
CA PHE B 176 -5.21 1.82 27.87
C PHE B 176 -5.29 2.45 29.26
N VAL B 177 -4.34 2.12 30.12
CA VAL B 177 -4.33 2.69 31.42
C VAL B 177 -3.37 3.87 31.40
N PRO B 178 -3.88 5.10 31.64
CA PRO B 178 -3.03 6.30 31.70
C PRO B 178 -1.73 6.03 32.48
N LYS B 179 -0.71 6.86 32.31
CA LYS B 179 0.59 6.63 32.96
C LYS B 179 1.48 7.86 32.77
N ILE B 180 1.56 8.74 33.77
CA ILE B 180 2.30 10.01 33.61
C ILE B 180 3.81 9.81 33.46
N THR B 181 4.38 10.39 32.40
CA THR B 181 5.83 10.25 32.11
C THR B 181 6.60 11.57 32.11
N ASP B 182 7.90 11.47 31.81
CA ASP B 182 8.81 12.60 31.71
C ASP B 182 8.68 13.56 32.89
N PHE B 183 9.42 13.28 33.96
CA PHE B 183 9.32 14.09 35.17
C PHE B 183 10.42 15.11 35.24
N GLY B 184 11.59 14.77 34.70
CA GLY B 184 12.77 15.64 34.71
C GLY B 184 12.59 17.12 34.99
N ILE B 185 11.49 17.71 34.51
CA ILE B 185 11.20 19.13 34.73
C ILE B 185 10.64 19.38 36.13
N SER B 186 10.02 18.35 36.71
CA SER B 186 9.29 18.42 37.98
C SER B 186 10.03 19.01 39.20
N LYS B 187 9.24 19.63 40.07
CA LYS B 187 9.70 20.32 41.27
C LYS B 187 8.98 19.73 42.50
N LYS B 188 9.73 19.41 43.55
CA LYS B 188 9.13 18.90 44.79
C LYS B 188 9.24 19.90 45.97
N GLY B 189 8.10 20.22 46.57
CA GLY B 189 8.04 21.20 47.67
C GLY B 189 8.14 20.63 49.07
N THR B 190 8.16 21.53 50.05
CA THR B 190 8.28 21.14 51.45
C THR B 190 6.91 21.02 52.10
N GLU B 191 6.16 22.13 52.07
CA GLU B 191 4.89 22.26 52.79
C GLU B 191 3.87 21.18 52.41
N LEU B 192 4.26 20.29 51.50
CA LEU B 192 3.44 19.13 51.11
C LEU B 192 1.97 19.51 50.82
N GLY B 193 1.76 20.20 49.70
CA GLY B 193 0.41 20.57 49.28
C GLY B 193 0.20 22.08 49.19
N GLN B 194 0.31 22.76 50.34
CA GLN B 194 0.07 24.20 50.38
C GLN B 194 1.19 25.03 49.77
N THR B 195 2.16 24.34 49.16
CA THR B 195 3.30 25.00 48.53
C THR B 195 2.94 25.92 47.35
N HIS B 196 3.56 27.10 47.37
CA HIS B 196 3.44 28.11 46.32
C HIS B 196 4.86 28.71 46.15
N LEU B 197 5.75 27.89 45.59
CA LEU B 197 7.19 28.18 45.41
C LEU B 197 7.52 28.88 44.07
N SEP B 198 8.70 29.49 43.96
CA SEP B 198 9.05 30.23 42.73
CB SEP B 198 8.74 31.70 42.90
OG SEP B 198 9.89 32.40 43.37
C SEP B 198 10.49 30.06 42.12
O SEP B 198 11.53 30.40 42.76
P SEP B 198 9.44 33.92 43.76
O1P SEP B 198 9.44 34.87 42.43
O2P SEP B 198 7.93 33.82 44.37
O3P SEP B 198 10.48 34.58 44.82
N TPO B 199 10.52 29.59 40.86
CA TPO B 199 11.73 29.19 40.11
CB TPO B 199 11.86 27.66 40.26
CG2 TPO B 199 10.53 26.97 39.95
OG1 TPO B 199 12.89 27.14 39.40
P TPO B 199 13.71 25.75 39.64
O1P TPO B 199 12.78 24.60 39.29
O2P TPO B 199 14.91 25.85 38.70
O3P TPO B 199 14.11 25.79 41.11
C TPO B 199 11.65 29.54 38.63
O TPO B 199 10.67 30.12 38.15
N VAL B 200 12.69 29.13 37.90
CA VAL B 200 12.80 29.21 36.43
C VAL B 200 11.54 28.65 35.71
N VAL B 201 10.90 29.45 34.85
CA VAL B 201 9.62 29.05 34.19
C VAL B 201 9.78 27.93 33.16
N LYS B 202 9.15 26.78 33.42
CA LYS B 202 9.33 25.55 32.63
C LYS B 202 8.01 24.93 32.18
N GLY B 203 8.09 24.10 31.14
CA GLY B 203 6.94 23.42 30.57
C GLY B 203 6.78 23.70 29.09
N THR B 204 5.82 23.04 28.46
CA THR B 204 5.56 23.23 27.03
C THR B 204 4.86 24.56 26.78
N LEU B 205 5.35 25.29 25.77
CA LEU B 205 4.91 26.64 25.40
C LEU B 205 3.39 26.93 25.36
N GLY B 206 2.57 25.90 25.12
CA GLY B 206 1.11 26.09 25.06
C GLY B 206 0.31 25.67 26.28
N TYR B 207 0.91 24.82 27.14
CA TYR B 207 0.28 24.26 28.35
C TYR B 207 0.60 25.01 29.65
N ILE B 208 1.72 25.74 29.65
CA ILE B 208 2.15 26.59 30.77
C ILE B 208 1.04 27.37 31.47
N ASP B 209 1.21 27.58 32.77
CA ASP B 209 0.32 28.43 33.54
C ASP B 209 0.62 29.88 33.15
N PRO B 210 -0.35 30.58 32.54
CA PRO B 210 -0.12 31.96 32.10
C PRO B 210 0.19 32.87 33.29
N GLU B 211 -0.29 32.48 34.47
CA GLU B 211 0.00 33.18 35.71
C GLU B 211 1.40 32.80 36.20
N TYR B 212 1.77 31.53 36.03
CA TYR B 212 3.13 31.07 36.30
C TYR B 212 4.06 31.95 35.47
N PHE B 213 3.79 31.96 34.16
CA PHE B 213 4.58 32.68 33.17
C PHE B 213 4.67 34.18 33.48
N ILE B 214 3.58 34.90 33.29
CA ILE B 214 3.59 36.35 33.48
C ILE B 214 4.12 36.79 34.85
N LYS B 215 3.93 35.95 35.87
CA LYS B 215 4.26 36.31 37.26
C LYS B 215 5.55 35.66 37.79
N GLY B 216 5.58 34.32 37.84
CA GLY B 216 6.79 33.62 38.24
C GLY B 216 6.64 32.74 39.48
N ARG B 217 5.39 32.54 39.88
CA ARG B 217 5.02 31.76 41.08
C ARG B 217 4.42 30.38 40.73
N LEU B 218 5.19 29.32 40.98
CA LEU B 218 4.68 27.97 40.70
C LEU B 218 3.83 27.43 41.85
N THR B 219 2.53 27.24 41.57
CA THR B 219 1.63 26.59 42.50
C THR B 219 1.10 25.35 41.83
N GLU B 220 1.05 24.25 42.56
CA GLU B 220 0.54 22.97 42.07
C GLU B 220 -0.75 23.11 41.24
N LYS B 221 -1.38 24.29 41.30
CA LYS B 221 -2.56 24.60 40.50
C LYS B 221 -2.22 24.80 39.03
N SER B 222 -0.95 25.10 38.76
CA SER B 222 -0.45 25.26 37.41
C SER B 222 -0.66 23.96 36.65
N ASP B 223 -0.39 22.83 37.30
CA ASP B 223 -0.63 21.51 36.74
C ASP B 223 -2.08 21.34 36.34
N VAL B 224 -2.96 22.03 37.05
CA VAL B 224 -4.38 21.96 36.76
C VAL B 224 -4.68 22.68 35.45
N TYR B 225 -4.14 23.89 35.30
CA TYR B 225 -4.27 24.66 34.05
C TYR B 225 -3.91 23.77 32.84
N SER B 226 -2.73 23.14 32.94
CA SER B 226 -2.22 22.22 31.91
C SER B 226 -3.21 21.09 31.68
N PHE B 227 -3.62 20.44 32.76
CA PHE B 227 -4.56 19.33 32.67
C PHE B 227 -5.87 19.80 32.07
N GLY B 228 -6.25 21.04 32.39
CA GLY B 228 -7.45 21.64 31.85
C GLY B 228 -7.41 21.53 30.34
N VAL B 229 -6.29 21.98 29.77
CA VAL B 229 -6.09 21.96 28.32
C VAL B 229 -6.10 20.52 27.81
N VAL B 230 -5.33 19.65 28.45
CA VAL B 230 -5.33 18.23 28.07
C VAL B 230 -6.75 17.79 27.92
N LEU B 231 -7.57 18.16 28.89
CA LEU B 231 -8.97 17.78 28.88
C LEU B 231 -9.62 18.19 27.58
N PHE B 232 -9.48 19.46 27.21
CA PHE B 232 -10.06 19.91 25.96
C PHE B 232 -9.44 19.17 24.81
N GLU B 233 -8.11 19.14 24.79
CA GLU B 233 -7.38 18.37 23.80
C GLU B 233 -7.97 16.96 23.59
N VAL B 234 -8.64 16.45 24.60
CA VAL B 234 -9.25 15.11 24.53
C VAL B 234 -10.65 15.20 23.92
N LEU B 235 -11.39 16.18 24.42
CA LEU B 235 -12.77 16.45 23.99
C LEU B 235 -12.80 16.90 22.54
N CYS B 236 -11.98 17.91 22.22
CA CYS B 236 -11.92 18.49 20.89
C CYS B 236 -11.36 17.50 19.88
N ALA B 237 -10.22 16.90 20.23
CA ALA B 237 -9.38 16.13 19.31
C ALA B 237 -8.46 17.10 18.56
N ARG B 238 -8.60 18.38 18.89
CA ARG B 238 -7.73 19.44 18.39
C ARG B 238 -6.36 19.23 19.07
N SER B 239 -5.76 18.08 18.76
CA SER B 239 -4.40 17.71 19.17
C SER B 239 -3.44 18.91 19.07
N ALA B 240 -3.92 19.94 18.39
CA ALA B 240 -3.17 21.16 18.13
C ALA B 240 -2.83 21.97 19.37
N ILE B 241 -3.69 21.90 20.39
CA ILE B 241 -3.60 22.80 21.55
C ILE B 241 -3.38 24.23 21.05
N VAL B 242 -2.13 24.58 20.84
CA VAL B 242 -1.74 25.82 20.19
C VAL B 242 -1.54 25.51 18.67
N GLN B 243 -2.43 26.06 17.85
CA GLN B 243 -2.38 25.88 16.41
C GLN B 243 -2.23 27.22 15.68
N SER B 244 -1.13 27.37 14.94
CA SER B 244 -0.79 28.63 14.26
C SER B 244 -1.36 28.79 12.85
N LEU B 245 -2.59 28.33 12.60
CA LEU B 245 -3.16 28.45 11.24
C LEU B 245 -4.65 28.93 11.08
N PRO B 246 -5.50 28.83 12.13
CA PRO B 246 -6.87 29.41 12.01
C PRO B 246 -6.94 30.95 12.15
N ARG B 247 -7.82 31.48 13.00
CA ARG B 247 -7.90 32.94 13.16
C ARG B 247 -7.21 33.41 14.43
N GLU B 248 -7.99 33.89 15.38
CA GLU B 248 -7.50 34.27 16.71
C GLU B 248 -7.81 33.09 17.66
N MET B 249 -8.42 32.05 17.11
CA MET B 249 -8.74 30.80 17.81
C MET B 249 -7.53 29.84 17.77
N VAL B 250 -6.36 30.41 18.03
CA VAL B 250 -5.10 29.65 18.07
C VAL B 250 -5.03 28.82 19.35
N ASN B 251 -5.10 29.47 20.50
CA ASN B 251 -4.95 28.80 21.79
C ASN B 251 -6.20 28.05 22.28
N LEU B 252 -6.21 26.73 22.06
CA LEU B 252 -7.33 25.86 22.46
C LEU B 252 -7.99 26.29 23.76
N ALA B 253 -7.16 26.65 24.75
CA ALA B 253 -7.67 27.17 26.00
C ALA B 253 -8.57 28.36 25.74
N GLU B 254 -7.98 29.45 25.24
CA GLU B 254 -8.70 30.69 24.93
C GLU B 254 -9.96 30.47 24.06
N TRP B 255 -9.83 29.57 23.09
CA TRP B 255 -10.90 29.28 22.11
C TRP B 255 -12.05 28.52 22.74
N ALA B 256 -11.75 27.36 23.33
CA ALA B 256 -12.78 26.55 24.00
C ALA B 256 -13.31 27.28 25.25
N VAL B 257 -12.51 28.19 25.79
CA VAL B 257 -12.98 29.03 26.89
C VAL B 257 -14.14 29.89 26.41
N GLU B 258 -13.90 30.74 25.41
CA GLU B 258 -14.93 31.66 24.92
C GLU B 258 -16.17 30.95 24.35
N SER B 259 -16.01 29.70 23.93
CA SER B 259 -17.14 28.88 23.47
C SER B 259 -18.07 28.56 24.66
N HIS B 260 -17.56 27.74 25.58
CA HIS B 260 -18.32 27.39 26.77
C HIS B 260 -18.48 28.61 27.67
N ASN B 261 -17.42 28.95 28.42
CA ASN B 261 -17.42 30.03 29.42
C ASN B 261 -18.44 31.16 29.23
N ASN B 262 -18.62 31.61 27.99
CA ASN B 262 -19.63 32.61 27.72
C ASN B 262 -20.35 32.47 26.39
N GLY B 263 -19.60 32.61 25.30
CA GLY B 263 -20.16 32.68 23.97
C GLY B 263 -21.19 31.64 23.55
N GLN B 264 -21.03 30.37 23.92
CA GLN B 264 -21.84 29.37 23.23
C GLN B 264 -22.04 27.99 23.86
N LEU B 265 -21.18 27.59 24.79
CA LEU B 265 -21.19 26.21 25.32
C LEU B 265 -20.91 25.24 24.15
N GLU B 266 -20.06 25.68 23.22
CA GLU B 266 -19.92 25.03 21.91
C GLU B 266 -19.82 23.52 21.90
N GLN B 267 -20.78 22.91 21.21
CA GLN B 267 -20.77 21.48 20.94
C GLN B 267 -20.30 21.28 19.50
N ILE B 268 -19.68 22.32 18.94
CA ILE B 268 -19.13 22.29 17.59
C ILE B 268 -17.60 22.19 17.66
N VAL B 269 -17.07 22.04 18.89
CA VAL B 269 -15.62 21.96 19.12
C VAL B 269 -15.07 20.54 19.25
N ASP B 270 -15.94 19.53 19.31
CA ASP B 270 -15.49 18.13 19.34
C ASP B 270 -15.50 17.50 17.93
N PRO B 271 -14.80 16.36 17.75
CA PRO B 271 -14.60 15.86 16.40
C PRO B 271 -15.82 15.14 15.90
N ASN B 272 -15.58 14.03 15.21
CA ASN B 272 -16.61 13.11 14.90
C ASN B 272 -16.83 12.26 16.15
N LEU B 273 -17.31 12.90 17.21
CA LEU B 273 -17.76 12.20 18.41
C LEU B 273 -19.30 12.02 18.31
N ALA B 274 -19.84 12.43 17.16
CA ALA B 274 -21.27 12.37 16.86
C ALA B 274 -22.11 12.90 18.02
N ASP B 275 -23.29 12.34 18.18
CA ASP B 275 -24.12 12.64 19.33
C ASP B 275 -23.97 11.44 20.28
N LYS B 276 -22.80 11.37 20.91
CA LYS B 276 -22.44 10.30 21.83
C LYS B 276 -22.10 10.83 23.23
N ILE B 277 -22.12 12.14 23.40
CA ILE B 277 -21.97 12.73 24.72
C ILE B 277 -23.34 13.09 25.25
N ARG B 278 -23.73 12.48 26.37
CA ARG B 278 -24.94 12.87 27.05
C ARG B 278 -24.76 14.33 27.43
N PRO B 279 -25.63 15.21 26.90
CA PRO B 279 -25.58 16.67 27.01
C PRO B 279 -25.18 17.15 28.39
N GLU B 280 -25.37 16.29 29.37
CA GLU B 280 -25.10 16.63 30.76
C GLU B 280 -23.64 16.37 31.16
N SER B 281 -23.14 15.18 30.82
CA SER B 281 -21.76 14.81 31.13
C SER B 281 -20.83 15.80 30.45
N LEU B 282 -21.33 16.40 29.39
CA LEU B 282 -20.60 17.40 28.65
C LEU B 282 -20.59 18.73 29.39
N ARG B 283 -21.78 19.27 29.67
CA ARG B 283 -21.86 20.55 30.37
C ARG B 283 -21.03 20.46 31.65
N LYS B 284 -20.93 19.24 32.18
CA LYS B 284 -20.04 18.97 33.30
C LYS B 284 -18.60 18.98 32.80
N PHE B 285 -18.23 17.99 31.96
CA PHE B 285 -16.87 17.86 31.43
C PHE B 285 -16.24 19.22 31.11
N GLY B 286 -17.04 20.10 30.53
CA GLY B 286 -16.56 21.42 30.18
C GLY B 286 -16.52 22.35 31.38
N ASP B 287 -17.64 22.39 32.12
CA ASP B 287 -17.77 23.28 33.27
C ASP B 287 -16.53 23.10 34.12
N THR B 288 -16.08 21.85 34.16
CA THR B 288 -14.87 21.46 34.84
C THR B 288 -13.69 22.17 34.19
N ALA B 289 -13.40 21.73 32.97
CA ALA B 289 -12.23 22.18 32.22
C ALA B 289 -12.04 23.70 32.23
N VAL B 290 -13.14 24.45 32.21
CA VAL B 290 -13.08 25.91 32.18
C VAL B 290 -12.57 26.48 33.50
N LYS B 291 -12.96 25.84 34.60
CA LYS B 291 -12.54 26.25 35.93
C LYS B 291 -11.04 26.02 36.18
N CYS B 292 -10.45 25.02 35.52
CA CYS B 292 -9.00 24.76 35.67
C CYS B 292 -8.25 25.84 34.92
N LEU B 293 -8.88 26.34 33.86
CA LEU B 293 -8.26 27.32 32.99
C LEU B 293 -8.44 28.73 33.53
N ALA B 294 -9.29 28.89 34.54
CA ALA B 294 -9.55 30.18 35.17
C ALA B 294 -8.26 30.96 35.36
N LEU B 295 -8.33 32.27 35.11
CA LEU B 295 -7.17 33.14 35.08
C LEU B 295 -6.20 32.96 36.25
N SER B 296 -6.53 33.53 37.40
CA SER B 296 -5.66 33.39 38.57
C SER B 296 -5.85 31.99 39.16
N SER B 297 -4.75 31.34 39.53
CA SER B 297 -4.79 29.97 40.09
C SER B 297 -5.84 29.85 41.19
N GLU B 298 -6.00 30.93 41.94
CA GLU B 298 -6.98 31.04 43.00
C GLU B 298 -8.26 30.28 42.67
N ASP B 299 -8.91 30.66 41.58
CA ASP B 299 -10.21 30.08 41.22
C ASP B 299 -10.11 28.77 40.45
N ARG B 300 -9.01 28.04 40.64
CA ARG B 300 -8.86 26.75 39.97
C ARG B 300 -9.04 25.59 40.94
N PRO B 301 -9.84 24.58 40.55
CA PRO B 301 -10.02 23.38 41.35
C PRO B 301 -8.72 22.62 41.58
N SER B 302 -8.66 21.92 42.71
CA SER B 302 -7.56 21.02 43.00
C SER B 302 -7.78 19.81 42.13
N MET B 303 -6.72 19.05 41.90
CA MET B 303 -6.85 17.81 41.15
C MET B 303 -7.91 16.92 41.81
N GLY B 304 -8.08 17.06 43.11
CA GLY B 304 -9.13 16.36 43.85
C GLY B 304 -10.50 16.65 43.26
N ASP B 305 -10.92 17.90 43.32
CA ASP B 305 -12.22 18.33 42.79
C ASP B 305 -12.42 17.76 41.40
N VAL B 306 -11.49 18.09 40.51
CA VAL B 306 -11.51 17.62 39.13
C VAL B 306 -11.69 16.10 39.07
N LEU B 307 -10.84 15.38 39.80
CA LEU B 307 -10.90 13.92 39.87
C LEU B 307 -12.31 13.46 40.20
N TRP B 308 -12.96 14.23 41.06
CA TRP B 308 -14.31 13.91 41.46
C TRP B 308 -15.32 14.32 40.40
N LYS B 309 -15.08 15.47 39.77
CA LYS B 309 -15.99 15.99 38.75
C LYS B 309 -15.97 15.13 37.47
N LEU B 310 -14.78 14.73 37.05
CA LEU B 310 -14.64 13.86 35.90
C LEU B 310 -15.29 12.50 36.14
N GLU B 311 -15.20 12.02 37.37
CA GLU B 311 -15.84 10.75 37.76
C GLU B 311 -17.34 10.90 37.75
N TYR B 312 -17.81 12.08 38.19
CA TYR B 312 -19.24 12.40 38.15
C TYR B 312 -19.64 12.30 36.70
N ALA B 313 -18.88 13.01 35.86
CA ALA B 313 -19.16 13.12 34.44
C ALA B 313 -19.20 11.77 33.69
N LEU B 314 -18.28 10.86 33.98
CA LEU B 314 -18.38 9.52 33.38
C LEU B 314 -19.64 8.85 33.89
N ARG B 315 -20.02 9.18 35.12
CA ARG B 315 -21.20 8.62 35.73
C ARG B 315 -22.47 9.14 35.06
N LEU B 316 -22.61 10.47 35.00
CA LEU B 316 -23.78 11.12 34.38
C LEU B 316 -24.15 10.47 33.04
N GLN B 317 -23.14 9.93 32.39
CA GLN B 317 -23.24 9.31 31.07
C GLN B 317 -23.56 7.80 31.20
N GLU B 318 -22.85 7.15 32.11
CA GLU B 318 -22.98 5.72 32.41
C GLU B 318 -24.40 5.32 32.80
N SER B 319 -25.01 6.14 33.66
CA SER B 319 -26.35 5.93 34.22
C SER B 319 -27.38 5.18 33.37
N ASP C 33 -39.44 -31.05 11.76
CA ASP C 33 -38.23 -30.18 11.99
C ASP C 33 -38.59 -28.67 12.01
N LEU C 34 -37.73 -27.84 12.63
CA LEU C 34 -38.03 -26.42 12.81
C LEU C 34 -36.86 -25.46 13.11
N GLU C 35 -35.62 -25.93 13.10
CA GLU C 35 -34.47 -25.02 13.26
C GLU C 35 -34.20 -24.28 11.95
N GLU C 36 -35.23 -23.55 11.51
CA GLU C 36 -35.30 -22.91 10.20
C GLU C 36 -35.37 -21.39 10.33
N ALA C 37 -34.24 -20.71 10.11
CA ALA C 37 -34.23 -19.25 10.11
C ALA C 37 -34.95 -18.74 8.85
N THR C 38 -35.21 -17.44 8.79
CA THR C 38 -36.00 -16.91 7.68
C THR C 38 -35.61 -15.50 7.17
N ASN C 39 -35.40 -15.42 5.85
CA ASN C 39 -35.03 -14.20 5.10
C ASN C 39 -34.66 -12.93 5.87
N ASN C 40 -33.36 -12.76 6.08
CA ASN C 40 -32.82 -11.64 6.84
C ASN C 40 -32.81 -10.33 6.05
N PHE C 41 -31.63 -9.94 5.55
CA PHE C 41 -31.46 -8.65 4.85
C PHE C 41 -31.24 -8.86 3.34
N ASP C 42 -30.69 -7.82 2.68
CA ASP C 42 -30.24 -7.94 1.29
C ASP C 42 -28.70 -8.06 1.24
N HIS C 43 -28.22 -8.74 0.20
CA HIS C 43 -26.84 -9.21 0.11
C HIS C 43 -25.70 -8.17 0.04
N LYS C 44 -25.02 -8.00 1.19
CA LYS C 44 -23.80 -7.21 1.34
C LYS C 44 -22.60 -8.03 0.86
N PHE C 45 -22.29 -7.88 -0.43
CA PHE C 45 -21.26 -8.64 -1.13
C PHE C 45 -20.01 -8.85 -0.26
N LEU C 46 -19.54 -10.10 -0.16
CA LEU C 46 -18.33 -10.42 0.60
C LEU C 46 -17.77 -11.83 0.44
N ILE C 47 -16.70 -12.10 1.14
CA ILE C 47 -15.92 -13.33 1.34
C ILE C 47 -15.97 -14.50 0.34
N GLY C 48 -16.98 -15.35 0.42
CA GLY C 48 -16.95 -16.66 -0.22
C GLY C 48 -17.52 -16.84 -1.60
N HIS C 49 -17.35 -18.04 -2.11
CA HIS C 49 -17.88 -18.47 -3.39
C HIS C 49 -17.50 -19.95 -3.52
N GLY C 50 -18.37 -20.77 -4.12
CA GLY C 50 -18.09 -22.21 -4.21
C GLY C 50 -18.98 -23.04 -5.11
N VAL C 51 -18.46 -24.19 -5.52
CA VAL C 51 -19.13 -25.13 -6.45
C VAL C 51 -20.57 -24.75 -6.86
N PHE C 52 -21.56 -25.17 -6.06
CA PHE C 52 -22.96 -24.77 -6.30
C PHE C 52 -23.41 -23.81 -5.19
N GLY C 53 -22.97 -22.56 -5.30
CA GLY C 53 -23.37 -21.53 -4.35
C GLY C 53 -22.33 -20.45 -4.06
N LYS C 54 -22.81 -19.33 -3.51
CA LYS C 54 -21.97 -18.23 -3.05
C LYS C 54 -22.00 -18.22 -1.52
N VAL C 55 -21.12 -17.45 -0.88
CA VAL C 55 -21.11 -17.38 0.59
C VAL C 55 -20.93 -15.94 1.07
N TYR C 56 -21.81 -15.51 1.97
CA TYR C 56 -21.76 -14.14 2.50
C TYR C 56 -21.56 -14.04 4.00
N LYS C 57 -20.71 -13.11 4.42
CA LYS C 57 -20.57 -12.76 5.84
C LYS C 57 -21.78 -11.92 6.22
N GLY C 58 -22.18 -12.00 7.50
CA GLY C 58 -23.32 -11.23 7.97
C GLY C 58 -23.41 -11.06 9.47
N VAL C 59 -24.36 -10.24 9.91
CA VAL C 59 -24.63 -10.04 11.33
C VAL C 59 -26.14 -10.24 11.56
N LEU C 60 -26.47 -11.09 12.53
CA LEU C 60 -27.87 -11.37 12.87
C LEU C 60 -28.47 -10.23 13.72
N ARG C 61 -29.67 -10.45 14.25
CA ARG C 61 -30.29 -9.47 15.13
C ARG C 61 -29.69 -9.50 16.54
N ASP C 62 -29.27 -10.68 16.97
CA ASP C 62 -28.69 -10.87 18.30
C ASP C 62 -27.21 -10.41 18.43
N GLY C 63 -26.58 -10.15 17.29
CA GLY C 63 -25.18 -9.71 17.23
C GLY C 63 -24.26 -10.73 16.58
N ALA C 64 -24.83 -11.89 16.28
CA ALA C 64 -24.08 -13.05 15.82
C ALA C 64 -23.45 -12.91 14.44
N LYS C 65 -22.12 -12.90 14.43
CA LYS C 65 -21.36 -12.94 13.19
C LYS C 65 -21.59 -14.30 12.56
N VAL C 66 -22.52 -14.33 11.61
CA VAL C 66 -22.91 -15.59 10.99
C VAL C 66 -22.35 -15.67 9.55
N ALA C 67 -22.34 -16.85 8.97
CA ALA C 67 -21.90 -17.04 7.58
C ALA C 67 -22.97 -17.76 6.76
N LEU C 68 -23.19 -17.32 5.52
CA LEU C 68 -24.27 -17.85 4.70
C LEU C 68 -23.74 -18.57 3.46
N LYS C 69 -24.34 -19.71 3.13
CA LYS C 69 -23.97 -20.48 1.94
C LYS C 69 -25.15 -20.55 0.96
N ARG C 70 -25.34 -19.44 0.23
CA ARG C 70 -26.45 -19.22 -0.73
C ARG C 70 -26.41 -20.13 -1.97
N ARG C 71 -27.32 -21.11 -2.04
CA ARG C 71 -27.24 -22.11 -3.10
C ARG C 71 -28.30 -21.97 -4.20
N THR C 72 -28.61 -20.73 -4.56
CA THR C 72 -29.51 -20.45 -5.69
C THR C 72 -28.78 -20.48 -7.06
N PRO C 73 -27.46 -20.16 -7.08
CA PRO C 73 -26.76 -20.22 -8.36
C PRO C 73 -26.47 -21.66 -8.73
N GLU C 74 -26.74 -21.99 -9.99
CA GLU C 74 -26.53 -23.32 -10.56
C GLU C 74 -27.11 -24.40 -9.66
N SER C 75 -28.45 -24.41 -9.54
CA SER C 75 -29.14 -25.45 -8.80
C SER C 75 -29.04 -26.78 -9.58
N SER C 76 -27.80 -27.12 -9.93
CA SER C 76 -27.46 -28.37 -10.60
C SER C 76 -27.18 -29.42 -9.51
N GLN C 77 -28.25 -30.11 -9.13
CA GLN C 77 -28.29 -31.08 -8.03
C GLN C 77 -27.71 -30.61 -6.69
N GLY C 78 -27.95 -29.34 -6.41
CA GLY C 78 -27.58 -28.76 -5.13
C GLY C 78 -28.60 -29.12 -4.05
N ILE C 79 -29.84 -29.43 -4.47
CA ILE C 79 -30.92 -29.75 -3.52
C ILE C 79 -30.58 -31.04 -2.75
N GLU C 80 -30.09 -32.05 -3.48
CA GLU C 80 -29.66 -33.33 -2.91
C GLU C 80 -28.63 -33.10 -1.80
N GLU C 81 -27.57 -32.38 -2.15
CA GLU C 81 -26.50 -32.03 -1.23
C GLU C 81 -26.97 -31.04 -0.15
N PHE C 82 -28.04 -30.29 -0.46
CA PHE C 82 -28.62 -29.34 0.48
C PHE C 82 -29.36 -30.07 1.57
N GLU C 83 -30.03 -31.15 1.16
CA GLU C 83 -30.70 -32.03 2.10
C GLU C 83 -29.63 -32.85 2.82
N THR C 84 -28.70 -33.41 2.07
CA THR C 84 -27.62 -34.24 2.62
C THR C 84 -26.81 -33.49 3.69
N GLU C 85 -26.49 -32.22 3.43
CA GLU C 85 -25.75 -31.43 4.42
C GLU C 85 -26.63 -31.02 5.59
N ILE C 86 -27.95 -31.10 5.42
CA ILE C 86 -28.87 -30.78 6.52
C ILE C 86 -29.01 -31.92 7.53
N GLU C 87 -29.43 -33.11 7.08
CA GLU C 87 -29.58 -34.23 7.99
C GLU C 87 -28.24 -34.59 8.61
N THR C 88 -27.27 -34.95 7.75
CA THR C 88 -25.92 -35.30 8.17
C THR C 88 -25.32 -34.29 9.17
N LEU C 89 -25.66 -33.03 8.99
CA LEU C 89 -25.14 -31.99 9.88
C LEU C 89 -26.13 -31.57 10.97
N SER C 90 -27.38 -32.05 10.91
CA SER C 90 -28.37 -31.70 11.94
C SER C 90 -28.04 -32.36 13.28
N PHE C 91 -27.37 -33.51 13.19
CA PHE C 91 -26.79 -34.17 14.38
C PHE C 91 -25.60 -33.30 14.78
N CYS C 92 -25.86 -31.99 14.73
CA CYS C 92 -24.89 -30.94 14.91
C CYS C 92 -24.18 -30.98 16.26
N ARG C 93 -23.12 -31.78 16.33
CA ARG C 93 -22.42 -31.93 17.59
C ARG C 93 -20.93 -32.24 17.53
N HIS C 94 -20.11 -31.19 17.65
CA HIS C 94 -18.67 -31.38 17.71
C HIS C 94 -17.94 -30.04 17.58
N PRO C 95 -16.79 -29.91 18.27
CA PRO C 95 -15.90 -28.77 18.12
C PRO C 95 -14.95 -28.92 16.92
N HIS C 96 -14.93 -30.09 16.29
CA HIS C 96 -14.14 -30.30 15.08
C HIS C 96 -15.07 -30.65 13.96
N LEU C 97 -16.19 -29.95 13.97
CA LEU C 97 -17.23 -30.09 12.97
C LEU C 97 -18.00 -28.78 12.97
N VAL C 98 -18.27 -28.27 11.77
CA VAL C 98 -18.92 -26.97 11.63
C VAL C 98 -20.41 -27.03 12.00
N SER C 99 -20.78 -26.14 12.92
CA SER C 99 -22.13 -26.08 13.44
C SER C 99 -23.14 -25.33 12.53
N LEU C 100 -24.01 -26.09 11.86
CA LEU C 100 -25.08 -25.56 11.01
C LEU C 100 -26.15 -24.84 11.82
N ILE C 101 -26.03 -23.52 12.00
CA ILE C 101 -27.00 -22.80 12.83
C ILE C 101 -28.44 -22.87 12.29
N GLY C 102 -28.59 -22.82 10.96
CA GLY C 102 -29.93 -22.75 10.39
C GLY C 102 -30.10 -23.14 8.93
N PHE C 103 -31.23 -22.76 8.35
CA PHE C 103 -31.54 -23.05 6.94
C PHE C 103 -32.79 -22.32 6.48
N CYS C 104 -32.90 -22.16 5.16
CA CYS C 104 -34.11 -21.59 4.56
C CYS C 104 -34.45 -22.31 3.25
N ASP C 105 -35.71 -22.71 3.11
CA ASP C 105 -36.20 -23.39 1.91
C ASP C 105 -37.31 -22.53 1.30
N GLU C 106 -37.27 -21.25 1.66
CA GLU C 106 -38.28 -20.28 1.28
C GLU C 106 -38.02 -19.61 -0.08
N ARG C 107 -39.02 -19.66 -0.95
CA ARG C 107 -38.96 -19.06 -2.28
C ARG C 107 -37.82 -19.59 -3.14
N ASN C 108 -37.79 -20.92 -3.32
CA ASN C 108 -36.77 -21.59 -4.15
C ASN C 108 -35.30 -21.25 -3.82
N GLU C 109 -35.10 -20.50 -2.74
CA GLU C 109 -33.79 -20.17 -2.24
C GLU C 109 -33.38 -21.28 -1.27
N MET C 110 -32.13 -21.72 -1.34
CA MET C 110 -31.66 -22.71 -0.36
C MET C 110 -30.32 -22.35 0.26
N ILE C 111 -30.41 -21.47 1.24
CA ILE C 111 -29.27 -20.99 2.00
C ILE C 111 -29.04 -21.87 3.23
N LEU C 112 -27.76 -22.03 3.58
CA LEU C 112 -27.37 -22.71 4.81
C LEU C 112 -26.53 -21.71 5.61
N ILE C 113 -26.72 -21.73 6.93
CA ILE C 113 -26.12 -20.72 7.80
C ILE C 113 -25.16 -21.37 8.81
N TYR C 114 -24.05 -20.70 9.12
CA TYR C 114 -23.02 -21.21 10.03
C TYR C 114 -22.38 -20.09 10.88
N LYS C 115 -21.66 -20.46 11.94
CA LYS C 115 -20.86 -19.48 12.68
C LYS C 115 -19.78 -18.96 11.75
N TYR C 116 -19.32 -17.73 11.97
CA TYR C 116 -18.28 -17.15 11.12
C TYR C 116 -16.87 -17.56 11.51
N MET C 117 -16.16 -18.18 10.57
CA MET C 117 -14.80 -18.65 10.82
C MET C 117 -13.75 -17.57 10.59
N GLU C 118 -13.54 -16.75 11.61
CA GLU C 118 -12.59 -15.64 11.56
C GLU C 118 -11.27 -15.91 10.83
N ASN C 119 -10.90 -17.19 10.69
CA ASN C 119 -9.63 -17.54 10.06
C ASN C 119 -9.75 -18.40 8.80
N GLY C 120 -10.98 -18.57 8.31
CA GLY C 120 -11.20 -19.28 7.05
C GLY C 120 -10.58 -20.66 7.07
N ASN C 121 -10.20 -21.16 5.90
CA ASN C 121 -9.71 -22.53 5.78
C ASN C 121 -8.19 -22.73 5.91
N LEU C 122 -7.80 -24.00 5.93
CA LEU C 122 -6.41 -24.38 6.09
C LEU C 122 -5.51 -23.86 4.96
N LYS C 123 -5.84 -24.24 3.72
CA LYS C 123 -5.08 -23.84 2.52
C LYS C 123 -4.57 -22.39 2.61
N ARG C 124 -5.51 -21.49 2.92
CA ARG C 124 -5.27 -20.07 3.06
C ARG C 124 -4.09 -19.71 4.00
N HIS C 125 -3.50 -20.72 4.66
CA HIS C 125 -2.44 -20.52 5.66
C HIS C 125 -1.16 -21.28 5.33
N LEU C 126 -1.31 -22.41 4.65
CA LEU C 126 -0.19 -23.25 4.21
C LEU C 126 0.52 -22.61 3.03
N TYR C 127 -0.29 -22.05 2.13
CA TYR C 127 0.12 -21.21 1.00
C TYR C 127 -0.96 -21.14 -0.05
N GLY C 128 -1.42 -19.92 -0.32
CA GLY C 128 -2.36 -19.63 -1.40
C GLY C 128 -2.06 -18.23 -1.88
N SER C 129 -2.09 -17.30 -0.93
CA SER C 129 -1.73 -15.89 -1.13
C SER C 129 -1.95 -15.09 0.15
N ASP C 130 -0.96 -14.25 0.46
CA ASP C 130 -0.97 -13.31 1.58
C ASP C 130 -0.94 -13.90 2.99
N LEU C 131 -1.32 -13.05 3.94
CA LEU C 131 -1.25 -13.34 5.36
C LEU C 131 0.15 -13.02 5.89
N PRO C 132 0.32 -11.81 6.48
CA PRO C 132 1.54 -11.48 7.22
C PRO C 132 1.70 -12.41 8.44
N THR C 133 2.41 -11.97 9.48
CA THR C 133 2.75 -12.82 10.64
C THR C 133 3.52 -14.07 10.14
N MET C 134 3.86 -14.03 8.85
CA MET C 134 4.50 -15.13 8.12
C MET C 134 3.62 -16.39 8.08
N SER C 135 4.18 -17.51 8.53
CA SER C 135 3.47 -18.79 8.47
C SER C 135 3.21 -19.39 9.86
N MET C 136 2.47 -20.49 9.89
CA MET C 136 2.17 -21.22 11.12
C MET C 136 3.41 -21.94 11.60
N SER C 137 3.44 -22.28 12.90
CA SER C 137 4.52 -23.08 13.48
C SER C 137 4.13 -24.56 13.50
N TRP C 138 5.11 -25.44 13.38
CA TRP C 138 4.88 -26.89 13.38
C TRP C 138 3.85 -27.33 14.44
N GLU C 139 4.02 -26.81 15.66
CA GLU C 139 3.09 -27.05 16.77
C GLU C 139 1.65 -26.75 16.34
N GLN C 140 1.44 -25.54 15.83
CA GLN C 140 0.12 -25.08 15.43
C GLN C 140 -0.38 -25.79 14.17
N ARG C 141 0.54 -26.43 13.44
CA ARG C 141 0.14 -27.20 12.27
C ARG C 141 -0.39 -28.54 12.74
N LEU C 142 0.28 -29.10 13.74
CA LEU C 142 -0.07 -30.40 14.33
C LEU C 142 -1.32 -30.33 15.18
N GLU C 143 -1.38 -29.35 16.07
CA GLU C 143 -2.56 -29.06 16.86
C GLU C 143 -3.79 -29.29 15.97
N ILE C 144 -3.79 -28.63 14.82
CA ILE C 144 -4.89 -28.65 13.86
C ILE C 144 -4.97 -29.95 13.08
N CYS C 145 -3.82 -30.57 12.82
CA CYS C 145 -3.78 -31.89 12.19
C CYS C 145 -4.49 -32.91 13.08
N ILE C 146 -4.43 -32.68 14.39
CA ILE C 146 -5.10 -33.53 15.39
C ILE C 146 -6.61 -33.18 15.45
N GLY C 147 -6.93 -31.93 15.77
CA GLY C 147 -8.31 -31.48 15.85
C GLY C 147 -9.11 -32.07 14.70
N ALA C 148 -8.61 -31.86 13.49
CA ALA C 148 -9.26 -32.37 12.28
C ALA C 148 -9.38 -33.90 12.27
N ALA C 149 -8.39 -34.58 12.85
CA ALA C 149 -8.37 -36.04 12.90
C ALA C 149 -9.39 -36.59 13.91
N ARG C 150 -9.61 -35.85 14.98
CA ARG C 150 -10.66 -36.15 15.91
C ARG C 150 -11.94 -36.12 15.08
N GLY C 151 -12.36 -34.90 14.71
CA GLY C 151 -13.52 -34.68 13.86
C GLY C 151 -13.78 -35.75 12.84
N LEU C 152 -12.74 -36.24 12.17
CA LEU C 152 -12.89 -37.28 11.15
C LEU C 152 -13.21 -38.65 11.71
N HIS C 153 -12.49 -39.00 12.78
CA HIS C 153 -12.69 -40.24 13.51
C HIS C 153 -14.13 -40.30 14.01
N TYR C 154 -14.51 -39.31 14.80
CA TYR C 154 -15.86 -39.16 15.28
C TYR C 154 -16.89 -39.44 14.17
N LEU C 155 -16.55 -39.04 12.95
CA LEU C 155 -17.41 -39.21 11.78
C LEU C 155 -17.49 -40.67 11.30
N HIS C 156 -16.36 -41.38 11.40
CA HIS C 156 -16.31 -42.79 11.06
C HIS C 156 -17.02 -43.58 12.13
N THR C 157 -16.88 -43.09 13.35
CA THR C 157 -17.45 -43.71 14.53
C THR C 157 -18.99 -43.68 14.48
N ARG C 158 -19.53 -43.01 13.46
CA ARG C 158 -20.98 -42.90 13.32
C ARG C 158 -21.46 -43.40 11.98
N ALA C 159 -20.55 -44.09 11.28
CA ALA C 159 -20.78 -44.67 9.95
C ALA C 159 -20.82 -43.63 8.80
N ILE C 160 -20.33 -42.42 9.06
CA ILE C 160 -20.31 -41.37 8.01
C ILE C 160 -18.95 -41.35 7.31
N ILE C 161 -18.99 -41.20 5.98
CA ILE C 161 -17.78 -41.10 5.14
C ILE C 161 -17.86 -39.74 4.43
N HIS C 162 -16.92 -38.84 4.75
CA HIS C 162 -16.96 -37.46 4.26
C HIS C 162 -16.78 -37.31 2.74
N ARG C 163 -15.96 -38.19 2.15
CA ARG C 163 -15.69 -38.21 0.71
C ARG C 163 -14.98 -36.97 0.14
N ASP C 164 -14.86 -35.92 0.95
CA ASP C 164 -14.32 -34.66 0.45
C ASP C 164 -13.42 -33.99 1.47
N VAL C 165 -12.43 -34.74 1.91
CA VAL C 165 -11.47 -34.27 2.87
C VAL C 165 -10.34 -33.55 2.15
N LYS C 166 -10.15 -32.28 2.49
CA LYS C 166 -9.09 -31.43 1.91
C LYS C 166 -8.92 -30.11 2.68
N SER C 167 -7.71 -29.55 2.63
CA SER C 167 -7.37 -28.30 3.32
C SER C 167 -8.45 -27.22 3.32
N ILE C 168 -9.17 -27.10 2.20
CA ILE C 168 -10.21 -26.08 2.03
C ILE C 168 -11.38 -26.31 2.98
N ASN C 169 -11.85 -27.55 3.06
CA ASN C 169 -12.99 -27.88 3.91
C ASN C 169 -12.66 -27.99 5.43
N ILE C 170 -11.52 -27.44 5.83
CA ILE C 170 -11.12 -27.44 7.24
C ILE C 170 -10.95 -26.00 7.74
N LEU C 171 -12.07 -25.33 7.95
CA LEU C 171 -12.06 -23.99 8.49
C LEU C 171 -11.32 -23.92 9.83
N LEU C 172 -11.12 -22.70 10.32
CA LEU C 172 -10.42 -22.46 11.58
C LEU C 172 -11.02 -21.22 12.20
N ASP C 173 -11.44 -21.30 13.46
CA ASP C 173 -12.14 -20.20 14.11
C ASP C 173 -11.21 -19.27 14.87
N GLU C 174 -11.83 -18.42 15.69
CA GLU C 174 -11.15 -17.40 16.49
C GLU C 174 -9.91 -17.87 17.25
N ASN C 175 -9.83 -19.17 17.52
CA ASN C 175 -8.71 -19.71 18.25
C ASN C 175 -7.93 -20.73 17.44
N PHE C 176 -8.24 -20.81 16.15
CA PHE C 176 -7.58 -21.73 15.22
C PHE C 176 -7.94 -23.19 15.50
N VAL C 177 -9.18 -23.40 15.90
CA VAL C 177 -9.62 -24.75 16.16
C VAL C 177 -10.18 -25.30 14.84
N PRO C 178 -9.59 -26.41 14.35
CA PRO C 178 -10.02 -27.08 13.12
C PRO C 178 -11.53 -27.27 13.13
N LYS C 179 -12.15 -27.42 11.96
CA LYS C 179 -13.61 -27.49 11.89
C LYS C 179 -14.08 -28.05 10.54
N ILE C 180 -14.26 -29.35 10.43
CA ILE C 180 -14.68 -29.95 9.14
C ILE C 180 -15.98 -29.35 8.61
N THR C 181 -15.99 -28.97 7.33
CA THR C 181 -17.19 -28.41 6.72
C THR C 181 -17.60 -29.15 5.43
N ASP C 182 -18.70 -28.68 4.83
CA ASP C 182 -19.23 -29.18 3.56
C ASP C 182 -19.45 -30.70 3.56
N PHE C 183 -20.67 -31.12 3.86
CA PHE C 183 -20.96 -32.54 3.93
C PHE C 183 -21.84 -33.02 2.79
N GLY C 184 -22.25 -32.10 1.93
CA GLY C 184 -23.12 -32.43 0.80
C GLY C 184 -22.79 -33.71 0.07
N ILE C 185 -21.52 -34.11 0.10
CA ILE C 185 -21.05 -35.30 -0.60
C ILE C 185 -21.10 -36.55 0.27
N SER C 186 -21.01 -36.36 1.58
CA SER C 186 -20.95 -37.46 2.56
C SER C 186 -22.05 -38.52 2.44
N LYS C 187 -21.67 -39.76 2.75
CA LYS C 187 -22.56 -40.92 2.67
C LYS C 187 -22.58 -41.59 4.06
N LYS C 188 -23.76 -41.99 4.51
CA LYS C 188 -23.88 -42.70 5.80
C LYS C 188 -23.99 -44.23 5.62
N GLY C 189 -23.58 -44.96 6.65
CA GLY C 189 -23.59 -46.43 6.61
C GLY C 189 -24.50 -47.11 7.62
N THR C 190 -24.78 -48.39 7.35
CA THR C 190 -25.65 -49.19 8.20
C THR C 190 -24.82 -49.85 9.28
N GLU C 191 -23.88 -50.69 8.82
CA GLU C 191 -23.06 -51.51 9.70
C GLU C 191 -22.09 -50.69 10.55
N LEU C 192 -22.42 -49.41 10.75
CA LEU C 192 -21.67 -48.51 11.64
C LEU C 192 -20.17 -48.90 11.82
N GLY C 193 -19.33 -48.45 10.91
CA GLY C 193 -17.90 -48.67 11.02
C GLY C 193 -17.33 -49.63 9.99
N GLN C 194 -17.78 -50.88 10.06
CA GLN C 194 -17.27 -51.93 9.16
C GLN C 194 -17.75 -51.79 7.72
N THR C 195 -18.62 -50.80 7.46
CA THR C 195 -19.15 -50.56 6.12
C THR C 195 -18.06 -50.40 5.05
N HIS C 196 -18.19 -51.21 4.00
CA HIS C 196 -17.34 -51.13 2.81
C HIS C 196 -18.28 -51.11 1.59
N LEU C 197 -19.09 -50.04 1.54
CA LEU C 197 -20.15 -49.84 0.54
C LEU C 197 -19.65 -49.41 -0.84
N SEP C 198 -20.58 -49.24 -1.79
CA SEP C 198 -20.21 -48.74 -3.11
CB SEP C 198 -19.66 -49.86 -3.98
OG SEP C 198 -20.64 -50.22 -4.93
C SEP C 198 -21.30 -47.94 -3.89
O SEP C 198 -22.32 -48.49 -4.38
P SEP C 198 -20.65 -51.83 -5.09
O1P SEP C 198 -19.74 -52.22 -6.41
O2P SEP C 198 -20.03 -52.51 -3.72
O3P SEP C 198 -22.19 -52.30 -5.32
N TPO C 199 -21.02 -46.64 -4.04
CA TPO C 199 -21.85 -45.67 -4.76
CB TPO C 199 -22.34 -44.62 -3.75
CG2 TPO C 199 -21.22 -44.15 -2.81
OG1 TPO C 199 -22.90 -43.52 -4.46
P TPO C 199 -24.07 -42.59 -3.84
O1P TPO C 199 -23.36 -41.70 -2.83
O2P TPO C 199 -24.60 -41.85 -5.04
O3P TPO C 199 -25.06 -43.59 -3.24
C TPO C 199 -21.07 -45.01 -5.91
O TPO C 199 -19.91 -45.37 -6.17
N VAL C 200 -21.70 -44.05 -6.57
CA VAL C 200 -21.08 -43.29 -7.67
C VAL C 200 -19.91 -42.39 -7.16
N VAL C 201 -18.70 -42.60 -7.71
CA VAL C 201 -17.46 -41.92 -7.25
C VAL C 201 -17.58 -40.41 -7.08
N LYS C 202 -17.16 -39.87 -5.93
CA LYS C 202 -17.31 -38.44 -5.62
C LYS C 202 -16.18 -37.84 -4.80
N GLY C 203 -15.84 -36.58 -5.07
CA GLY C 203 -14.84 -35.84 -4.31
C GLY C 203 -13.91 -34.98 -5.15
N THR C 204 -12.91 -34.37 -4.51
CA THR C 204 -11.94 -33.50 -5.20
C THR C 204 -10.92 -34.34 -5.95
N LEU C 205 -10.67 -33.97 -7.21
CA LEU C 205 -9.84 -34.74 -8.14
C LEU C 205 -8.46 -35.21 -7.63
N GLY C 206 -7.84 -34.45 -6.72
CA GLY C 206 -6.52 -34.85 -6.18
C GLY C 206 -6.50 -35.67 -4.89
N TYR C 207 -7.56 -35.56 -4.10
CA TYR C 207 -7.67 -36.21 -2.78
C TYR C 207 -8.38 -37.58 -2.77
N ILE C 208 -9.06 -37.91 -3.86
CA ILE C 208 -9.78 -39.18 -4.00
C ILE C 208 -8.94 -40.41 -3.64
N ASP C 209 -9.62 -41.46 -3.18
CA ASP C 209 -8.99 -42.75 -2.94
C ASP C 209 -8.78 -43.39 -4.32
N PRO C 210 -7.51 -43.63 -4.71
CA PRO C 210 -7.25 -44.26 -6.00
C PRO C 210 -7.89 -45.65 -6.12
N GLU C 211 -7.85 -46.42 -5.04
CA GLU C 211 -8.50 -47.73 -4.96
C GLU C 211 -10.02 -47.55 -5.07
N TYR C 212 -10.54 -46.52 -4.38
CA TYR C 212 -11.95 -46.14 -4.50
C TYR C 212 -12.28 -45.96 -5.96
N PHE C 213 -11.59 -44.99 -6.55
CA PHE C 213 -11.77 -44.53 -7.93
C PHE C 213 -11.75 -45.67 -8.94
N ILE C 214 -10.64 -46.39 -9.00
CA ILE C 214 -10.47 -47.48 -9.99
C ILE C 214 -11.50 -48.61 -9.83
N LYS C 215 -11.75 -48.99 -8.58
CA LYS C 215 -12.66 -50.10 -8.26
C LYS C 215 -14.11 -49.64 -8.05
N GLY C 216 -14.28 -48.51 -7.37
CA GLY C 216 -15.59 -47.94 -7.17
C GLY C 216 -16.14 -48.31 -5.82
N ARG C 217 -15.28 -48.84 -4.96
CA ARG C 217 -15.67 -49.28 -3.61
C ARG C 217 -15.30 -48.28 -2.50
N LEU C 218 -16.32 -47.83 -1.78
CA LEU C 218 -16.16 -46.77 -0.77
C LEU C 218 -16.07 -47.30 0.66
N THR C 219 -14.93 -47.05 1.31
CA THR C 219 -14.72 -47.42 2.71
C THR C 219 -14.39 -46.15 3.50
N GLU C 220 -14.57 -46.20 4.82
CA GLU C 220 -14.20 -45.06 5.67
C GLU C 220 -12.69 -44.77 5.64
N LYS C 221 -11.91 -45.72 5.10
CA LYS C 221 -10.45 -45.55 4.96
C LYS C 221 -10.12 -44.64 3.79
N SER C 222 -11.08 -44.50 2.88
CA SER C 222 -10.92 -43.62 1.73
C SER C 222 -10.82 -42.17 2.18
N ASP C 223 -11.42 -41.87 3.33
CA ASP C 223 -11.28 -40.57 4.01
C ASP C 223 -9.88 -40.44 4.60
N VAL C 224 -9.31 -41.58 4.98
CA VAL C 224 -7.96 -41.60 5.52
C VAL C 224 -6.99 -41.09 4.44
N TYR C 225 -7.01 -41.72 3.27
CA TYR C 225 -6.17 -41.30 2.14
C TYR C 225 -6.17 -39.77 1.90
N SER C 226 -7.36 -39.21 1.81
CA SER C 226 -7.53 -37.78 1.64
C SER C 226 -6.80 -37.02 2.77
N PHE C 227 -7.06 -37.43 4.01
CA PHE C 227 -6.45 -36.82 5.17
C PHE C 227 -4.93 -36.95 5.08
N GLY C 228 -4.46 -38.10 4.63
CA GLY C 228 -3.03 -38.36 4.54
C GLY C 228 -2.39 -37.35 3.64
N VAL C 229 -3.06 -37.06 2.53
CA VAL C 229 -2.59 -36.05 1.60
C VAL C 229 -2.55 -34.70 2.31
N VAL C 230 -3.66 -34.33 2.94
CA VAL C 230 -3.77 -33.09 3.70
C VAL C 230 -2.66 -32.96 4.72
N LEU C 231 -2.24 -34.09 5.28
CA LEU C 231 -1.16 -34.09 6.23
C LEU C 231 0.07 -33.50 5.59
N PHE C 232 0.52 -34.12 4.50
CA PHE C 232 1.65 -33.61 3.72
C PHE C 232 1.40 -32.19 3.29
N GLU C 233 0.27 -31.95 2.66
CA GLU C 233 -0.13 -30.61 2.32
C GLU C 233 0.11 -29.64 3.47
N VAL C 234 0.07 -30.13 4.71
CA VAL C 234 0.31 -29.25 5.86
C VAL C 234 1.80 -29.15 6.13
N LEU C 235 2.47 -30.30 6.11
CA LEU C 235 3.90 -30.40 6.35
C LEU C 235 4.69 -29.63 5.29
N CYS C 236 4.46 -29.97 4.02
CA CYS C 236 5.18 -29.39 2.88
C CYS C 236 4.83 -27.92 2.63
N ALA C 237 3.53 -27.60 2.75
CA ALA C 237 2.95 -26.30 2.40
C ALA C 237 2.70 -26.21 0.90
N ARG C 238 2.90 -27.35 0.23
CA ARG C 238 2.65 -27.49 -1.21
C ARG C 238 1.14 -27.54 -1.37
N SER C 239 0.51 -26.43 -0.99
CA SER C 239 -0.94 -26.23 -1.06
C SER C 239 -1.51 -26.72 -2.41
N ALA C 240 -0.60 -27.13 -3.28
CA ALA C 240 -0.92 -27.58 -4.62
C ALA C 240 -1.57 -28.93 -4.64
N ILE C 241 -1.16 -29.80 -3.72
CA ILE C 241 -1.49 -31.23 -3.78
C ILE C 241 -1.22 -31.77 -5.19
N VAL C 242 -2.16 -31.52 -6.10
CA VAL C 242 -1.98 -31.82 -7.51
C VAL C 242 -1.46 -30.55 -8.21
N GLN C 243 -0.16 -30.54 -8.50
CA GLN C 243 0.49 -29.39 -9.15
C GLN C 243 0.90 -29.73 -10.61
N SER C 244 0.27 -29.06 -11.57
CA SER C 244 0.45 -29.35 -13.00
C SER C 244 1.52 -28.52 -13.75
N LEU C 245 2.68 -28.29 -13.11
CA LEU C 245 3.77 -27.54 -13.75
C LEU C 245 5.23 -28.06 -13.54
N PRO C 246 5.56 -28.70 -12.39
CA PRO C 246 6.91 -29.29 -12.23
C PRO C 246 7.18 -30.57 -13.06
N ARG C 247 7.72 -31.62 -12.45
CA ARG C 247 8.02 -32.83 -13.20
C ARG C 247 6.91 -33.85 -13.21
N GLU C 248 7.30 -35.08 -12.93
CA GLU C 248 6.40 -36.18 -12.71
C GLU C 248 6.05 -36.15 -11.21
N MET C 249 6.59 -35.15 -10.51
CA MET C 249 6.28 -34.86 -9.11
C MET C 249 5.00 -34.02 -9.03
N VAL C 250 4.02 -34.40 -9.85
CA VAL C 250 2.72 -33.72 -9.94
C VAL C 250 1.83 -33.97 -8.72
N ASN C 251 1.66 -35.24 -8.34
CA ASN C 251 0.77 -35.61 -7.23
C ASN C 251 1.47 -35.77 -5.87
N LEU C 252 1.23 -34.80 -4.98
CA LEU C 252 1.87 -34.74 -3.64
C LEU C 252 1.95 -36.09 -2.94
N ALA C 253 0.90 -36.89 -3.04
CA ALA C 253 0.89 -38.23 -2.49
C ALA C 253 2.05 -39.01 -3.10
N GLU C 254 1.93 -39.30 -4.38
CA GLU C 254 2.95 -40.01 -5.15
C GLU C 254 4.38 -39.44 -4.96
N TRP C 255 4.48 -38.12 -4.83
CA TRP C 255 5.77 -37.42 -4.70
C TRP C 255 6.38 -37.54 -3.30
N ALA C 256 5.58 -37.30 -2.26
CA ALA C 256 6.07 -37.40 -0.89
C ALA C 256 6.10 -38.85 -0.38
N VAL C 257 5.50 -39.77 -1.14
CA VAL C 257 5.64 -41.21 -0.85
C VAL C 257 7.02 -41.68 -1.31
N GLU C 258 7.39 -41.31 -2.53
CA GLU C 258 8.68 -41.67 -3.11
C GLU C 258 9.85 -41.40 -2.17
N SER C 259 9.78 -40.30 -1.43
CA SER C 259 10.86 -39.86 -0.54
C SER C 259 10.86 -40.58 0.83
N HIS C 260 9.82 -40.31 1.62
CA HIS C 260 9.69 -40.79 3.00
C HIS C 260 9.20 -42.25 3.16
N ASN C 261 9.15 -42.98 2.04
CA ASN C 261 8.77 -44.41 2.06
C ASN C 261 9.94 -45.26 1.61
N ASN C 262 10.78 -44.66 0.76
CA ASN C 262 12.02 -45.25 0.34
C ASN C 262 12.98 -44.12 0.01
N GLY C 263 12.98 -43.72 -1.26
CA GLY C 263 13.78 -42.62 -1.76
C GLY C 263 14.70 -41.91 -0.80
N GLN C 264 14.14 -41.12 0.12
CA GLN C 264 14.99 -40.20 0.87
C GLN C 264 14.62 -39.85 2.30
N LEU C 265 13.34 -39.97 2.66
CA LEU C 265 12.82 -39.40 3.93
C LEU C 265 12.93 -37.87 3.83
N GLU C 266 12.72 -37.36 2.62
CA GLU C 266 13.04 -35.97 2.31
C GLU C 266 12.54 -34.94 3.32
N GLN C 267 13.50 -34.34 3.99
CA GLN C 267 13.27 -33.21 4.87
C GLN C 267 13.54 -31.96 4.05
N ILE C 268 13.63 -32.17 2.74
CA ILE C 268 13.79 -31.08 1.77
C ILE C 268 12.39 -30.66 1.27
N VAL C 269 11.39 -31.50 1.58
CA VAL C 269 10.01 -31.33 1.06
C VAL C 269 9.09 -30.38 1.84
N ASP C 270 9.49 -29.92 3.03
CA ASP C 270 8.68 -28.95 3.77
C ASP C 270 9.14 -27.49 3.53
N PRO C 271 8.35 -26.49 3.96
CA PRO C 271 8.69 -25.12 3.58
C PRO C 271 9.74 -24.48 4.46
N ASN C 272 9.59 -23.18 4.68
CA ASN C 272 10.45 -22.48 5.59
C ASN C 272 10.02 -22.79 7.02
N LEU C 273 9.81 -24.09 7.27
CA LEU C 273 9.61 -24.61 8.64
C LEU C 273 10.98 -24.80 9.29
N ALA C 274 11.99 -24.20 8.65
CA ALA C 274 13.37 -24.17 9.12
C ALA C 274 13.80 -25.49 9.75
N ASP C 275 14.62 -25.35 10.78
CA ASP C 275 14.98 -26.47 11.61
C ASP C 275 14.17 -26.22 12.87
N LYS C 276 12.94 -26.72 12.85
CA LYS C 276 11.98 -26.54 13.94
C LYS C 276 11.29 -27.85 14.29
N ILE C 277 11.37 -28.82 13.38
CA ILE C 277 10.78 -30.13 13.59
C ILE C 277 11.80 -31.07 14.20
N ARG C 278 11.51 -31.59 15.37
CA ARG C 278 12.35 -32.58 16.01
C ARG C 278 12.35 -33.80 15.10
N PRO C 279 13.54 -34.18 14.61
CA PRO C 279 13.79 -35.31 13.71
C PRO C 279 12.90 -36.50 14.00
N GLU C 280 12.57 -36.65 15.27
CA GLU C 280 11.72 -37.73 15.74
C GLU C 280 10.25 -37.47 15.36
N SER C 281 9.71 -36.31 15.76
CA SER C 281 8.30 -36.00 15.44
C SER C 281 8.07 -36.07 13.94
N LEU C 282 9.10 -35.70 13.18
CA LEU C 282 9.06 -35.82 11.75
C LEU C 282 8.99 -37.29 11.32
N ARG C 283 9.98 -38.08 11.76
CA ARG C 283 10.02 -39.49 11.39
C ARG C 283 8.67 -40.14 11.69
N LYS C 284 7.97 -39.58 12.66
CA LYS C 284 6.62 -40.01 13.00
C LYS C 284 5.65 -39.44 11.96
N PHE C 285 5.46 -38.12 11.98
CA PHE C 285 4.50 -37.43 11.11
C PHE C 285 4.51 -37.94 9.68
N GLY C 286 5.71 -38.26 9.20
CA GLY C 286 5.89 -38.82 7.88
C GLY C 286 5.43 -40.26 7.86
N ASP C 287 6.08 -41.09 8.69
CA ASP C 287 5.78 -42.52 8.76
C ASP C 287 4.26 -42.71 8.77
N THR C 288 3.62 -41.84 9.53
CA THR C 288 2.17 -41.77 9.68
C THR C 288 1.46 -41.60 8.34
N ALA C 289 1.64 -40.41 7.77
CA ALA C 289 1.03 -39.99 6.53
C ALA C 289 1.22 -41.00 5.40
N VAL C 290 2.42 -41.59 5.33
CA VAL C 290 2.74 -42.59 4.32
C VAL C 290 1.76 -43.77 4.36
N LYS C 291 1.47 -44.22 5.57
CA LYS C 291 0.53 -45.33 5.78
C LYS C 291 -0.91 -44.97 5.41
N CYS C 292 -1.30 -43.70 5.62
CA CYS C 292 -2.65 -43.26 5.27
C CYS C 292 -2.80 -43.31 3.77
N LEU C 293 -1.66 -43.27 3.09
CA LEU C 293 -1.61 -43.21 1.65
C LEU C 293 -1.48 -44.59 0.97
N ALA C 294 -1.36 -45.64 1.76
CA ALA C 294 -1.21 -47.03 1.26
C ALA C 294 -2.12 -47.31 0.06
N LEU C 295 -1.62 -48.13 -0.85
CA LEU C 295 -2.30 -48.43 -2.12
C LEU C 295 -3.67 -49.09 -1.91
N SER C 296 -3.73 -50.06 -0.99
CA SER C 296 -5.00 -50.71 -0.66
C SER C 296 -5.52 -50.23 0.69
N SER C 297 -6.79 -49.82 0.73
CA SER C 297 -7.40 -49.30 1.97
C SER C 297 -7.06 -50.18 3.17
N GLU C 298 -6.81 -51.45 2.87
CA GLU C 298 -6.42 -52.45 3.84
C GLU C 298 -5.36 -51.92 4.80
N ASP C 299 -4.18 -51.65 4.26
CA ASP C 299 -3.00 -51.27 5.07
C ASP C 299 -3.00 -49.82 5.53
N ARG C 300 -4.18 -49.22 5.62
CA ARG C 300 -4.32 -47.86 6.11
C ARG C 300 -4.84 -47.86 7.54
N PRO C 301 -4.20 -47.07 8.42
CA PRO C 301 -4.69 -46.94 9.79
C PRO C 301 -5.94 -46.09 9.89
N SER C 302 -6.94 -46.58 10.63
CA SER C 302 -8.19 -45.86 10.84
C SER C 302 -7.88 -44.51 11.46
N MET C 303 -8.82 -43.58 11.35
CA MET C 303 -8.61 -42.25 11.89
C MET C 303 -8.22 -42.27 13.39
N GLY C 304 -8.48 -43.40 14.04
CA GLY C 304 -8.08 -43.58 15.43
C GLY C 304 -6.58 -43.65 15.53
N ASP C 305 -6.01 -44.67 14.89
CA ASP C 305 -4.57 -44.90 14.91
C ASP C 305 -3.85 -43.63 14.47
N VAL C 306 -4.39 -42.99 13.44
CA VAL C 306 -3.86 -41.72 12.97
C VAL C 306 -3.94 -40.66 14.07
N LEU C 307 -5.14 -40.49 14.65
CA LEU C 307 -5.38 -39.51 15.71
C LEU C 307 -4.42 -39.69 16.90
N TRP C 308 -4.02 -40.93 17.14
CA TRP C 308 -3.07 -41.22 18.19
C TRP C 308 -1.64 -40.85 17.77
N LYS C 309 -1.27 -41.27 16.55
CA LYS C 309 0.08 -41.08 16.01
C LYS C 309 0.47 -39.60 15.92
N LEU C 310 -0.51 -38.77 15.59
CA LEU C 310 -0.32 -37.33 15.52
C LEU C 310 -0.14 -36.72 16.92
N GLU C 311 -0.91 -37.24 17.87
CA GLU C 311 -0.85 -36.79 19.26
C GLU C 311 0.51 -37.19 19.82
N TYR C 312 0.94 -38.40 19.46
CA TYR C 312 2.25 -38.87 19.86
C TYR C 312 3.25 -37.85 19.38
N ALA C 313 3.22 -37.62 18.07
CA ALA C 313 4.20 -36.81 17.36
C ALA C 313 4.37 -35.39 17.92
N LEU C 314 3.26 -34.66 18.05
CA LEU C 314 3.32 -33.33 18.66
C LEU C 314 3.99 -33.42 20.02
N ARG C 315 3.61 -34.45 20.77
CA ARG C 315 4.18 -34.75 22.06
C ARG C 315 5.70 -35.03 21.95
N LEU C 316 6.11 -35.77 20.91
CA LEU C 316 7.53 -36.06 20.66
C LEU C 316 8.34 -34.78 20.47
N GLN C 317 7.64 -33.69 20.18
CA GLN C 317 8.26 -32.37 20.03
C GLN C 317 8.49 -31.69 21.40
N GLU C 318 7.46 -31.73 22.27
CA GLU C 318 7.48 -31.04 23.57
C GLU C 318 8.63 -31.47 24.50
N LEU D 31 15.98 32.81 -26.66
CA LEU D 31 15.19 33.87 -25.96
C LEU D 31 16.01 35.13 -25.72
N VAL D 32 15.35 36.27 -25.90
CA VAL D 32 15.91 37.61 -25.62
C VAL D 32 14.78 38.64 -25.79
N ASP D 33 14.57 39.41 -24.72
CA ASP D 33 13.63 40.51 -24.81
C ASP D 33 14.43 41.80 -25.04
N LEU D 34 14.39 42.75 -24.10
CA LEU D 34 15.16 43.99 -24.28
C LEU D 34 15.24 44.79 -23.01
N GLU D 35 14.09 44.91 -22.33
CA GLU D 35 14.02 45.49 -21.00
C GLU D 35 14.89 44.62 -20.06
N GLU D 36 16.12 45.07 -19.81
CA GLU D 36 17.10 44.27 -19.08
C GLU D 36 18.07 45.11 -18.23
N ALA D 37 17.62 45.54 -17.06
CA ALA D 37 18.47 46.30 -16.15
C ALA D 37 19.70 45.47 -15.76
N THR D 38 20.69 46.11 -15.14
CA THR D 38 21.93 45.42 -14.79
C THR D 38 22.61 45.89 -13.48
N ASN D 39 23.05 44.91 -12.70
CA ASN D 39 23.76 45.10 -11.43
C ASN D 39 23.62 46.46 -10.77
N ASN D 40 22.71 46.52 -9.80
CA ASN D 40 22.49 47.74 -9.02
C ASN D 40 23.52 47.93 -7.91
N PHE D 41 23.13 47.64 -6.67
CA PHE D 41 24.00 47.82 -5.52
C PHE D 41 24.39 46.46 -4.91
N ASP D 42 24.92 46.49 -3.68
CA ASP D 42 25.14 45.28 -2.88
C ASP D 42 23.94 45.09 -1.95
N HIS D 43 23.62 43.81 -1.68
CA HIS D 43 22.37 43.42 -1.08
C HIS D 43 22.10 43.76 0.41
N LYS D 44 21.07 44.61 0.59
CA LYS D 44 20.54 45.02 1.90
C LYS D 44 19.46 44.02 2.32
N PHE D 45 19.83 43.15 3.26
CA PHE D 45 19.00 42.03 3.67
C PHE D 45 17.62 42.46 4.11
N LEU D 46 16.62 42.07 3.31
CA LEU D 46 15.23 42.46 3.55
C LEU D 46 14.17 41.49 2.97
N ILE D 47 12.94 41.73 3.44
CA ILE D 47 11.70 41.05 3.03
C ILE D 47 11.66 39.55 2.67
N GLY D 48 11.95 39.23 1.43
CA GLY D 48 11.51 37.92 0.94
C GLY D 48 12.41 36.72 1.04
N HIS D 49 11.85 35.55 0.77
CA HIS D 49 12.60 34.30 0.67
C HIS D 49 11.67 33.31 -0.05
N GLY D 50 12.08 32.87 -1.24
CA GLY D 50 11.23 32.01 -2.07
C GLY D 50 11.83 30.64 -2.37
N VAL D 51 11.05 29.84 -3.12
CA VAL D 51 11.46 28.47 -3.45
C VAL D 51 12.90 28.45 -3.94
N PHE D 52 13.10 28.80 -5.21
CA PHE D 52 14.44 28.97 -5.75
C PHE D 52 14.75 30.47 -5.77
N GLY D 53 15.48 30.93 -4.75
CA GLY D 53 15.94 32.30 -4.69
C GLY D 53 15.55 33.12 -3.47
N LYS D 54 16.08 34.35 -3.42
CA LYS D 54 15.80 35.29 -2.34
C LYS D 54 15.24 36.57 -2.94
N VAL D 55 14.47 37.32 -2.15
CA VAL D 55 13.87 38.56 -2.64
C VAL D 55 14.36 39.74 -1.81
N TYR D 56 14.74 40.83 -2.48
CA TYR D 56 15.25 42.02 -1.78
C TYR D 56 14.54 43.29 -2.18
N LYS D 57 14.22 44.15 -1.20
CA LYS D 57 13.67 45.46 -1.51
C LYS D 57 14.82 46.43 -1.76
N GLY D 58 14.74 47.14 -2.89
CA GLY D 58 15.77 48.10 -3.25
C GLY D 58 15.20 49.37 -3.87
N VAL D 59 15.92 50.46 -3.69
CA VAL D 59 15.57 51.72 -4.34
C VAL D 59 16.52 51.88 -5.52
N LEU D 60 15.95 52.20 -6.68
CA LEU D 60 16.73 52.32 -7.92
C LEU D 60 17.33 53.70 -8.13
N ARG D 61 17.99 53.87 -9.27
CA ARG D 61 18.61 55.14 -9.62
C ARG D 61 17.59 56.24 -9.90
N ASP D 62 16.34 55.86 -10.15
CA ASP D 62 15.30 56.84 -10.45
C ASP D 62 14.27 57.05 -9.30
N GLY D 63 14.60 56.55 -8.12
CA GLY D 63 13.74 56.69 -6.94
C GLY D 63 12.54 55.76 -6.92
N ALA D 64 12.57 54.75 -7.78
CA ALA D 64 11.48 53.79 -7.93
C ALA D 64 11.61 52.60 -6.98
N LYS D 65 10.54 52.32 -6.25
CA LYS D 65 10.49 51.22 -5.29
C LYS D 65 10.29 49.90 -6.04
N VAL D 66 11.26 49.00 -5.88
CA VAL D 66 11.33 47.79 -6.70
C VAL D 66 11.64 46.50 -5.90
N ALA D 67 11.05 45.39 -6.34
CA ALA D 67 11.25 44.08 -5.72
C ALA D 67 12.12 43.17 -6.60
N LEU D 68 13.21 42.65 -6.01
CA LEU D 68 14.18 41.85 -6.75
C LEU D 68 14.19 40.40 -6.26
N LYS D 69 13.85 39.48 -7.16
CA LYS D 69 13.76 38.07 -6.83
C LYS D 69 15.04 37.31 -7.21
N ARG D 70 16.14 37.61 -6.53
CA ARG D 70 17.43 36.92 -6.76
C ARG D 70 17.29 35.40 -6.73
N ARG D 71 17.74 34.72 -7.78
CA ARG D 71 17.59 33.26 -7.86
C ARG D 71 18.91 32.49 -8.03
N THR D 72 19.96 32.97 -7.35
CA THR D 72 21.26 32.29 -7.28
C THR D 72 21.24 31.11 -6.28
N PRO D 73 20.48 31.23 -5.17
CA PRO D 73 20.39 30.12 -4.22
C PRO D 73 19.86 28.83 -4.85
N GLU D 74 20.77 27.89 -5.11
CA GLU D 74 20.44 26.55 -5.62
C GLU D 74 19.75 26.59 -6.97
N SER D 75 20.55 26.64 -8.04
CA SER D 75 20.00 26.68 -9.40
C SER D 75 19.51 25.28 -9.83
N SER D 76 18.64 24.69 -9.00
CA SER D 76 18.04 23.38 -9.26
C SER D 76 16.96 23.52 -10.34
N GLN D 77 17.43 23.65 -11.58
CA GLN D 77 16.60 23.93 -12.77
C GLN D 77 15.74 25.21 -12.63
N GLY D 78 16.22 26.14 -11.82
CA GLY D 78 15.56 27.43 -11.63
C GLY D 78 15.66 28.31 -12.87
N ILE D 79 16.24 27.78 -13.94
CA ILE D 79 16.41 28.50 -15.19
C ILE D 79 15.14 28.43 -16.03
N GLU D 80 14.53 27.24 -16.12
CA GLU D 80 13.31 27.07 -16.92
C GLU D 80 12.15 27.91 -16.37
N GLU D 81 12.11 28.05 -15.05
CA GLU D 81 11.09 28.84 -14.37
C GLU D 81 11.36 30.33 -14.60
N PHE D 82 12.64 30.68 -14.67
CA PHE D 82 13.09 32.05 -14.92
C PHE D 82 12.63 32.51 -16.29
N GLU D 83 12.99 31.71 -17.29
CA GLU D 83 12.69 31.98 -18.69
C GLU D 83 11.20 32.14 -18.98
N THR D 84 10.39 31.27 -18.36
CA THR D 84 8.95 31.29 -18.60
C THR D 84 8.28 32.50 -17.94
N GLU D 85 8.79 32.93 -16.79
CA GLU D 85 8.23 34.10 -16.12
C GLU D 85 8.73 35.37 -16.81
N ILE D 86 9.66 35.18 -17.73
CA ILE D 86 10.17 36.28 -18.56
C ILE D 86 9.34 36.39 -19.82
N GLU D 87 9.19 35.27 -20.54
CA GLU D 87 8.42 35.24 -21.79
C GLU D 87 6.92 35.37 -21.53
N THR D 88 6.41 34.69 -20.50
CA THR D 88 4.99 34.74 -20.14
C THR D 88 4.63 36.09 -19.54
N LEU D 89 5.56 36.71 -18.84
CA LEU D 89 5.25 37.93 -18.12
C LEU D 89 5.76 39.23 -18.76
N SER D 90 6.47 39.14 -19.88
CA SER D 90 6.86 40.36 -20.60
C SER D 90 5.69 40.95 -21.41
N PHE D 91 4.53 40.30 -21.31
CA PHE D 91 3.27 40.78 -21.88
C PHE D 91 2.61 41.75 -20.88
N CYS D 92 3.29 41.97 -19.75
CA CYS D 92 2.79 42.71 -18.56
C CYS D 92 1.74 43.79 -18.80
N ARG D 93 0.51 43.39 -19.09
CA ARG D 93 -0.51 44.41 -19.32
C ARG D 93 -1.81 44.24 -18.51
N HIS D 94 -1.67 44.38 -17.18
CA HIS D 94 -2.83 44.28 -16.28
C HIS D 94 -2.61 44.99 -14.93
N PRO D 95 -3.71 45.47 -14.32
CA PRO D 95 -3.67 45.93 -12.93
C PRO D 95 -3.92 44.78 -11.92
N HIS D 96 -4.14 43.55 -12.42
CA HIS D 96 -4.32 42.37 -11.54
C HIS D 96 -3.25 41.30 -11.76
N LEU D 97 -2.06 41.76 -12.14
CA LEU D 97 -0.87 40.92 -12.29
C LEU D 97 0.33 41.77 -11.85
N VAL D 98 1.29 41.15 -11.17
CA VAL D 98 2.50 41.88 -10.77
C VAL D 98 3.26 42.19 -12.04
N SER D 99 3.55 43.48 -12.24
CA SER D 99 4.25 43.91 -13.43
C SER D 99 5.77 43.75 -13.26
N LEU D 100 6.42 43.28 -14.33
CA LEU D 100 7.87 43.01 -14.34
C LEU D 100 8.63 44.19 -14.98
N ILE D 101 9.53 44.81 -14.22
CA ILE D 101 10.32 45.94 -14.72
C ILE D 101 11.49 45.47 -15.59
N GLY D 102 12.27 44.53 -15.06
CA GLY D 102 13.44 44.04 -15.77
C GLY D 102 13.92 42.68 -15.33
N PHE D 103 15.10 42.29 -15.81
CA PHE D 103 15.69 41.01 -15.45
C PHE D 103 17.19 41.13 -15.57
N CYS D 104 17.89 40.04 -15.26
CA CYS D 104 19.34 40.00 -15.44
C CYS D 104 19.84 38.57 -15.58
N ASP D 105 20.53 38.30 -16.68
CA ASP D 105 21.14 36.99 -16.90
C ASP D 105 22.68 37.10 -16.85
N GLU D 106 23.14 38.25 -16.37
CA GLU D 106 24.56 38.60 -16.37
C GLU D 106 25.39 37.91 -15.28
N ARG D 107 26.42 37.20 -15.71
CA ARG D 107 27.37 36.54 -14.81
C ARG D 107 26.70 35.50 -13.91
N ASN D 108 25.96 34.59 -14.54
CA ASN D 108 25.28 33.46 -13.86
C ASN D 108 24.14 33.82 -12.90
N GLU D 109 24.03 35.10 -12.57
CA GLU D 109 22.94 35.62 -11.74
C GLU D 109 21.65 35.62 -12.55
N MET D 110 20.52 35.30 -11.93
CA MET D 110 19.23 35.45 -12.61
C MET D 110 18.13 36.07 -11.76
N ILE D 111 18.33 37.34 -11.46
CA ILE D 111 17.39 38.14 -10.71
C ILE D 111 16.13 38.47 -11.53
N LEU D 112 15.05 38.82 -10.84
CA LEU D 112 13.81 39.24 -11.48
C LEU D 112 13.25 40.48 -10.79
N ILE D 113 12.86 41.48 -11.57
CA ILE D 113 12.51 42.82 -11.05
C ILE D 113 11.02 43.17 -11.20
N TYR D 114 10.39 43.59 -10.10
CA TYR D 114 8.96 43.93 -10.08
C TYR D 114 8.68 45.14 -9.20
N LYS D 115 7.51 45.76 -9.38
CA LYS D 115 7.08 46.83 -8.46
C LYS D 115 7.00 46.27 -7.05
N TYR D 116 7.42 47.08 -6.08
CA TYR D 116 7.32 46.66 -4.68
C TYR D 116 5.87 46.77 -4.21
N MET D 117 5.37 45.69 -3.60
CA MET D 117 3.99 45.61 -3.14
C MET D 117 3.91 45.92 -1.64
N GLU D 118 3.26 47.03 -1.33
CA GLU D 118 3.20 47.57 0.03
C GLU D 118 2.66 46.65 1.12
N ASN D 119 1.66 45.84 0.78
CA ASN D 119 0.95 45.04 1.77
C ASN D 119 1.31 43.55 1.84
N GLY D 120 2.37 43.14 1.13
CA GLY D 120 2.73 41.73 1.09
C GLY D 120 1.62 40.95 0.42
N ASN D 121 1.47 39.67 0.78
CA ASN D 121 0.45 38.82 0.16
C ASN D 121 -0.91 38.80 0.86
N LEU D 122 -1.86 38.06 0.30
CA LEU D 122 -3.20 37.98 0.86
C LEU D 122 -3.21 37.17 2.14
N LYS D 123 -2.39 36.14 2.18
CA LYS D 123 -2.23 35.28 3.34
C LYS D 123 -1.79 36.07 4.57
N ARG D 124 -1.06 37.16 4.34
CA ARG D 124 -0.53 38.01 5.40
C ARG D 124 -1.64 38.85 6.07
N HIS D 125 -2.82 38.88 5.46
CA HIS D 125 -3.97 39.62 5.97
C HIS D 125 -5.12 38.73 6.46
N LEU D 126 -5.00 37.42 6.22
CA LEU D 126 -6.05 36.46 6.58
C LEU D 126 -5.70 35.65 7.84
N TYR D 127 -4.43 35.38 8.05
CA TYR D 127 -3.87 34.87 9.29
C TYR D 127 -2.39 35.22 9.52
N GLY D 128 -1.48 34.41 9.06
CA GLY D 128 -0.04 34.34 9.43
C GLY D 128 0.30 34.75 10.87
N SER D 129 0.56 36.07 11.14
CA SER D 129 0.98 36.64 12.42
C SER D 129 1.12 38.17 12.32
N ASP D 130 0.61 38.86 13.35
CA ASP D 130 0.63 40.32 13.46
C ASP D 130 -0.43 41.04 12.61
N LEU D 131 -0.17 42.33 12.41
CA LEU D 131 -1.01 43.26 11.65
C LEU D 131 -2.03 43.98 12.55
N PRO D 132 -1.65 45.15 13.11
CA PRO D 132 -2.60 45.98 13.85
C PRO D 132 -3.77 46.43 12.95
N THR D 133 -4.65 47.28 13.49
CA THR D 133 -5.86 47.71 12.77
C THR D 133 -6.73 46.50 12.37
N MET D 134 -6.66 45.46 13.22
CA MET D 134 -7.48 44.26 13.11
C MET D 134 -7.40 43.60 11.72
N SER D 135 -8.47 42.88 11.36
CA SER D 135 -8.52 42.15 10.11
C SER D 135 -8.93 43.03 8.94
N MET D 136 -9.76 42.46 8.07
CA MET D 136 -10.11 43.07 6.80
C MET D 136 -11.58 42.77 6.50
N SER D 137 -12.38 43.82 6.35
CA SER D 137 -13.84 43.67 6.18
C SER D 137 -14.26 42.76 5.03
N TRP D 138 -15.56 42.45 4.96
CA TRP D 138 -16.10 41.57 3.93
C TRP D 138 -16.00 42.20 2.54
N GLU D 139 -16.34 43.48 2.46
CA GLU D 139 -16.27 44.21 1.20
C GLU D 139 -14.83 44.12 0.70
N GLN D 140 -13.89 44.58 1.52
CA GLN D 140 -12.47 44.56 1.19
C GLN D 140 -12.02 43.17 0.74
N ARG D 141 -12.52 42.14 1.44
CA ARG D 141 -12.23 40.75 1.09
C ARG D 141 -12.78 40.37 -0.29
N LEU D 142 -13.91 40.96 -0.68
CA LEU D 142 -14.51 40.69 -2.00
C LEU D 142 -13.89 41.50 -3.13
N GLU D 143 -13.48 42.74 -2.83
CA GLU D 143 -12.72 43.54 -3.77
C GLU D 143 -11.53 42.72 -4.26
N ILE D 144 -10.86 42.09 -3.30
CA ILE D 144 -9.66 41.31 -3.54
C ILE D 144 -9.97 39.89 -4.02
N CYS D 145 -11.17 39.42 -3.72
CA CYS D 145 -11.54 38.10 -4.18
C CYS D 145 -11.99 38.18 -5.64
N ILE D 146 -12.66 39.28 -5.98
CA ILE D 146 -13.12 39.53 -7.34
C ILE D 146 -11.92 39.93 -8.23
N GLY D 147 -11.16 40.92 -7.77
CA GLY D 147 -9.99 41.38 -8.51
C GLY D 147 -9.08 40.26 -8.96
N ALA D 148 -8.74 39.36 -8.04
CA ALA D 148 -7.89 38.23 -8.34
C ALA D 148 -8.53 37.26 -9.34
N ALA D 149 -9.85 37.33 -9.49
CA ALA D 149 -10.56 36.52 -10.48
C ALA D 149 -10.29 37.07 -11.89
N ARG D 150 -10.51 38.37 -12.04
CA ARG D 150 -10.24 39.07 -13.29
C ARG D 150 -8.80 38.76 -13.68
N GLY D 151 -7.95 38.59 -12.67
CA GLY D 151 -6.55 38.24 -12.87
C GLY D 151 -6.40 36.92 -13.59
N LEU D 152 -6.95 35.85 -13.01
CA LEU D 152 -6.88 34.52 -13.63
C LEU D 152 -7.67 34.43 -14.92
N HIS D 153 -8.76 35.18 -15.00
CA HIS D 153 -9.65 35.16 -16.16
C HIS D 153 -8.88 35.58 -17.40
N TYR D 154 -8.39 36.81 -17.35
CA TYR D 154 -7.52 37.37 -18.36
C TYR D 154 -6.46 36.34 -18.78
N LEU D 155 -5.97 35.56 -17.81
CA LEU D 155 -4.97 34.52 -18.08
C LEU D 155 -5.54 33.31 -18.78
N HIS D 156 -6.82 33.03 -18.53
CA HIS D 156 -7.50 31.94 -19.24
C HIS D 156 -8.00 32.43 -20.59
N THR D 157 -7.95 33.75 -20.77
CA THR D 157 -8.24 34.41 -22.04
C THR D 157 -7.01 34.26 -22.92
N ARG D 158 -5.85 34.15 -22.29
CA ARG D 158 -4.59 34.10 -22.99
C ARG D 158 -3.93 32.74 -22.95
N ALA D 159 -4.75 31.68 -22.94
CA ALA D 159 -4.27 30.30 -22.97
C ALA D 159 -3.30 29.92 -21.84
N ILE D 160 -3.09 30.83 -20.88
CA ILE D 160 -2.19 30.62 -19.72
C ILE D 160 -2.85 29.94 -18.52
N ILE D 161 -2.22 28.88 -18.04
CA ILE D 161 -2.58 28.17 -16.80
C ILE D 161 -1.56 28.57 -15.74
N HIS D 162 -2.01 29.04 -14.58
CA HIS D 162 -1.07 29.46 -13.55
C HIS D 162 -0.57 28.31 -12.69
N ARG D 163 -1.36 27.24 -12.59
CA ARG D 163 -1.02 26.03 -11.80
C ARG D 163 -0.70 26.24 -10.32
N ASP D 164 -0.34 27.45 -9.93
CA ASP D 164 0.06 27.71 -8.55
C ASP D 164 -0.67 28.93 -8.02
N VAL D 165 -2.00 28.90 -8.07
CA VAL D 165 -2.83 29.95 -7.48
C VAL D 165 -2.97 29.64 -5.98
N LYS D 166 -2.62 30.64 -5.16
CA LYS D 166 -2.72 30.52 -3.73
C LYS D 166 -2.51 31.86 -3.03
N SER D 167 -3.15 32.00 -1.87
CA SER D 167 -3.06 33.19 -1.00
C SER D 167 -1.69 33.93 -0.94
N ILE D 168 -0.58 33.20 -1.04
CA ILE D 168 0.75 33.80 -1.03
C ILE D 168 1.10 34.54 -2.33
N ASN D 169 0.59 34.05 -3.45
CA ASN D 169 0.92 34.63 -4.74
C ASN D 169 0.05 35.86 -5.10
N ILE D 170 -0.87 36.25 -4.23
CA ILE D 170 -1.78 37.36 -4.53
C ILE D 170 -1.44 38.69 -3.83
N LEU D 171 -0.21 39.18 -4.07
CA LEU D 171 0.30 40.43 -3.50
C LEU D 171 -0.64 41.65 -3.65
N LEU D 172 -0.43 42.66 -2.80
CA LEU D 172 -1.28 43.87 -2.75
C LEU D 172 -0.44 45.14 -2.67
N ASP D 173 -0.93 46.21 -3.28
CA ASP D 173 -0.22 47.50 -3.29
C ASP D 173 -0.82 48.53 -2.34
N GLU D 174 -0.36 49.78 -2.48
CA GLU D 174 -0.77 50.92 -1.66
C GLU D 174 -2.29 51.15 -1.49
N ASN D 175 -3.08 50.67 -2.46
CA ASN D 175 -4.54 50.79 -2.42
C ASN D 175 -5.21 49.45 -2.14
N PHE D 176 -4.41 48.45 -1.81
CA PHE D 176 -4.89 47.07 -1.60
C PHE D 176 -5.50 46.48 -2.88
N VAL D 177 -4.83 46.73 -4.00
CA VAL D 177 -5.26 46.21 -5.29
C VAL D 177 -4.58 44.86 -5.53
N PRO D 178 -5.38 43.79 -5.65
CA PRO D 178 -4.92 42.41 -5.81
C PRO D 178 -4.03 42.21 -7.04
N LYS D 179 -2.97 41.42 -6.88
CA LYS D 179 -2.01 41.16 -7.95
C LYS D 179 -1.48 39.71 -7.89
N ILE D 180 -1.66 38.93 -8.95
CA ILE D 180 -1.10 37.58 -8.99
C ILE D 180 0.42 37.59 -9.22
N THR D 181 1.12 36.55 -8.76
CA THR D 181 2.56 36.46 -8.96
C THR D 181 3.09 35.03 -9.12
N ASP D 182 4.41 34.93 -9.19
CA ASP D 182 5.14 33.68 -9.32
C ASP D 182 4.53 32.78 -10.39
N PHE D 183 4.86 33.08 -11.64
CA PHE D 183 4.33 32.34 -12.78
C PHE D 183 5.28 31.21 -13.18
N GLY D 184 6.44 31.15 -12.56
CA GLY D 184 7.46 30.14 -12.86
C GLY D 184 6.98 28.70 -13.08
N ILE D 185 5.76 28.39 -12.67
CA ILE D 185 5.21 27.04 -12.85
C ILE D 185 4.25 27.01 -14.05
N SER D 186 3.82 28.19 -14.48
CA SER D 186 2.76 28.36 -15.50
C SER D 186 2.98 27.64 -16.83
N LYS D 187 1.91 27.53 -17.61
CA LYS D 187 1.98 26.89 -18.92
C LYS D 187 1.00 27.51 -19.91
N LYS D 188 1.46 27.81 -21.11
CA LYS D 188 0.60 28.38 -22.14
C LYS D 188 -0.05 27.27 -22.99
N GLY D 189 -1.08 27.63 -23.75
CA GLY D 189 -1.80 26.70 -24.62
C GLY D 189 -1.91 27.15 -26.07
N THR D 190 -2.16 26.19 -26.95
CA THR D 190 -2.28 26.45 -28.38
C THR D 190 -3.70 26.89 -28.73
N GLU D 191 -4.66 26.00 -28.44
CA GLU D 191 -6.07 26.17 -28.81
C GLU D 191 -6.72 27.47 -28.30
N LEU D 192 -5.96 28.23 -27.50
CA LEU D 192 -6.40 29.51 -26.94
C LEU D 192 -7.78 29.42 -26.25
N GLY D 193 -7.81 28.73 -25.11
CA GLY D 193 -9.04 28.56 -24.33
C GLY D 193 -9.37 27.09 -24.11
N GLN D 194 -9.76 26.41 -25.20
CA GLN D 194 -10.22 25.02 -25.14
C GLN D 194 -9.09 23.98 -24.95
N THR D 195 -7.88 24.45 -24.60
CA THR D 195 -6.75 23.54 -24.39
C THR D 195 -6.98 22.55 -23.24
N HIS D 196 -6.69 21.28 -23.52
CA HIS D 196 -6.71 20.21 -22.51
C HIS D 196 -5.39 19.42 -22.55
N LEU D 197 -4.30 20.15 -22.32
CA LEU D 197 -2.91 19.65 -22.37
C LEU D 197 -2.51 18.82 -21.13
N SEP D 198 -1.44 18.02 -21.24
CA SEP D 198 -0.98 17.19 -20.10
CB SEP D 198 -1.59 15.79 -20.17
OG SEP D 198 -0.67 14.87 -20.69
C SEP D 198 0.56 17.07 -19.93
O SEP D 198 1.28 16.68 -20.87
P SEP D 198 -1.41 13.60 -21.35
O1P SEP D 198 -0.99 12.24 -20.57
O2P SEP D 198 -3.03 13.80 -21.25
O3P SEP D 198 -0.94 13.44 -22.89
N TPO D 199 1.03 17.37 -18.71
CA TPO D 199 2.46 17.40 -18.35
CB TPO D 199 2.95 18.86 -18.54
CG2 TPO D 199 2.14 19.85 -17.68
OG1 TPO D 199 4.36 18.92 -18.27
P TPO D 199 5.30 20.20 -18.62
O1P TPO D 199 4.71 21.42 -17.92
O2P TPO D 199 6.66 19.79 -18.11
O3P TPO D 199 5.20 20.28 -20.14
C TPO D 199 2.70 16.92 -16.92
O TPO D 199 1.75 16.64 -16.18
N VAL D 200 3.98 16.85 -16.52
CA VAL D 200 4.36 16.44 -15.15
C VAL D 200 3.73 17.35 -14.07
N VAL D 201 3.02 16.72 -13.13
CA VAL D 201 2.24 17.40 -12.10
C VAL D 201 3.05 18.44 -11.31
N LYS D 202 2.47 19.63 -11.12
CA LYS D 202 3.10 20.72 -10.38
C LYS D 202 2.09 21.60 -9.66
N GLY D 203 2.46 22.10 -8.47
CA GLY D 203 1.62 23.00 -7.70
C GLY D 203 1.85 22.90 -6.20
N THR D 204 1.04 23.63 -5.44
CA THR D 204 1.16 23.64 -3.98
C THR D 204 0.19 22.58 -3.41
N LEU D 205 0.74 21.72 -2.56
CA LEU D 205 0.11 20.48 -2.06
C LEU D 205 -1.35 20.57 -1.56
N GLY D 206 -1.71 21.69 -0.94
CA GLY D 206 -3.09 21.87 -0.48
C GLY D 206 -4.09 22.25 -1.57
N TYR D 207 -3.65 23.03 -2.55
CA TYR D 207 -4.52 23.59 -3.59
C TYR D 207 -4.57 22.77 -4.87
N ILE D 208 -3.56 21.96 -5.09
CA ILE D 208 -3.50 21.10 -6.27
C ILE D 208 -4.88 20.62 -6.67
N ASP D 209 -5.10 20.56 -7.97
CA ASP D 209 -6.29 19.94 -8.47
C ASP D 209 -6.18 18.45 -8.17
N PRO D 210 -7.14 17.88 -7.43
CA PRO D 210 -7.08 16.45 -7.16
C PRO D 210 -7.16 15.62 -8.45
N GLU D 211 -8.05 16.04 -9.37
CA GLU D 211 -8.20 15.36 -10.66
C GLU D 211 -6.89 15.43 -11.44
N TYR D 212 -6.34 16.63 -11.56
CA TYR D 212 -5.05 16.86 -12.21
C TYR D 212 -4.05 15.84 -11.66
N PHE D 213 -3.97 15.80 -10.34
CA PHE D 213 -3.03 14.95 -9.62
C PHE D 213 -3.14 13.47 -10.03
N ILE D 214 -4.34 12.90 -9.91
CA ILE D 214 -4.56 11.45 -10.13
C ILE D 214 -4.59 11.00 -11.60
N LYS D 215 -4.79 11.95 -12.50
CA LYS D 215 -4.90 11.66 -13.94
C LYS D 215 -3.67 12.11 -14.75
N GLY D 216 -3.21 13.34 -14.52
CA GLY D 216 -2.10 13.88 -15.29
C GLY D 216 -2.54 15.04 -16.17
N ARG D 217 -3.77 14.93 -16.72
CA ARG D 217 -4.34 15.95 -17.62
C ARG D 217 -4.54 17.30 -16.93
N LEU D 218 -4.20 18.35 -17.65
CA LEU D 218 -4.34 19.70 -17.12
C LEU D 218 -5.30 20.52 -17.99
N THR D 219 -6.16 21.30 -17.34
CA THR D 219 -6.98 22.28 -18.04
C THR D 219 -6.86 23.60 -17.29
N GLU D 220 -7.62 24.59 -17.73
CA GLU D 220 -7.62 25.86 -17.01
C GLU D 220 -8.45 25.75 -15.73
N LYS D 221 -9.38 24.79 -15.73
CA LYS D 221 -10.27 24.55 -14.58
C LYS D 221 -9.49 24.22 -13.31
N SER D 222 -8.28 23.68 -13.48
CA SER D 222 -7.42 23.36 -12.35
C SER D 222 -6.99 24.61 -11.61
N ASP D 223 -7.05 25.74 -12.30
CA ASP D 223 -6.85 27.04 -11.67
C ASP D 223 -8.11 27.38 -10.90
N VAL D 224 -9.25 27.14 -11.53
CA VAL D 224 -10.54 27.42 -10.91
C VAL D 224 -10.57 26.76 -9.54
N TYR D 225 -10.26 25.46 -9.49
CA TYR D 225 -10.16 24.75 -8.22
C TYR D 225 -9.29 25.55 -7.23
N SER D 226 -7.99 25.62 -7.50
CA SER D 226 -7.09 26.39 -6.66
C SER D 226 -7.77 27.70 -6.19
N PHE D 227 -8.62 28.27 -7.03
CA PHE D 227 -9.26 29.52 -6.67
C PHE D 227 -10.30 29.26 -5.60
N GLY D 228 -11.20 28.32 -5.84
CA GLY D 228 -12.23 27.95 -4.87
C GLY D 228 -11.67 27.75 -3.47
N VAL D 229 -10.46 27.22 -3.42
CA VAL D 229 -9.74 27.01 -2.18
C VAL D 229 -9.36 28.37 -1.59
N VAL D 230 -8.73 29.23 -2.39
CA VAL D 230 -8.39 30.59 -1.96
C VAL D 230 -9.68 31.23 -1.43
N LEU D 231 -10.73 31.17 -2.24
CA LEU D 231 -12.04 31.73 -1.90
C LEU D 231 -12.40 31.51 -0.42
N PHE D 232 -12.53 30.26 -0.01
CA PHE D 232 -12.83 29.93 1.39
C PHE D 232 -11.75 30.48 2.30
N GLU D 233 -10.51 30.18 1.97
CA GLU D 233 -9.35 30.65 2.73
C GLU D 233 -9.40 32.17 2.93
N VAL D 234 -10.44 32.80 2.38
CA VAL D 234 -10.70 34.21 2.55
C VAL D 234 -11.91 34.35 3.46
N LEU D 235 -12.91 33.51 3.19
CA LEU D 235 -14.14 33.47 3.97
C LEU D 235 -13.80 33.06 5.40
N CYS D 236 -13.10 31.95 5.56
CA CYS D 236 -12.76 31.35 6.85
C CYS D 236 -11.68 32.11 7.58
N ALA D 237 -10.56 32.41 6.84
CA ALA D 237 -9.36 33.02 7.43
C ALA D 237 -8.49 31.87 7.90
N ARG D 238 -8.93 30.66 7.53
CA ARG D 238 -8.19 29.43 7.76
C ARG D 238 -7.02 29.44 6.77
N SER D 239 -6.18 30.46 6.95
CA SER D 239 -4.95 30.69 6.19
C SER D 239 -4.04 29.46 6.28
N ALA D 240 -4.69 28.30 6.31
CA ALA D 240 -4.05 27.03 6.51
C ALA D 240 -4.40 26.08 5.39
N ILE D 241 -5.60 26.23 4.84
CA ILE D 241 -6.10 25.36 3.77
C ILE D 241 -5.90 23.86 4.02
N VAL D 242 -4.66 23.47 4.28
CA VAL D 242 -4.31 22.12 4.73
C VAL D 242 -3.61 22.24 6.11
N GLN D 243 -4.39 21.96 7.16
CA GLN D 243 -3.90 22.03 8.54
C GLN D 243 -3.78 20.66 9.20
N SER D 244 -2.56 20.31 9.59
CA SER D 244 -2.25 19.02 10.18
C SER D 244 -2.33 18.99 11.72
N LEU D 245 -3.41 19.51 12.29
CA LEU D 245 -3.63 19.46 13.75
C LEU D 245 -5.06 19.15 14.30
N PRO D 246 -6.14 19.82 13.80
CA PRO D 246 -7.52 19.37 14.06
C PRO D 246 -7.82 17.96 13.46
N ARG D 247 -9.08 17.54 13.39
CA ARG D 247 -9.42 16.18 12.88
C ARG D 247 -9.30 15.87 11.37
N GLU D 248 -10.31 15.16 10.86
CA GLU D 248 -10.44 14.82 9.46
C GLU D 248 -11.15 15.97 8.78
N MET D 249 -11.04 17.12 9.42
CA MET D 249 -11.50 18.39 8.88
C MET D 249 -10.25 19.15 8.41
N VAL D 250 -9.22 18.36 8.07
CA VAL D 250 -7.88 18.86 7.72
C VAL D 250 -7.80 19.70 6.45
N ASN D 251 -8.45 19.26 5.37
CA ASN D 251 -8.40 19.99 4.11
C ASN D 251 -9.54 20.96 3.96
N LEU D 252 -9.27 22.24 4.24
CA LEU D 252 -10.28 23.29 4.17
C LEU D 252 -11.26 23.11 3.01
N ALA D 253 -10.73 22.65 1.88
CA ALA D 253 -11.52 22.43 0.67
C ALA D 253 -12.47 21.24 0.79
N GLU D 254 -12.11 20.30 1.66
CA GLU D 254 -12.95 19.15 1.95
C GLU D 254 -13.92 19.62 3.02
N TRP D 255 -13.35 20.36 3.97
CA TRP D 255 -14.03 20.86 5.16
C TRP D 255 -15.23 21.71 4.79
N ALA D 256 -14.96 22.89 4.24
CA ALA D 256 -16.03 23.82 3.89
C ALA D 256 -17.04 23.24 2.91
N VAL D 257 -16.59 22.36 2.02
CA VAL D 257 -17.50 21.69 1.09
C VAL D 257 -18.56 20.95 1.89
N GLU D 258 -18.15 19.98 2.70
CA GLU D 258 -19.14 19.17 3.40
C GLU D 258 -20.10 20.00 4.28
N SER D 259 -19.67 21.19 4.68
CA SER D 259 -20.53 22.14 5.39
C SER D 259 -21.54 22.76 4.43
N HIS D 260 -21.04 23.61 3.53
CA HIS D 260 -21.88 24.37 2.61
C HIS D 260 -22.34 23.62 1.35
N ASN D 261 -21.70 22.49 1.04
CA ASN D 261 -22.21 21.64 -0.03
C ASN D 261 -23.47 20.95 0.47
N ASN D 262 -23.52 20.67 1.76
CA ASN D 262 -24.65 19.98 2.35
C ASN D 262 -24.84 20.18 3.85
N GLY D 263 -24.27 19.24 4.62
CA GLY D 263 -24.53 19.10 6.05
C GLY D 263 -24.48 20.27 7.02
N GLN D 264 -24.78 21.49 6.57
CA GLN D 264 -24.89 22.63 7.51
C GLN D 264 -25.04 24.03 6.90
N LEU D 265 -24.37 24.30 5.79
CA LEU D 265 -24.26 25.68 5.28
C LEU D 265 -23.63 26.51 6.44
N GLU D 266 -22.49 26.03 6.95
CA GLU D 266 -21.89 26.59 8.17
C GLU D 266 -21.52 28.06 8.08
N GLN D 267 -22.02 28.81 9.05
CA GLN D 267 -21.64 30.20 9.23
C GLN D 267 -20.64 30.18 10.37
N ILE D 268 -20.34 28.95 10.79
CA ILE D 268 -19.48 28.69 11.93
C ILE D 268 -18.00 28.61 11.52
N VAL D 269 -17.76 28.41 10.22
CA VAL D 269 -16.40 28.23 9.69
C VAL D 269 -15.51 29.49 9.63
N ASP D 270 -16.10 30.67 9.62
CA ASP D 270 -15.34 31.92 9.41
C ASP D 270 -14.70 32.56 10.66
N PRO D 271 -14.01 33.71 10.50
CA PRO D 271 -13.33 34.30 11.65
C PRO D 271 -14.26 35.21 12.45
N ASN D 272 -13.66 36.19 13.12
CA ASN D 272 -14.46 37.20 13.78
C ASN D 272 -14.95 38.20 12.73
N LEU D 273 -15.72 37.67 11.77
CA LEU D 273 -16.44 38.51 10.81
C LEU D 273 -17.81 38.88 11.42
N ALA D 274 -18.16 38.21 12.52
CA ALA D 274 -19.40 38.46 13.27
C ALA D 274 -20.66 38.34 12.40
N ASP D 275 -21.47 39.40 12.39
CA ASP D 275 -22.69 39.47 11.58
C ASP D 275 -22.53 40.46 10.42
N LYS D 276 -21.33 40.51 9.83
CA LYS D 276 -21.04 41.50 8.80
C LYS D 276 -21.38 41.04 7.37
N ILE D 277 -21.74 39.77 7.22
CA ILE D 277 -22.09 39.21 5.90
C ILE D 277 -23.60 39.06 5.72
N ARG D 278 -24.15 39.73 4.70
CA ARG D 278 -25.58 39.61 4.41
C ARG D 278 -25.86 38.17 3.99
N PRO D 279 -26.86 37.53 4.62
CA PRO D 279 -27.21 36.11 4.43
C PRO D 279 -27.30 35.63 2.96
N GLU D 280 -27.64 36.53 2.05
CA GLU D 280 -27.72 36.17 0.65
C GLU D 280 -26.33 36.15 0.02
N SER D 281 -25.51 37.16 0.34
CA SER D 281 -24.16 37.31 -0.21
C SER D 281 -23.23 36.18 0.26
N LEU D 282 -23.57 35.57 1.39
CA LEU D 282 -22.80 34.47 1.94
C LEU D 282 -23.25 33.11 1.41
N ARG D 283 -24.50 33.03 0.95
CA ARG D 283 -25.02 31.78 0.39
C ARG D 283 -24.57 31.66 -1.06
N LYS D 284 -24.31 32.81 -1.66
CA LYS D 284 -23.83 32.90 -3.03
C LYS D 284 -22.32 32.72 -3.02
N PHE D 285 -21.63 33.55 -2.24
CA PHE D 285 -20.16 33.52 -2.16
C PHE D 285 -19.67 32.10 -2.03
N GLY D 286 -20.32 31.36 -1.15
CA GLY D 286 -19.93 30.00 -0.91
C GLY D 286 -20.43 29.09 -2.00
N ASP D 287 -21.67 29.31 -2.45
CA ASP D 287 -22.26 28.42 -3.46
C ASP D 287 -21.29 28.29 -4.63
N THR D 288 -20.55 29.37 -4.85
CA THR D 288 -19.52 29.43 -5.86
C THR D 288 -18.30 28.59 -5.41
N ALA D 289 -17.63 29.04 -4.35
CA ALA D 289 -16.44 28.36 -3.84
C ALA D 289 -16.60 26.83 -3.81
N VAL D 290 -17.80 26.36 -3.51
CA VAL D 290 -18.14 24.93 -3.56
C VAL D 290 -18.15 24.39 -5.00
N LYS D 291 -18.70 25.19 -5.92
CA LYS D 291 -18.72 24.84 -7.35
C LYS D 291 -17.30 24.72 -7.92
N CYS D 292 -16.45 25.70 -7.62
CA CYS D 292 -15.07 25.73 -8.14
C CYS D 292 -14.34 24.44 -7.81
N LEU D 293 -14.83 23.78 -6.77
CA LEU D 293 -14.15 22.63 -6.16
C LEU D 293 -14.75 21.28 -6.52
N ALA D 294 -15.62 21.25 -7.52
CA ALA D 294 -16.24 20.00 -7.99
C ALA D 294 -15.18 18.90 -8.19
N LEU D 295 -15.61 17.64 -8.11
CA LEU D 295 -14.68 16.50 -8.18
C LEU D 295 -13.96 16.42 -9.52
N SER D 296 -14.71 16.47 -10.62
CA SER D 296 -14.12 16.56 -11.95
C SER D 296 -14.33 17.97 -12.49
N SER D 297 -13.29 18.54 -13.10
CA SER D 297 -13.34 19.89 -13.64
C SER D 297 -14.55 20.12 -14.54
N GLU D 298 -15.10 19.00 -15.02
CA GLU D 298 -16.26 18.99 -15.90
C GLU D 298 -17.40 19.91 -15.45
N ASP D 299 -17.66 19.93 -14.15
CA ASP D 299 -18.77 20.69 -13.62
C ASP D 299 -18.28 21.94 -12.89
N ARG D 300 -17.11 22.40 -13.30
CA ARG D 300 -16.53 23.62 -12.72
C ARG D 300 -16.87 24.82 -13.57
N PRO D 301 -16.91 26.00 -12.93
CA PRO D 301 -17.21 27.23 -13.65
C PRO D 301 -15.93 27.79 -14.29
N SER D 302 -16.05 28.30 -15.50
CA SER D 302 -14.95 29.03 -16.13
C SER D 302 -14.70 30.29 -15.32
N MET D 303 -13.44 30.60 -15.05
CA MET D 303 -13.08 31.76 -14.23
C MET D 303 -13.93 33.00 -14.49
N GLY D 304 -14.57 33.05 -15.66
CA GLY D 304 -15.44 34.16 -16.04
C GLY D 304 -16.72 34.24 -15.23
N ASP D 305 -17.44 33.13 -15.15
CA ASP D 305 -18.66 33.02 -14.34
C ASP D 305 -18.35 33.41 -12.90
N VAL D 306 -17.28 32.82 -12.39
CA VAL D 306 -16.79 33.06 -11.03
C VAL D 306 -16.44 34.52 -10.77
N LEU D 307 -16.16 35.27 -11.84
CA LEU D 307 -15.87 36.70 -11.72
C LEU D 307 -17.18 37.45 -11.59
N TRP D 308 -18.20 36.89 -12.22
CA TRP D 308 -19.51 37.48 -12.21
C TRP D 308 -20.22 37.18 -10.89
N LYS D 309 -20.33 35.89 -10.56
CA LYS D 309 -20.95 35.44 -9.31
C LYS D 309 -20.43 36.25 -8.12
N LEU D 310 -19.10 36.36 -8.02
CA LEU D 310 -18.43 37.12 -6.98
C LEU D 310 -18.86 38.59 -6.99
N GLU D 311 -18.80 39.22 -8.16
CA GLU D 311 -19.27 40.59 -8.31
C GLU D 311 -20.74 40.66 -7.84
N TYR D 312 -21.58 39.81 -8.41
CA TYR D 312 -22.98 39.70 -8.03
C TYR D 312 -23.13 39.59 -6.52
N ALA D 313 -22.21 38.86 -5.90
CA ALA D 313 -22.21 38.70 -4.44
C ALA D 313 -21.90 40.02 -3.72
N LEU D 314 -20.79 40.66 -4.08
CA LEU D 314 -20.48 42.00 -3.53
C LEU D 314 -21.61 42.99 -3.81
N ARG D 315 -22.42 42.64 -4.81
CA ARG D 315 -23.60 43.40 -5.16
C ARG D 315 -24.72 43.10 -4.15
N LEU D 316 -24.97 41.81 -3.93
CA LEU D 316 -26.01 41.32 -3.01
C LEU D 316 -25.78 41.74 -1.56
N GLN D 317 -24.73 42.53 -1.32
CA GLN D 317 -24.32 42.87 0.04
C GLN D 317 -24.77 44.26 0.46
N GLU D 318 -24.32 45.29 -0.28
CA GLU D 318 -24.66 46.67 0.06
C GLU D 318 -26.10 47.04 -0.29
N GLY E 4 12.19 44.75 8.46
CA GLY E 4 12.87 43.54 7.92
C GLY E 4 12.68 42.33 8.82
N ALA E 5 13.70 41.46 8.83
CA ALA E 5 13.70 40.26 9.66
C ALA E 5 15.11 39.85 10.05
N VAL E 6 16.03 39.86 9.08
CA VAL E 6 17.43 39.53 9.35
C VAL E 6 18.04 40.67 10.16
N ALA E 7 17.64 41.90 9.82
CA ALA E 7 18.07 43.10 10.53
C ALA E 7 17.57 43.05 11.97
N HIS E 8 16.26 42.78 12.11
CA HIS E 8 15.60 42.66 13.41
C HIS E 8 16.20 41.53 14.24
N ALA E 9 16.32 40.34 13.63
CA ALA E 9 16.81 39.14 14.31
C ALA E 9 18.16 39.34 15.01
N ASN E 10 19.04 40.12 14.39
CA ASN E 10 20.35 40.40 14.96
C ASN E 10 20.27 41.29 16.21
N SER E 11 19.30 42.21 16.23
CA SER E 11 19.07 43.08 17.39
C SER E 11 18.91 42.24 18.66
N ILE E 12 18.29 41.08 18.49
CA ILE E 12 18.00 40.18 19.60
C ILE E 12 19.20 39.29 19.98
N VAL E 13 20.00 38.87 18.98
CA VAL E 13 21.24 38.15 19.25
C VAL E 13 22.14 39.08 20.07
N GLN E 14 22.12 40.36 19.70
CA GLN E 14 22.87 41.39 20.42
C GLN E 14 22.49 41.40 21.89
N GLN E 15 21.20 41.63 22.16
CA GLN E 15 20.67 41.66 23.53
C GLN E 15 21.21 40.48 24.33
N LEU E 16 20.95 39.26 23.85
CA LEU E 16 21.39 38.04 24.51
C LEU E 16 22.87 38.08 24.94
N VAL E 17 23.76 38.36 24.00
CA VAL E 17 25.19 38.42 24.30
C VAL E 17 25.52 39.64 25.19
N SER E 18 24.87 40.78 24.91
CA SER E 18 25.10 42.00 25.67
C SER E 18 24.55 41.88 27.09
N GLU E 19 23.49 41.09 27.25
CA GLU E 19 22.90 40.82 28.56
C GLU E 19 23.44 39.51 29.15
N GLY E 20 24.54 39.03 28.60
CA GLY E 20 25.25 37.88 29.14
C GLY E 20 24.68 36.51 28.83
N ALA E 21 23.53 36.48 28.16
CA ALA E 21 22.86 35.22 27.82
C ALA E 21 23.75 34.34 26.96
N ASP E 22 24.14 33.19 27.50
CA ASP E 22 24.86 32.18 26.74
C ASP E 22 23.99 31.81 25.56
N ILE E 23 24.30 32.38 24.40
CA ILE E 23 23.50 32.19 23.20
C ILE E 23 23.43 30.73 22.77
N SER E 24 24.40 29.93 23.18
CA SER E 24 24.35 28.51 22.89
C SER E 24 23.03 27.97 23.42
N HIS E 25 22.83 28.07 24.74
CA HIS E 25 21.60 27.62 25.41
C HIS E 25 20.34 28.29 24.85
N THR E 26 20.43 29.58 24.55
CA THR E 26 19.27 30.31 24.05
C THR E 26 18.70 29.59 22.82
N ARG E 27 19.60 29.12 21.95
CA ARG E 27 19.18 28.36 20.78
C ARG E 27 18.41 27.13 21.21
N ASN E 28 18.97 26.40 22.18
CA ASN E 28 18.38 25.17 22.67
C ASN E 28 16.90 25.36 22.94
N MET E 29 16.56 26.49 23.55
CA MET E 29 15.17 26.80 23.85
C MET E 29 14.39 27.20 22.61
N LEU E 30 14.96 28.07 21.78
CA LEU E 30 14.29 28.51 20.57
C LEU E 30 13.91 27.32 19.70
N ARG E 31 14.71 26.25 19.74
CA ARG E 31 14.42 25.03 18.99
C ARG E 31 13.28 24.30 19.68
N ASN E 32 13.48 23.98 20.95
CA ASN E 32 12.45 23.35 21.76
C ASN E 32 11.13 24.11 21.61
N ALA E 33 11.24 25.44 21.49
CA ALA E 33 10.07 26.31 21.40
C ALA E 33 9.27 26.06 20.13
N MET E 34 9.97 25.96 19.01
CA MET E 34 9.31 25.82 17.71
C MET E 34 8.87 24.39 17.46
N ASN E 35 9.67 23.43 17.90
CA ASN E 35 9.30 22.02 17.81
C ASN E 35 8.01 21.79 18.59
N GLY E 36 7.87 22.51 19.70
CA GLY E 36 6.72 22.37 20.58
C GLY E 36 7.07 21.57 21.83
N ASP E 37 8.37 21.49 22.10
CA ASP E 37 8.90 20.76 23.26
C ASP E 37 8.96 21.64 24.50
N ALA E 38 9.00 21.00 25.67
CA ALA E 38 9.10 21.71 26.93
C ALA E 38 10.28 22.69 26.92
N VAL E 39 9.97 23.98 26.89
CA VAL E 39 10.99 25.02 26.96
C VAL E 39 11.33 25.32 28.41
N ALA E 40 12.49 25.93 28.64
CA ALA E 40 12.93 26.27 29.97
C ALA E 40 13.83 27.52 29.92
N PHE E 41 13.22 28.65 29.58
CA PHE E 41 13.97 29.90 29.46
C PHE E 41 14.54 30.37 30.77
N SER E 42 15.65 31.12 30.70
CA SER E 42 16.20 31.77 31.88
C SER E 42 15.50 33.11 32.05
N ARG E 43 15.66 33.72 33.23
CA ARG E 43 15.05 35.03 33.53
C ARG E 43 15.46 36.09 32.50
N VAL E 44 16.74 36.06 32.13
CA VAL E 44 17.26 36.93 31.07
C VAL E 44 16.48 36.67 29.78
N GLU E 45 16.66 35.45 29.26
CA GLU E 45 16.11 35.02 27.97
C GLU E 45 14.59 35.19 27.82
N GLN E 46 13.84 34.87 28.87
CA GLN E 46 12.38 34.91 28.80
C GLN E 46 11.84 36.31 28.53
N ASN E 47 12.30 37.29 29.31
CA ASN E 47 11.85 38.66 29.15
C ASN E 47 12.30 39.23 27.81
N ILE E 48 13.49 38.83 27.36
CA ILE E 48 13.99 39.25 26.05
C ILE E 48 13.03 38.78 24.94
N PHE E 49 12.59 37.53 25.03
CA PHE E 49 11.72 36.92 24.02
C PHE E 49 10.30 37.51 23.99
N ARG E 50 9.75 37.80 25.17
CA ARG E 50 8.40 38.35 25.26
C ARG E 50 8.30 39.70 24.54
N GLN E 51 9.43 40.39 24.45
CA GLN E 51 9.53 41.70 23.80
C GLN E 51 9.23 41.61 22.30
N HIS E 52 9.77 40.58 21.66
CA HIS E 52 9.69 40.41 20.21
C HIS E 52 8.54 39.47 19.78
N PHE E 53 8.28 38.45 20.58
CA PHE E 53 7.10 37.60 20.38
C PHE E 53 6.14 37.89 21.54
N PRO E 54 5.21 38.84 21.34
CA PRO E 54 4.29 39.30 22.37
C PRO E 54 3.36 38.20 22.88
N ASN E 55 2.67 37.53 21.95
CA ASN E 55 1.73 36.48 22.31
C ASN E 55 2.42 35.15 22.69
N MET E 56 3.71 35.22 23.02
CA MET E 56 4.50 34.04 23.41
C MET E 56 3.89 33.16 24.51
N PRO E 57 3.28 33.77 25.55
CA PRO E 57 2.67 32.93 26.58
C PRO E 57 1.69 31.91 25.98
N MET E 58 0.83 32.42 25.09
CA MET E 58 -0.27 31.66 24.53
C MET E 58 0.02 30.95 23.18
N HIS E 59 0.38 31.74 22.17
CA HIS E 59 0.64 31.21 20.83
C HIS E 59 2.11 30.81 20.69
N GLY E 60 3.01 31.77 20.90
CA GLY E 60 4.44 31.51 21.06
C GLY E 60 5.20 30.85 19.91
N ILE E 61 6.33 31.45 19.58
CA ILE E 61 7.25 30.99 18.52
C ILE E 61 6.73 29.86 17.62
N SER E 62 6.14 30.26 16.49
CA SER E 62 5.65 29.31 15.49
C SER E 62 6.82 28.74 14.67
N ARG E 63 6.50 27.86 13.73
CA ARG E 63 7.50 27.35 12.78
C ARG E 63 7.73 28.38 11.68
N ASP E 64 6.63 28.84 11.09
CA ASP E 64 6.67 29.72 9.95
C ASP E 64 6.78 31.18 10.33
N SER E 65 6.87 31.46 11.64
CA SER E 65 7.05 32.84 12.08
C SER E 65 8.37 33.34 11.53
N GLU E 66 8.27 34.19 10.52
CA GLU E 66 9.43 34.74 9.83
C GLU E 66 10.56 35.09 10.79
N LEU E 67 10.25 35.92 11.78
CA LEU E 67 11.25 36.39 12.74
C LEU E 67 11.90 35.27 13.53
N ALA E 68 11.10 34.27 13.90
CA ALA E 68 11.60 33.12 14.64
C ALA E 68 12.71 32.40 13.88
N ILE E 69 12.46 32.13 12.60
CA ILE E 69 13.37 31.38 11.74
C ILE E 69 14.71 32.11 11.59
N GLU E 70 14.66 33.36 11.14
CA GLU E 70 15.84 34.21 11.00
C GLU E 70 16.67 34.21 12.27
N LEU E 71 15.99 34.38 13.40
CA LEU E 71 16.61 34.35 14.72
C LEU E 71 17.38 33.04 14.93
N ARG E 72 16.73 31.92 14.59
CA ARG E 72 17.33 30.58 14.74
C ARG E 72 18.65 30.50 13.99
N GLY E 73 18.69 31.18 12.84
CA GLY E 73 19.92 31.31 12.07
C GLY E 73 20.83 32.34 12.69
N ALA E 74 20.27 33.54 12.93
CA ALA E 74 21.00 34.67 13.52
C ALA E 74 21.79 34.27 14.77
N LEU E 75 21.26 33.32 15.53
CA LEU E 75 21.96 32.74 16.66
C LEU E 75 22.95 31.68 16.18
N ARG E 76 22.43 30.66 15.49
CA ARG E 76 23.25 29.54 14.99
C ARG E 76 24.60 30.02 14.47
N ARG E 77 24.58 30.99 13.57
CA ARG E 77 25.80 31.56 13.03
C ARG E 77 26.65 32.14 14.16
N ALA E 78 26.07 33.07 14.92
CA ALA E 78 26.76 33.75 16.01
C ALA E 78 27.44 32.78 16.99
N VAL E 79 26.82 31.62 17.22
CA VAL E 79 27.38 30.58 18.10
C VAL E 79 28.76 30.11 17.64
N HIS E 80 28.99 30.18 16.33
CA HIS E 80 30.27 29.77 15.73
C HIS E 80 31.28 30.92 15.71
N GLY F 4 -12.39 -8.22 2.58
CA GLY F 4 -13.04 -9.25 1.70
C GLY F 4 -12.26 -9.40 0.40
N ALA F 5 -12.99 -9.44 -0.71
CA ALA F 5 -12.36 -9.57 -2.02
C ALA F 5 -13.15 -8.85 -3.10
N VAL F 6 -14.48 -8.95 -3.02
CA VAL F 6 -15.35 -8.25 -3.97
C VAL F 6 -15.35 -6.76 -3.63
N ALA F 7 -15.22 -6.46 -2.34
CA ALA F 7 -15.14 -5.09 -1.83
C ALA F 7 -13.82 -4.46 -2.26
N HIS F 8 -12.74 -5.23 -2.09
CA HIS F 8 -11.39 -4.84 -2.46
C HIS F 8 -11.27 -4.64 -3.99
N ALA F 9 -11.67 -5.66 -4.75
CA ALA F 9 -11.63 -5.62 -6.21
C ALA F 9 -12.21 -4.33 -6.77
N ASN F 10 -13.37 -3.92 -6.25
CA ASN F 10 -14.03 -2.70 -6.68
C ASN F 10 -13.15 -1.46 -6.52
N SER F 11 -12.45 -1.37 -5.39
CA SER F 11 -11.52 -0.26 -5.14
C SER F 11 -10.61 -0.05 -6.34
N ILE F 12 -10.14 -1.16 -6.90
CA ILE F 12 -9.18 -1.16 -8.01
C ILE F 12 -9.80 -0.77 -9.36
N VAL F 13 -11.02 -1.23 -9.63
CA VAL F 13 -11.73 -0.82 -10.83
C VAL F 13 -11.93 0.70 -10.75
N GLN F 14 -12.23 1.16 -9.52
CA GLN F 14 -12.47 2.59 -9.26
C GLN F 14 -11.28 3.44 -9.65
N GLN F 15 -10.12 3.14 -9.05
CA GLN F 15 -8.86 3.81 -9.40
C GLN F 15 -8.72 3.90 -10.92
N LEU F 16 -8.66 2.73 -11.56
CA LEU F 16 -8.55 2.65 -13.02
C LEU F 16 -9.44 3.70 -13.70
N VAL F 17 -10.72 3.72 -13.38
CA VAL F 17 -11.64 4.69 -13.98
C VAL F 17 -11.34 6.12 -13.50
N SER F 18 -11.09 6.28 -12.20
CA SER F 18 -10.79 7.59 -11.62
C SER F 18 -9.44 8.12 -12.13
N GLU F 19 -8.56 7.20 -12.50
CA GLU F 19 -7.27 7.56 -13.08
C GLU F 19 -7.30 7.45 -14.62
N GLY F 20 -8.49 7.65 -15.19
CA GLY F 20 -8.68 7.70 -16.64
C GLY F 20 -8.37 6.42 -17.41
N ALA F 21 -7.78 5.44 -16.72
CA ALA F 21 -7.43 4.18 -17.34
C ALA F 21 -8.64 3.57 -18.04
N ASP F 22 -8.50 3.40 -19.36
CA ASP F 22 -9.50 2.70 -20.14
C ASP F 22 -9.57 1.27 -19.58
N ILE F 23 -10.61 1.00 -18.81
CA ILE F 23 -10.78 -0.28 -18.13
C ILE F 23 -10.98 -1.47 -19.07
N SER F 24 -11.44 -1.21 -20.30
CA SER F 24 -11.57 -2.28 -21.28
C SER F 24 -10.19 -2.89 -21.53
N HIS F 25 -9.20 -2.04 -21.83
CA HIS F 25 -7.82 -2.50 -22.04
C HIS F 25 -7.25 -3.18 -20.79
N THR F 26 -7.49 -2.59 -19.62
CA THR F 26 -7.00 -3.14 -18.37
C THR F 26 -7.40 -4.61 -18.22
N ARG F 27 -8.61 -4.93 -18.65
CA ARG F 27 -9.11 -6.31 -18.63
C ARG F 27 -8.26 -7.21 -19.52
N ASN F 28 -7.92 -6.70 -20.69
CA ASN F 28 -7.16 -7.45 -21.67
C ASN F 28 -5.81 -7.90 -21.11
N MET F 29 -5.18 -7.03 -20.31
CA MET F 29 -3.91 -7.34 -19.68
C MET F 29 -4.06 -8.32 -18.51
N LEU F 30 -5.16 -8.21 -17.76
CA LEU F 30 -5.41 -9.11 -16.63
C LEU F 30 -5.68 -10.54 -17.12
N ARG F 31 -6.26 -10.64 -18.32
CA ARG F 31 -6.43 -11.93 -18.98
C ARG F 31 -5.04 -12.42 -19.38
N ASN F 32 -4.33 -11.55 -20.11
CA ASN F 32 -2.98 -11.85 -20.56
C ASN F 32 -2.07 -12.24 -19.39
N ALA F 33 -2.28 -11.61 -18.24
CA ALA F 33 -1.42 -11.84 -17.07
C ALA F 33 -1.64 -13.22 -16.45
N MET F 34 -2.90 -13.59 -16.25
CA MET F 34 -3.28 -14.85 -15.61
C MET F 34 -3.07 -16.06 -16.52
N ASN F 35 -3.40 -15.92 -17.79
CA ASN F 35 -3.13 -16.95 -18.78
C ASN F 35 -1.66 -17.28 -18.77
N GLY F 36 -0.84 -16.24 -18.60
CA GLY F 36 0.61 -16.36 -18.68
C GLY F 36 1.10 -15.92 -20.05
N ASP F 37 0.43 -14.91 -20.60
CA ASP F 37 0.76 -14.35 -21.92
C ASP F 37 1.44 -12.99 -21.81
N ALA F 38 2.27 -12.68 -22.80
CA ALA F 38 3.02 -11.45 -22.80
C ALA F 38 2.09 -10.29 -22.49
N VAL F 39 2.43 -9.56 -21.42
CA VAL F 39 1.60 -8.44 -20.99
C VAL F 39 2.22 -7.10 -21.43
N ALA F 40 1.38 -6.06 -21.46
CA ALA F 40 1.80 -4.75 -21.90
C ALA F 40 0.98 -3.67 -21.18
N PHE F 41 1.11 -3.61 -19.86
CA PHE F 41 0.40 -2.61 -19.07
C PHE F 41 0.78 -1.18 -19.46
N SER F 42 -0.12 -0.26 -19.18
CA SER F 42 0.18 1.14 -19.34
C SER F 42 0.80 1.62 -18.03
N ARG F 43 1.41 2.80 -18.05
CA ARG F 43 2.00 3.40 -16.85
C ARG F 43 0.94 3.55 -15.74
N VAL F 44 -0.24 4.01 -16.15
CA VAL F 44 -1.40 4.12 -15.25
C VAL F 44 -1.65 2.78 -14.58
N GLU F 45 -2.05 1.81 -15.42
CA GLU F 45 -2.46 0.48 -15.00
C GLU F 45 -1.40 -0.28 -14.19
N GLN F 46 -0.15 -0.25 -14.65
CA GLN F 46 0.91 -1.04 -14.02
C GLN F 46 1.18 -0.63 -12.58
N ASN F 47 1.13 0.67 -12.29
CA ASN F 47 1.40 1.11 -10.94
C ASN F 47 0.20 0.95 -10.01
N ILE F 48 -1.00 0.95 -10.58
CA ILE F 48 -2.22 0.64 -9.81
C ILE F 48 -2.13 -0.81 -9.31
N PHE F 49 -1.73 -1.71 -10.19
CA PHE F 49 -1.67 -3.13 -9.89
C PHE F 49 -0.63 -3.53 -8.83
N ARG F 50 0.56 -2.93 -8.93
CA ARG F 50 1.66 -3.29 -8.03
C ARG F 50 1.31 -2.99 -6.58
N GLN F 51 0.36 -2.09 -6.37
CA GLN F 51 -0.12 -1.77 -5.03
C GLN F 51 -0.88 -2.98 -4.45
N HIS F 52 -1.67 -3.62 -5.30
CA HIS F 52 -2.53 -4.71 -4.88
C HIS F 52 -1.90 -6.07 -5.00
N PHE F 53 -1.07 -6.24 -6.03
CA PHE F 53 -0.30 -7.47 -6.18
C PHE F 53 1.18 -7.10 -6.05
N PRO F 54 1.69 -7.11 -4.81
CA PRO F 54 3.05 -6.64 -4.53
C PRO F 54 4.09 -7.43 -5.30
N ASN F 55 4.01 -8.74 -5.19
CA ASN F 55 4.98 -9.62 -5.82
C ASN F 55 4.75 -9.76 -7.32
N MET F 56 3.96 -8.86 -7.89
CA MET F 56 3.65 -8.92 -9.33
C MET F 56 4.86 -9.00 -10.27
N PRO F 57 5.94 -8.24 -9.99
CA PRO F 57 7.10 -8.34 -10.89
C PRO F 57 7.55 -9.79 -11.08
N MET F 58 7.64 -10.50 -9.96
CA MET F 58 8.12 -11.87 -9.92
C MET F 58 7.04 -12.94 -10.02
N HIS F 59 6.17 -12.99 -9.02
CA HIS F 59 5.12 -14.01 -8.91
C HIS F 59 3.97 -13.69 -9.88
N GLY F 60 3.38 -12.52 -9.70
CA GLY F 60 2.41 -11.97 -10.66
C GLY F 60 1.10 -12.69 -10.90
N ILE F 61 0.02 -11.97 -10.62
CA ILE F 61 -1.36 -12.41 -10.82
C ILE F 61 -1.54 -13.88 -11.24
N SER F 62 -1.75 -14.73 -10.24
CA SER F 62 -2.01 -16.14 -10.44
C SER F 62 -3.42 -16.35 -10.97
N ARG F 63 -3.75 -17.60 -11.30
CA ARG F 63 -5.12 -17.97 -11.68
C ARG F 63 -6.01 -17.96 -10.44
N ASP F 64 -5.54 -18.61 -9.39
CA ASP F 64 -6.36 -18.84 -8.21
C ASP F 64 -6.35 -17.69 -7.21
N SER F 65 -5.50 -16.68 -7.43
CA SER F 65 -5.49 -15.54 -6.53
C SER F 65 -6.91 -15.01 -6.48
N GLU F 66 -7.52 -15.14 -5.30
CA GLU F 66 -8.91 -14.75 -5.10
C GLU F 66 -9.19 -13.36 -5.67
N LEU F 67 -8.46 -12.35 -5.16
CA LEU F 67 -8.62 -10.95 -5.57
C LEU F 67 -8.57 -10.78 -7.08
N ALA F 68 -7.62 -11.47 -7.71
CA ALA F 68 -7.45 -11.45 -9.16
C ALA F 68 -8.70 -11.98 -9.88
N ILE F 69 -9.28 -13.06 -9.36
CA ILE F 69 -10.49 -13.63 -9.95
C ILE F 69 -11.63 -12.62 -9.83
N GLU F 70 -11.74 -12.03 -8.64
CA GLU F 70 -12.77 -11.04 -8.36
C GLU F 70 -12.64 -9.83 -9.26
N LEU F 71 -11.41 -9.34 -9.41
CA LEU F 71 -11.12 -8.16 -10.21
C LEU F 71 -11.44 -8.37 -11.69
N ARG F 72 -11.23 -9.60 -12.18
CA ARG F 72 -11.53 -9.97 -13.58
C ARG F 72 -13.02 -9.77 -13.84
N GLY F 73 -13.83 -10.21 -12.88
CA GLY F 73 -15.27 -10.03 -12.93
C GLY F 73 -15.64 -8.58 -12.69
N ALA F 74 -15.18 -8.03 -11.56
CA ALA F 74 -15.43 -6.63 -11.16
C ALA F 74 -15.21 -5.64 -12.30
N LEU F 75 -14.28 -5.98 -13.19
CA LEU F 75 -14.07 -5.22 -14.42
C LEU F 75 -15.09 -5.62 -15.48
N ARG F 76 -15.13 -6.90 -15.84
CA ARG F 76 -16.04 -7.41 -16.87
C ARG F 76 -17.45 -6.83 -16.78
N ARG F 77 -18.01 -6.79 -15.56
CA ARG F 77 -19.31 -6.17 -15.33
C ARG F 77 -19.26 -4.68 -15.71
N ALA F 78 -18.37 -3.93 -15.06
CA ALA F 78 -18.24 -2.48 -15.27
C ALA F 78 -18.06 -2.08 -16.75
N VAL F 79 -17.47 -2.96 -17.56
CA VAL F 79 -17.31 -2.74 -19.01
C VAL F 79 -18.70 -2.61 -19.64
N HIS F 80 -19.65 -3.35 -19.10
CA HIS F 80 -21.04 -3.22 -19.52
C HIS F 80 -21.72 -2.12 -18.70
N GLY G 4 -4.82 -33.32 -32.68
CA GLY G 4 -6.20 -33.37 -33.03
C GLY G 4 -6.64 -32.79 -31.80
N ALA G 5 -7.46 -31.81 -31.83
CA ALA G 5 -7.85 -31.27 -30.52
C ALA G 5 -9.35 -30.97 -30.48
N VAL G 6 -9.83 -30.18 -31.45
CA VAL G 6 -11.26 -29.95 -31.60
C VAL G 6 -11.85 -31.16 -32.31
N ALA G 7 -10.99 -31.83 -33.09
CA ALA G 7 -11.34 -33.09 -33.75
C ALA G 7 -11.65 -34.11 -32.67
N HIS G 8 -10.64 -34.41 -31.86
CA HIS G 8 -10.73 -35.35 -30.74
C HIS G 8 -11.86 -35.00 -29.77
N ALA G 9 -11.92 -33.73 -29.35
CA ALA G 9 -12.90 -33.25 -28.36
C ALA G 9 -14.33 -33.63 -28.74
N ASN G 10 -14.67 -33.48 -30.02
CA ASN G 10 -16.01 -33.81 -30.51
C ASN G 10 -16.33 -35.30 -30.42
N SER G 11 -15.31 -36.15 -30.61
CA SER G 11 -15.48 -37.60 -30.46
C SER G 11 -16.07 -37.91 -29.10
N ILE G 12 -15.59 -37.19 -28.09
CA ILE G 12 -15.99 -37.41 -26.70
C ILE G 12 -17.41 -36.88 -26.39
N VAL G 13 -17.81 -35.78 -27.04
CA VAL G 13 -19.18 -35.28 -26.89
C VAL G 13 -20.13 -36.29 -27.52
N GLN G 14 -19.66 -36.92 -28.60
CA GLN G 14 -20.40 -37.96 -29.29
C GLN G 14 -20.73 -39.09 -28.33
N GLN G 15 -19.70 -39.71 -27.77
CA GLN G 15 -19.86 -40.76 -26.78
C GLN G 15 -20.89 -40.37 -25.71
N LEU G 16 -20.69 -39.20 -25.10
CA LEU G 16 -21.58 -38.68 -24.05
C LEU G 16 -23.08 -38.69 -24.44
N VAL G 17 -23.40 -38.10 -25.59
CA VAL G 17 -24.79 -38.09 -26.05
C VAL G 17 -25.21 -39.48 -26.56
N SER G 18 -24.27 -40.20 -27.17
CA SER G 18 -24.53 -41.55 -27.69
C SER G 18 -24.81 -42.55 -26.56
N GLU G 19 -24.10 -42.38 -25.44
CA GLU G 19 -24.29 -43.23 -24.27
C GLU G 19 -25.26 -42.56 -23.28
N GLY G 20 -26.15 -41.73 -23.81
CA GLY G 20 -27.22 -41.11 -23.02
C GLY G 20 -26.80 -40.07 -22.00
N ALA G 21 -25.49 -39.93 -21.77
CA ALA G 21 -24.98 -39.00 -20.79
C ALA G 21 -25.52 -37.59 -21.01
N ASP G 22 -26.21 -37.07 -20.00
CA ASP G 22 -26.71 -35.70 -20.03
C ASP G 22 -25.50 -34.75 -20.07
N ILE G 23 -25.16 -34.31 -21.28
CA ILE G 23 -23.99 -33.45 -21.49
C ILE G 23 -24.04 -32.15 -20.71
N SER G 24 -25.24 -31.63 -20.46
CA SER G 24 -25.38 -30.44 -19.63
C SER G 24 -24.64 -30.69 -18.32
N HIS G 25 -24.98 -31.79 -17.65
CA HIS G 25 -24.31 -32.17 -16.40
C HIS G 25 -22.83 -32.49 -16.58
N THR G 26 -22.47 -33.17 -17.68
CA THR G 26 -21.08 -33.52 -17.94
C THR G 26 -20.19 -32.27 -17.87
N ARG G 27 -20.69 -31.15 -18.39
CA ARG G 27 -20.00 -29.86 -18.32
C ARG G 27 -19.82 -29.45 -16.88
N ASN G 28 -20.89 -29.56 -16.10
CA ASN G 28 -20.87 -29.20 -14.70
C ASN G 28 -19.66 -29.82 -14.02
N MET G 29 -19.36 -31.07 -14.37
CA MET G 29 -18.23 -31.78 -13.78
C MET G 29 -16.88 -31.33 -14.35
N LEU G 30 -16.79 -31.22 -15.67
CA LEU G 30 -15.56 -30.79 -16.31
C LEU G 30 -15.09 -29.43 -15.78
N ARG G 31 -16.06 -28.56 -15.45
CA ARG G 31 -15.76 -27.27 -14.87
C ARG G 31 -15.30 -27.49 -13.43
N ASN G 32 -16.11 -28.20 -12.66
CA ASN G 32 -15.75 -28.58 -11.30
C ASN G 32 -14.37 -29.24 -11.28
N ALA G 33 -14.05 -29.95 -12.37
CA ALA G 33 -12.78 -30.66 -12.47
C ALA G 33 -11.60 -29.72 -12.58
N MET G 34 -11.68 -28.76 -13.50
CA MET G 34 -10.56 -27.88 -13.81
C MET G 34 -10.35 -26.75 -12.79
N ASN G 35 -11.44 -26.35 -12.12
CA ASN G 35 -11.32 -25.41 -11.00
C ASN G 35 -10.62 -26.11 -9.86
N GLY G 36 -10.82 -27.43 -9.79
CA GLY G 36 -10.27 -28.23 -8.71
C GLY G 36 -11.31 -28.46 -7.62
N ASP G 37 -12.58 -28.27 -7.99
CA ASP G 37 -13.72 -28.48 -7.08
C ASP G 37 -14.11 -29.96 -6.98
N ALA G 38 -14.93 -30.27 -5.98
CA ALA G 38 -15.36 -31.64 -5.74
C ALA G 38 -16.20 -32.20 -6.89
N VAL G 39 -15.58 -33.05 -7.72
CA VAL G 39 -16.29 -33.68 -8.83
C VAL G 39 -17.18 -34.80 -8.34
N ALA G 40 -18.18 -35.15 -9.15
CA ALA G 40 -19.12 -36.21 -8.84
C ALA G 40 -19.58 -36.86 -10.15
N PHE G 41 -18.64 -37.45 -10.88
CA PHE G 41 -18.92 -38.11 -12.16
C PHE G 41 -19.95 -39.21 -12.04
N SER G 42 -20.74 -39.42 -13.09
CA SER G 42 -21.64 -40.57 -13.15
C SER G 42 -20.85 -41.75 -13.71
N ARG G 43 -21.34 -42.97 -13.47
CA ARG G 43 -20.69 -44.19 -13.95
C ARG G 43 -20.46 -44.15 -15.46
N VAL G 44 -21.45 -43.62 -16.18
CA VAL G 44 -21.34 -43.39 -17.62
C VAL G 44 -20.16 -42.45 -17.89
N GLU G 45 -20.25 -41.26 -17.28
CA GLU G 45 -19.27 -40.19 -17.44
C GLU G 45 -17.84 -40.54 -17.05
N GLN G 46 -17.68 -41.12 -15.86
CA GLN G 46 -16.36 -41.43 -15.32
C GLN G 46 -15.49 -42.32 -16.21
N ASN G 47 -16.09 -43.37 -16.78
CA ASN G 47 -15.34 -44.29 -17.61
C ASN G 47 -15.01 -43.70 -18.98
N ILE G 48 -15.91 -42.85 -19.49
CA ILE G 48 -15.66 -42.14 -20.76
C ILE G 48 -14.42 -41.23 -20.63
N PHE G 49 -14.32 -40.53 -19.49
CA PHE G 49 -13.24 -39.59 -19.23
C PHE G 49 -11.89 -40.24 -19.01
N ARG G 50 -11.89 -41.39 -18.33
CA ARG G 50 -10.66 -42.12 -18.06
C ARG G 50 -9.97 -42.57 -19.35
N GLN G 51 -10.75 -42.67 -20.42
CA GLN G 51 -10.23 -43.10 -21.74
C GLN G 51 -9.26 -42.08 -22.33
N HIS G 52 -9.64 -40.81 -22.24
CA HIS G 52 -8.90 -39.73 -22.90
C HIS G 52 -7.97 -38.97 -21.95
N PHE G 53 -8.32 -38.96 -20.67
CA PHE G 53 -7.45 -38.40 -19.62
C PHE G 53 -6.96 -39.58 -18.77
N PRO G 54 -5.87 -40.22 -19.20
CA PRO G 54 -5.38 -41.47 -18.61
C PRO G 54 -5.08 -41.35 -17.12
N ASN G 55 -4.29 -40.34 -16.76
CA ASN G 55 -3.90 -40.14 -15.38
C ASN G 55 -4.91 -39.27 -14.62
N MET G 56 -6.18 -39.38 -15.00
CA MET G 56 -7.27 -38.66 -14.32
C MET G 56 -7.41 -38.98 -12.81
N PRO G 57 -7.13 -40.23 -12.39
CA PRO G 57 -7.21 -40.50 -10.94
C PRO G 57 -6.30 -39.57 -10.16
N MET G 58 -5.03 -39.53 -10.56
CA MET G 58 -3.97 -38.83 -9.84
C MET G 58 -3.81 -37.34 -10.19
N HIS G 59 -3.51 -37.06 -11.46
CA HIS G 59 -3.28 -35.69 -11.93
C HIS G 59 -4.60 -35.06 -12.39
N GLY G 60 -5.21 -35.67 -13.40
CA GLY G 60 -6.55 -35.31 -13.86
C GLY G 60 -6.76 -33.93 -14.44
N ILE G 61 -7.55 -33.87 -15.51
CA ILE G 61 -7.93 -32.63 -16.21
C ILE G 61 -7.34 -31.31 -15.65
N SER G 62 -6.20 -30.91 -16.20
CA SER G 62 -5.55 -29.65 -15.85
C SER G 62 -6.30 -28.47 -16.47
N ARG G 63 -5.86 -27.24 -16.15
CA ARG G 63 -6.40 -26.06 -16.82
C ARG G 63 -5.88 -26.02 -18.26
N ASP G 64 -4.57 -26.05 -18.39
CA ASP G 64 -3.92 -25.84 -19.68
C ASP G 64 -3.93 -27.07 -20.56
N SER G 65 -4.58 -28.14 -20.08
CA SER G 65 -4.70 -29.34 -20.88
C SER G 65 -5.48 -29.00 -22.15
N GLU G 66 -4.74 -28.91 -23.25
CA GLU G 66 -5.28 -28.53 -24.55
C GLU G 66 -6.62 -29.21 -24.81
N LEU G 67 -6.60 -30.53 -24.81
CA LEU G 67 -7.79 -31.33 -25.10
C LEU G 67 -8.95 -31.01 -24.17
N ALA G 68 -8.63 -30.77 -22.89
CA ALA G 68 -9.65 -30.46 -21.89
C ALA G 68 -10.37 -29.14 -22.18
N ILE G 69 -9.62 -28.16 -22.68
CA ILE G 69 -10.17 -26.84 -23.00
C ILE G 69 -11.15 -26.93 -24.18
N GLU G 70 -10.69 -27.57 -25.26
CA GLU G 70 -11.50 -27.83 -26.45
C GLU G 70 -12.81 -28.54 -26.10
N LEU G 71 -12.70 -29.52 -25.21
CA LEU G 71 -13.84 -30.30 -24.77
C LEU G 71 -14.86 -29.45 -24.01
N ARG G 72 -14.36 -28.47 -23.25
CA ARG G 72 -15.24 -27.54 -22.52
C ARG G 72 -16.10 -26.75 -23.50
N GLY G 73 -15.50 -26.40 -24.63
CA GLY G 73 -16.21 -25.73 -25.70
C GLY G 73 -17.10 -26.71 -26.45
N ALA G 74 -16.49 -27.75 -27.02
CA ALA G 74 -17.19 -28.79 -27.79
C ALA G 74 -18.50 -29.21 -27.12
N LEU G 75 -18.50 -29.23 -25.79
CA LEU G 75 -19.72 -29.49 -25.02
C LEU G 75 -20.61 -28.25 -24.96
N ARG G 76 -20.07 -27.14 -24.44
CA ARG G 76 -20.83 -25.90 -24.25
C ARG G 76 -21.69 -25.53 -25.46
N ARG G 77 -21.11 -25.60 -26.65
CA ARG G 77 -21.85 -25.35 -27.88
C ARG G 77 -22.94 -26.41 -28.02
N ALA G 78 -22.55 -27.68 -27.91
CA ALA G 78 -23.48 -28.82 -28.04
C ALA G 78 -24.68 -28.72 -27.11
N VAL G 79 -24.47 -28.12 -25.93
CA VAL G 79 -25.54 -27.92 -24.92
C VAL G 79 -26.67 -27.05 -25.50
N HIS G 80 -26.28 -26.05 -26.30
CA HIS G 80 -27.27 -25.17 -26.92
C HIS G 80 -27.97 -25.85 -28.09
N GLY H 4 7.40 0.65 12.89
CA GLY H 4 8.51 1.59 13.22
C GLY H 4 8.38 2.89 12.47
N ALA H 5 9.51 3.54 12.21
CA ALA H 5 9.54 4.80 11.47
C ALA H 5 10.85 4.94 10.73
N VAL H 6 11.96 4.72 11.43
CA VAL H 6 13.29 4.76 10.82
C VAL H 6 13.45 3.52 9.94
N ALA H 7 12.76 2.45 10.31
CA ALA H 7 12.75 1.21 9.53
C ALA H 7 11.95 1.42 8.26
N HIS H 8 10.72 1.89 8.44
CA HIS H 8 9.79 2.17 7.36
C HIS H 8 10.39 3.16 6.34
N ALA H 9 10.85 4.31 6.86
CA ALA H 9 11.45 5.36 6.04
C ALA H 9 12.49 4.80 5.07
N ASN H 10 13.35 3.92 5.57
CA ASN H 10 14.39 3.31 4.75
C ASN H 10 13.82 2.54 3.55
N SER H 11 12.71 1.83 3.78
CA SER H 11 12.02 1.11 2.70
C SER H 11 11.74 2.06 1.53
N ILE H 12 11.39 3.30 1.88
CA ILE H 12 11.07 4.33 0.89
C ILE H 12 12.31 4.90 0.18
N VAL H 13 13.41 5.05 0.90
CA VAL H 13 14.65 5.51 0.26
C VAL H 13 15.14 4.40 -0.67
N GLN H 14 14.90 3.16 -0.26
CA GLN H 14 15.27 1.97 -1.05
C GLN H 14 14.59 1.97 -2.41
N GLN H 15 13.26 2.09 -2.40
CA GLN H 15 12.49 2.17 -3.64
C GLN H 15 13.09 3.22 -4.57
N LEU H 16 13.14 4.47 -4.10
CA LEU H 16 13.68 5.59 -4.87
C LEU H 16 14.96 5.23 -5.64
N VAL H 17 15.94 4.65 -4.95
CA VAL H 17 17.18 4.26 -5.61
C VAL H 17 16.99 3.02 -6.49
N SER H 18 16.25 2.03 -5.96
CA SER H 18 15.98 0.79 -6.71
C SER H 18 15.11 1.07 -7.94
N GLU H 19 14.31 2.14 -7.91
CA GLU H 19 13.54 2.58 -9.07
C GLU H 19 14.24 3.76 -9.76
N GLY H 20 15.56 3.83 -9.63
CA GLY H 20 16.37 4.80 -10.35
C GLY H 20 16.13 6.27 -10.04
N ALA H 21 15.23 6.54 -9.11
CA ALA H 21 14.96 7.93 -8.71
C ALA H 21 16.20 8.57 -8.12
N ASP H 22 16.58 9.71 -8.68
CA ASP H 22 17.67 10.49 -8.12
C ASP H 22 17.18 11.02 -6.79
N ILE H 23 17.68 10.40 -5.72
CA ILE H 23 17.27 10.74 -4.37
C ILE H 23 17.60 12.17 -3.99
N SER H 24 18.64 12.74 -4.58
CA SER H 24 19.00 14.12 -4.30
C SER H 24 17.76 15.00 -4.59
N HIS H 25 17.22 14.88 -5.79
CA HIS H 25 16.02 15.64 -6.17
C HIS H 25 14.82 15.30 -5.28
N THR H 26 14.62 14.02 -4.99
CA THR H 26 13.49 13.60 -4.15
C THR H 26 13.44 14.39 -2.85
N ARG H 27 14.60 14.60 -2.23
CA ARG H 27 14.71 15.42 -1.01
C ARG H 27 14.18 16.82 -1.24
N ASN H 28 14.61 17.45 -2.33
CA ASN H 28 14.20 18.80 -2.67
C ASN H 28 12.68 18.93 -2.68
N MET H 29 11.99 17.86 -3.07
CA MET H 29 10.54 17.86 -3.13
C MET H 29 9.93 17.65 -1.76
N LEU H 30 10.58 16.81 -0.95
CA LEU H 30 10.10 16.55 0.40
C LEU H 30 10.19 17.79 1.27
N ARG H 31 11.26 18.58 1.10
CA ARG H 31 11.40 19.85 1.78
C ARG H 31 10.28 20.76 1.28
N ASN H 32 10.24 20.95 -0.04
CA ASN H 32 9.20 21.76 -0.67
C ASN H 32 7.80 21.36 -0.19
N ALA H 33 7.61 20.08 0.09
CA ALA H 33 6.31 19.56 0.48
C ALA H 33 5.93 20.03 1.88
N MET H 34 6.81 19.78 2.84
CA MET H 34 6.57 20.09 4.25
C MET H 34 6.55 21.59 4.54
N ASN H 35 7.45 22.33 3.90
CA ASN H 35 7.45 23.79 4.00
C ASN H 35 6.11 24.33 3.52
N GLY H 36 5.54 23.62 2.54
CA GLY H 36 4.28 24.02 1.92
C GLY H 36 4.53 24.80 0.64
N ASP H 37 5.72 24.60 0.05
CA ASP H 37 6.10 25.24 -1.22
C ASP H 37 5.68 24.40 -2.41
N ALA H 38 5.54 25.05 -3.56
CA ALA H 38 5.10 24.38 -4.78
C ALA H 38 5.98 23.17 -5.11
N VAL H 39 5.39 21.98 -5.07
CA VAL H 39 6.12 20.75 -5.33
C VAL H 39 5.99 20.30 -6.77
N ALA H 40 6.99 19.56 -7.25
CA ALA H 40 7.00 19.07 -8.62
C ALA H 40 7.69 17.70 -8.66
N PHE H 41 6.95 16.66 -8.26
CA PHE H 41 7.51 15.31 -8.23
C PHE H 41 7.63 14.74 -9.63
N SER H 42 8.52 13.79 -9.79
CA SER H 42 8.61 13.05 -11.04
C SER H 42 7.60 11.91 -10.94
N ARG H 43 7.22 11.35 -12.08
CA ARG H 43 6.30 10.21 -12.13
C ARG H 43 6.72 9.12 -11.14
N VAL H 44 8.00 8.76 -11.20
CA VAL H 44 8.59 7.76 -10.31
C VAL H 44 8.26 8.12 -8.86
N GLU H 45 8.80 9.25 -8.42
CA GLU H 45 8.70 9.75 -7.05
C GLU H 45 7.26 9.91 -6.56
N GLN H 46 6.39 10.44 -7.42
CA GLN H 46 5.01 10.74 -7.02
C GLN H 46 4.26 9.47 -6.65
N ASN H 47 4.44 8.42 -7.43
CA ASN H 47 3.72 7.19 -7.18
C ASN H 47 4.30 6.43 -6.00
N ILE H 48 5.60 6.61 -5.74
CA ILE H 48 6.22 6.01 -4.56
C ILE H 48 5.63 6.63 -3.29
N PHE H 49 5.45 7.95 -3.28
CA PHE H 49 5.01 8.68 -2.09
C PHE H 49 3.54 8.47 -1.72
N ARG H 50 2.69 8.27 -2.73
CA ARG H 50 1.26 8.10 -2.47
C ARG H 50 0.96 6.74 -1.82
N GLN H 51 1.94 5.85 -1.86
CA GLN H 51 1.82 4.55 -1.19
C GLN H 51 1.95 4.73 0.33
N HIS H 52 2.85 5.62 0.73
CA HIS H 52 3.20 5.82 2.14
C HIS H 52 2.46 6.98 2.78
N PHE H 53 2.20 8.02 2.00
CA PHE H 53 1.34 9.11 2.45
C PHE H 53 0.05 9.07 1.62
N PRO H 54 -0.93 8.26 2.07
CA PRO H 54 -2.16 8.02 1.29
C PRO H 54 -2.93 9.30 0.98
N ASN H 55 -3.14 10.12 2.00
CA ASN H 55 -3.93 11.32 1.85
C ASN H 55 -3.14 12.47 1.26
N MET H 56 -1.97 12.17 0.71
CA MET H 56 -1.08 13.19 0.15
C MET H 56 -1.75 14.21 -0.78
N PRO H 57 -2.63 13.75 -1.70
CA PRO H 57 -3.25 14.70 -2.63
C PRO H 57 -3.88 15.87 -1.89
N MET H 58 -4.50 15.54 -0.75
CA MET H 58 -5.24 16.49 0.07
C MET H 58 -4.48 17.02 1.29
N HIS H 59 -4.04 16.10 2.14
CA HIS H 59 -3.40 16.43 3.41
C HIS H 59 -1.89 16.60 3.23
N GLY H 60 -1.25 15.56 2.70
CA GLY H 60 0.13 15.64 2.19
C GLY H 60 1.28 16.09 3.08
N ILE H 61 2.13 15.12 3.43
CA ILE H 61 3.40 15.34 4.16
C ILE H 61 3.44 16.53 5.13
N SER H 62 2.94 16.28 6.35
CA SER H 62 2.92 17.26 7.43
C SER H 62 4.33 17.56 7.93
N ARG H 63 4.47 18.64 8.71
CA ARG H 63 5.72 18.91 9.41
C ARG H 63 6.00 17.76 10.37
N ASP H 64 5.02 17.50 11.23
CA ASP H 64 5.19 16.58 12.33
C ASP H 64 4.94 15.13 11.96
N SER H 65 4.48 14.87 10.74
CA SER H 65 4.31 13.49 10.30
C SER H 65 5.62 12.76 10.57
N GLU H 66 5.62 11.92 11.59
CA GLU H 66 6.82 11.23 12.04
C GLU H 66 7.56 10.59 10.86
N LEU H 67 6.86 9.73 10.13
CA LEU H 67 7.42 9.03 8.99
C LEU H 67 8.10 10.00 8.04
N ALA H 68 7.44 11.13 7.79
CA ALA H 68 7.99 12.17 6.93
C ALA H 68 9.30 12.72 7.48
N ILE H 69 9.34 12.98 8.80
CA ILE H 69 10.52 13.52 9.43
C ILE H 69 11.69 12.54 9.26
N GLU H 70 11.43 11.28 9.59
CA GLU H 70 12.44 10.22 9.50
C GLU H 70 12.95 10.07 8.07
N LEU H 71 12.03 10.15 7.11
CA LEU H 71 12.34 10.03 5.69
C LEU H 71 13.26 11.15 5.19
N ARG H 72 13.08 12.35 5.75
CA ARG H 72 13.91 13.51 5.44
C ARG H 72 15.36 13.21 5.83
N GLY H 73 15.51 12.56 6.98
CA GLY H 73 16.81 12.14 7.48
C GLY H 73 17.35 10.97 6.68
N ALA H 74 16.51 9.96 6.49
CA ALA H 74 16.87 8.73 5.76
C ALA H 74 17.48 9.01 4.39
N LEU H 75 16.89 9.97 3.67
CA LEU H 75 17.42 10.42 2.39
C LEU H 75 18.73 11.21 2.60
N ARG H 76 18.66 12.27 3.41
CA ARG H 76 19.81 13.17 3.65
C ARG H 76 21.12 12.44 3.94
N ARG H 77 21.04 11.34 4.71
CA ARG H 77 22.22 10.52 5.00
C ARG H 77 22.65 9.77 3.74
N ALA H 78 21.69 9.09 3.10
CA ALA H 78 21.95 8.34 1.87
C ALA H 78 22.56 9.20 0.76
N VAL H 79 22.17 10.47 0.70
CA VAL H 79 22.73 11.45 -0.25
C VAL H 79 24.25 11.56 -0.07
N HIS H 80 24.70 11.46 1.17
CA HIS H 80 26.12 11.48 1.49
C HIS H 80 26.72 10.07 1.40
#